data_3KW9
# 
_entry.id   3KW9 
# 
_audit_conform.dict_name       mmcif_pdbx.dic 
_audit_conform.dict_version    5.398 
_audit_conform.dict_location   http://mmcif.pdb.org/dictionaries/ascii/mmcif_pdbx.dic 
# 
loop_
_database_2.database_id 
_database_2.database_code 
_database_2.pdbx_database_accession 
_database_2.pdbx_DOI 
PDB   3KW9         pdb_00003kw9 10.2210/pdb3kw9/pdb 
RCSB  RCSB056525   ?            ?                   
WWPDB D_1000056525 ?            ?                   
# 
loop_
_pdbx_audit_revision_history.ordinal 
_pdbx_audit_revision_history.data_content_type 
_pdbx_audit_revision_history.major_revision 
_pdbx_audit_revision_history.minor_revision 
_pdbx_audit_revision_history.revision_date 
1 'Structure model' 1 0 2010-03-02 
2 'Structure model' 1 1 2011-07-13 
3 'Structure model' 1 2 2013-06-19 
4 'Structure model' 1 3 2017-11-01 
5 'Structure model' 1 4 2024-11-06 
# 
_pdbx_audit_revision_details.ordinal             1 
_pdbx_audit_revision_details.revision_ordinal    1 
_pdbx_audit_revision_details.data_content_type   'Structure model' 
_pdbx_audit_revision_details.provider            repository 
_pdbx_audit_revision_details.type                'Initial release' 
_pdbx_audit_revision_details.description         ? 
_pdbx_audit_revision_details.details             ? 
# 
loop_
_pdbx_audit_revision_group.ordinal 
_pdbx_audit_revision_group.revision_ordinal 
_pdbx_audit_revision_group.data_content_type 
_pdbx_audit_revision_group.group 
1 2 'Structure model' 'Version format compliance' 
2 3 'Structure model' 'Database references'       
3 4 'Structure model' 'Refinement description'    
4 5 'Structure model' 'Data collection'           
5 5 'Structure model' 'Database references'       
6 5 'Structure model' 'Derived calculations'      
7 5 'Structure model' 'Structure summary'         
# 
loop_
_pdbx_audit_revision_category.ordinal 
_pdbx_audit_revision_category.revision_ordinal 
_pdbx_audit_revision_category.data_content_type 
_pdbx_audit_revision_category.category 
1 4 'Structure model' software                  
2 5 'Structure model' chem_comp_atom            
3 5 'Structure model' chem_comp_bond            
4 5 'Structure model' database_2                
5 5 'Structure model' pdbx_entry_details        
6 5 'Structure model' pdbx_modification_feature 
7 5 'Structure model' struct_conn               
8 5 'Structure model' struct_site               
# 
loop_
_pdbx_audit_revision_item.ordinal 
_pdbx_audit_revision_item.revision_ordinal 
_pdbx_audit_revision_item.data_content_type 
_pdbx_audit_revision_item.item 
1 5 'Structure model' '_database_2.pdbx_DOI'                
2 5 'Structure model' '_database_2.pdbx_database_accession' 
3 5 'Structure model' '_struct_conn.pdbx_leaving_atom_flag' 
4 5 'Structure model' '_struct_site.pdbx_auth_asym_id'      
5 5 'Structure model' '_struct_site.pdbx_auth_comp_id'      
6 5 'Structure model' '_struct_site.pdbx_auth_seq_id'       
# 
_pdbx_database_status.entry_id                        3KW9 
_pdbx_database_status.deposit_site                    RCSB 
_pdbx_database_status.process_site                    RCSB 
_pdbx_database_status.recvd_initial_deposition_date   2009-12-01 
_pdbx_database_status.status_code                     REL 
_pdbx_database_status.status_code_sf                  REL 
_pdbx_database_status.status_code_mr                  ? 
_pdbx_database_status.SG_entry                        ? 
_pdbx_database_status.status_code_cs                  ? 
_pdbx_database_status.pdb_format_compatible           Y 
_pdbx_database_status.methods_development_category    ? 
_pdbx_database_status.status_code_nmr_data            ? 
# 
_pdbx_database_related.db_name        PDB 
_pdbx_database_related.db_id          3KWB 
_pdbx_database_related.details        . 
_pdbx_database_related.content_type   unspecified 
# 
loop_
_audit_author.name 
_audit_author.pdbx_ordinal 
'Uitdehaag, J.C.M.' 1 
'van Zeeland, M.'   2 
# 
_citation.id                        primary 
_citation.title                     'Design and optimization of a series of novel 2-cyano-pyrimidines as cathepsin K inhibitors.' 
_citation.journal_abbrev            Bioorg.Med.Chem.Lett. 
_citation.journal_volume            20 
_citation.page_first                1524 
_citation.page_last                 1527 
_citation.year                      2010 
_citation.journal_id_ASTM           BMCLE8 
_citation.country                   UK 
_citation.journal_id_ISSN           0960-894X 
_citation.journal_id_CSD            1127 
_citation.book_publisher            ? 
_citation.pdbx_database_id_PubMed   20149657 
_citation.pdbx_database_id_DOI      10.1016/j.bmcl.2010.01.100 
# 
loop_
_citation_author.citation_id 
_citation_author.name 
_citation_author.ordinal 
_citation_author.identifier_ORCID 
primary 'Rankovic, Z.'    1  ? 
primary 'Cai, J.'         2  ? 
primary 'Kerr, J.'        3  ? 
primary 'Fradera, X.'     4  ? 
primary 'Robinson, J.'    5  ? 
primary 'Mistry, A.'      6  ? 
primary 'Hamilton, E.'    7  ? 
primary 'McGarry, G.'     8  ? 
primary 'Andrews, F.'     9  ? 
primary 'Caulfield, W.'   10 ? 
primary 'Cumming, I.'     11 ? 
primary 'Dempster, M.'    12 ? 
primary 'Waller, J.'      13 ? 
primary 'Scullion, P.'    14 ? 
primary 'Martin, I.'      15 ? 
primary 'Mitchell, A.'    16 ? 
primary 'Long, C.'        17 ? 
primary 'Baugh, M.'       18 ? 
primary 'Westwood, P.'    19 ? 
primary 'Kinghorn, E.'    20 ? 
primary 'Bruin, J.'       21 ? 
primary 'Hamilton, W.'    22 ? 
primary 'Uitdehaag, J.'   23 ? 
primary 'van Zeeland, M.' 24 ? 
primary 'Potin, D.'       25 ? 
primary 'Saniere, L.'     26 ? 
primary 'Fouquet, A.'     27 ? 
primary 'Chevallier, F.'  28 ? 
primary 'Deronzier, H.'   29 ? 
primary 'Dorleans, C.'    30 ? 
primary 'Nicolai, E.'     31 ? 
# 
loop_
_entity.id 
_entity.type 
_entity.src_method 
_entity.pdbx_description 
_entity.formula_weight 
_entity.pdbx_number_of_molecules 
_entity.pdbx_ec 
_entity.pdbx_mutation 
_entity.pdbx_fragment 
_entity.details 
1 polymer     man 'Cathepsin K'                                                        23523.480 1  3.4.22.38 ? 
'UNP residues 115 to 329' ? 
2 non-polymer syn '4-(cyclohexylamino)-6-piperazin-1-yl-1,3,5-triazine-2-carbonitrile' 287.363   1  ?         ? ? ? 
3 non-polymer syn 'trifluoroacetic acid'                                               114.023   1  ?         ? ? ? 
4 water       nat water                                                                18.015    94 ?         ? ? ? 
# 
_entity_name_com.entity_id   1 
_entity_name_com.name        'Cathepsin O, Cathepsin X, Cathepsin O2' 
# 
_entity_poly.entity_id                      1 
_entity_poly.type                           'polypeptide(L)' 
_entity_poly.nstd_linkage                   no 
_entity_poly.nstd_monomer                   no 
_entity_poly.pdbx_seq_one_letter_code       
;APDSVDYRKKGYVTPVKNQGQCGSCWAFSSVGALEGQLKKKTGKLLNLSPQNLVDCVSENDGCGGGYMTNAFQYVQKNRG
IDSEDAYPYVGQEESCMYNPTGKAAKCRGYREIPEGNEKALKRAVARVGPVSVAIDASLTSFQFYSKGVYYDESCNSDNL
NHAVLAVGYGIQKGNKHWIIKNSWGENWGNKGYILMARNKNNACGIANLASFPKM
;
_entity_poly.pdbx_seq_one_letter_code_can   
;APDSVDYRKKGYVTPVKNQGQCGSCWAFSSVGALEGQLKKKTGKLLNLSPQNLVDCVSENDGCGGGYMTNAFQYVQKNRG
IDSEDAYPYVGQEESCMYNPTGKAAKCRGYREIPEGNEKALKRAVARVGPVSVAIDASLTSFQFYSKGVYYDESCNSDNL
NHAVLAVGYGIQKGNKHWIIKNSWGENWGNKGYILMARNKNNACGIANLASFPKM
;
_entity_poly.pdbx_strand_id                 A 
_entity_poly.pdbx_target_identifier         ? 
# 
loop_
_pdbx_entity_nonpoly.entity_id 
_pdbx_entity_nonpoly.name 
_pdbx_entity_nonpoly.comp_id 
2 '4-(cyclohexylamino)-6-piperazin-1-yl-1,3,5-triazine-2-carbonitrile' ORG 
3 'trifluoroacetic acid'                                               TFA 
4 water                                                                HOH 
# 
loop_
_entity_poly_seq.entity_id 
_entity_poly_seq.num 
_entity_poly_seq.mon_id 
_entity_poly_seq.hetero 
1 1   ALA n 
1 2   PRO n 
1 3   ASP n 
1 4   SER n 
1 5   VAL n 
1 6   ASP n 
1 7   TYR n 
1 8   ARG n 
1 9   LYS n 
1 10  LYS n 
1 11  GLY n 
1 12  TYR n 
1 13  VAL n 
1 14  THR n 
1 15  PRO n 
1 16  VAL n 
1 17  LYS n 
1 18  ASN n 
1 19  GLN n 
1 20  GLY n 
1 21  GLN n 
1 22  CYS n 
1 23  GLY n 
1 24  SER n 
1 25  CYS n 
1 26  TRP n 
1 27  ALA n 
1 28  PHE n 
1 29  SER n 
1 30  SER n 
1 31  VAL n 
1 32  GLY n 
1 33  ALA n 
1 34  LEU n 
1 35  GLU n 
1 36  GLY n 
1 37  GLN n 
1 38  LEU n 
1 39  LYS n 
1 40  LYS n 
1 41  LYS n 
1 42  THR n 
1 43  GLY n 
1 44  LYS n 
1 45  LEU n 
1 46  LEU n 
1 47  ASN n 
1 48  LEU n 
1 49  SER n 
1 50  PRO n 
1 51  GLN n 
1 52  ASN n 
1 53  LEU n 
1 54  VAL n 
1 55  ASP n 
1 56  CYS n 
1 57  VAL n 
1 58  SER n 
1 59  GLU n 
1 60  ASN n 
1 61  ASP n 
1 62  GLY n 
1 63  CYS n 
1 64  GLY n 
1 65  GLY n 
1 66  GLY n 
1 67  TYR n 
1 68  MET n 
1 69  THR n 
1 70  ASN n 
1 71  ALA n 
1 72  PHE n 
1 73  GLN n 
1 74  TYR n 
1 75  VAL n 
1 76  GLN n 
1 77  LYS n 
1 78  ASN n 
1 79  ARG n 
1 80  GLY n 
1 81  ILE n 
1 82  ASP n 
1 83  SER n 
1 84  GLU n 
1 85  ASP n 
1 86  ALA n 
1 87  TYR n 
1 88  PRO n 
1 89  TYR n 
1 90  VAL n 
1 91  GLY n 
1 92  GLN n 
1 93  GLU n 
1 94  GLU n 
1 95  SER n 
1 96  CYS n 
1 97  MET n 
1 98  TYR n 
1 99  ASN n 
1 100 PRO n 
1 101 THR n 
1 102 GLY n 
1 103 LYS n 
1 104 ALA n 
1 105 ALA n 
1 106 LYS n 
1 107 CYS n 
1 108 ARG n 
1 109 GLY n 
1 110 TYR n 
1 111 ARG n 
1 112 GLU n 
1 113 ILE n 
1 114 PRO n 
1 115 GLU n 
1 116 GLY n 
1 117 ASN n 
1 118 GLU n 
1 119 LYS n 
1 120 ALA n 
1 121 LEU n 
1 122 LYS n 
1 123 ARG n 
1 124 ALA n 
1 125 VAL n 
1 126 ALA n 
1 127 ARG n 
1 128 VAL n 
1 129 GLY n 
1 130 PRO n 
1 131 VAL n 
1 132 SER n 
1 133 VAL n 
1 134 ALA n 
1 135 ILE n 
1 136 ASP n 
1 137 ALA n 
1 138 SER n 
1 139 LEU n 
1 140 THR n 
1 141 SER n 
1 142 PHE n 
1 143 GLN n 
1 144 PHE n 
1 145 TYR n 
1 146 SER n 
1 147 LYS n 
1 148 GLY n 
1 149 VAL n 
1 150 TYR n 
1 151 TYR n 
1 152 ASP n 
1 153 GLU n 
1 154 SER n 
1 155 CYS n 
1 156 ASN n 
1 157 SER n 
1 158 ASP n 
1 159 ASN n 
1 160 LEU n 
1 161 ASN n 
1 162 HIS n 
1 163 ALA n 
1 164 VAL n 
1 165 LEU n 
1 166 ALA n 
1 167 VAL n 
1 168 GLY n 
1 169 TYR n 
1 170 GLY n 
1 171 ILE n 
1 172 GLN n 
1 173 LYS n 
1 174 GLY n 
1 175 ASN n 
1 176 LYS n 
1 177 HIS n 
1 178 TRP n 
1 179 ILE n 
1 180 ILE n 
1 181 LYS n 
1 182 ASN n 
1 183 SER n 
1 184 TRP n 
1 185 GLY n 
1 186 GLU n 
1 187 ASN n 
1 188 TRP n 
1 189 GLY n 
1 190 ASN n 
1 191 LYS n 
1 192 GLY n 
1 193 TYR n 
1 194 ILE n 
1 195 LEU n 
1 196 MET n 
1 197 ALA n 
1 198 ARG n 
1 199 ASN n 
1 200 LYS n 
1 201 ASN n 
1 202 ASN n 
1 203 ALA n 
1 204 CYS n 
1 205 GLY n 
1 206 ILE n 
1 207 ALA n 
1 208 ASN n 
1 209 LEU n 
1 210 ALA n 
1 211 SER n 
1 212 PHE n 
1 213 PRO n 
1 214 LYS n 
1 215 MET n 
# 
_entity_src_gen.entity_id                          1 
_entity_src_gen.pdbx_src_id                        1 
_entity_src_gen.pdbx_alt_source_flag               sample 
_entity_src_gen.pdbx_seq_type                      ? 
_entity_src_gen.pdbx_beg_seq_num                   ? 
_entity_src_gen.pdbx_end_seq_num                   ? 
_entity_src_gen.gene_src_common_name               human 
_entity_src_gen.gene_src_genus                     ? 
_entity_src_gen.pdbx_gene_src_gene                 'CTSK, CTSO, CTSO2' 
_entity_src_gen.gene_src_species                   ? 
_entity_src_gen.gene_src_strain                    ? 
_entity_src_gen.gene_src_tissue                    ? 
_entity_src_gen.gene_src_tissue_fraction           ? 
_entity_src_gen.gene_src_details                   ? 
_entity_src_gen.pdbx_gene_src_fragment             ? 
_entity_src_gen.pdbx_gene_src_scientific_name      'Homo sapiens' 
_entity_src_gen.pdbx_gene_src_ncbi_taxonomy_id     9606 
_entity_src_gen.pdbx_gene_src_variant              ? 
_entity_src_gen.pdbx_gene_src_cell_line            ? 
_entity_src_gen.pdbx_gene_src_atcc                 ? 
_entity_src_gen.pdbx_gene_src_organ                ? 
_entity_src_gen.pdbx_gene_src_organelle            ? 
_entity_src_gen.pdbx_gene_src_cell                 ? 
_entity_src_gen.pdbx_gene_src_cellular_location    ? 
_entity_src_gen.host_org_common_name               'Chinese hamster' 
_entity_src_gen.pdbx_host_org_scientific_name      'Cricetulus griseus' 
_entity_src_gen.pdbx_host_org_ncbi_taxonomy_id     10029 
_entity_src_gen.host_org_genus                     ? 
_entity_src_gen.pdbx_host_org_gene                 ? 
_entity_src_gen.pdbx_host_org_organ                ovary 
_entity_src_gen.host_org_species                   ? 
_entity_src_gen.pdbx_host_org_tissue               ? 
_entity_src_gen.pdbx_host_org_tissue_fraction      ? 
_entity_src_gen.pdbx_host_org_strain               ? 
_entity_src_gen.pdbx_host_org_variant              ? 
_entity_src_gen.pdbx_host_org_cell_line            ? 
_entity_src_gen.pdbx_host_org_atcc                 ? 
_entity_src_gen.pdbx_host_org_culture_collection   ? 
_entity_src_gen.pdbx_host_org_cell                 ? 
_entity_src_gen.pdbx_host_org_organelle            ? 
_entity_src_gen.pdbx_host_org_cellular_location    ? 
_entity_src_gen.pdbx_host_org_vector_type          'stable clone' 
_entity_src_gen.pdbx_host_org_vector               ? 
_entity_src_gen.host_org_details                   ? 
_entity_src_gen.expression_system_id               ? 
_entity_src_gen.plasmid_name                       ? 
_entity_src_gen.plasmid_details                    ? 
_entity_src_gen.pdbx_description                   ? 
# 
loop_
_chem_comp.id 
_chem_comp.type 
_chem_comp.mon_nstd_flag 
_chem_comp.name 
_chem_comp.pdbx_synonyms 
_chem_comp.formula 
_chem_comp.formula_weight 
ALA 'L-peptide linking' y ALANINE                                                              ? 'C3 H7 N O2'     89.093  
ARG 'L-peptide linking' y ARGININE                                                             ? 'C6 H15 N4 O2 1' 175.209 
ASN 'L-peptide linking' y ASPARAGINE                                                           ? 'C4 H8 N2 O3'    132.118 
ASP 'L-peptide linking' y 'ASPARTIC ACID'                                                      ? 'C4 H7 N O4'     133.103 
CYS 'L-peptide linking' y CYSTEINE                                                             ? 'C3 H7 N O2 S'   121.158 
GLN 'L-peptide linking' y GLUTAMINE                                                            ? 'C5 H10 N2 O3'   146.144 
GLU 'L-peptide linking' y 'GLUTAMIC ACID'                                                      ? 'C5 H9 N O4'     147.129 
GLY 'peptide linking'   y GLYCINE                                                              ? 'C2 H5 N O2'     75.067  
HIS 'L-peptide linking' y HISTIDINE                                                            ? 'C6 H10 N3 O2 1' 156.162 
HOH non-polymer         . WATER                                                                ? 'H2 O'           18.015  
ILE 'L-peptide linking' y ISOLEUCINE                                                           ? 'C6 H13 N O2'    131.173 
LEU 'L-peptide linking' y LEUCINE                                                              ? 'C6 H13 N O2'    131.173 
LYS 'L-peptide linking' y LYSINE                                                               ? 'C6 H15 N2 O2 1' 147.195 
MET 'L-peptide linking' y METHIONINE                                                           ? 'C5 H11 N O2 S'  149.211 
ORG non-polymer         . '4-(cyclohexylamino)-6-piperazin-1-yl-1,3,5-triazine-2-carbonitrile' ? 'C14 H21 N7'     287.363 
PHE 'L-peptide linking' y PHENYLALANINE                                                        ? 'C9 H11 N O2'    165.189 
PRO 'L-peptide linking' y PROLINE                                                              ? 'C5 H9 N O2'     115.130 
SER 'L-peptide linking' y SERINE                                                               ? 'C3 H7 N O3'     105.093 
TFA non-polymer         . 'trifluoroacetic acid'                                               ? 'C2 H F3 O2'     114.023 
THR 'L-peptide linking' y THREONINE                                                            ? 'C4 H9 N O3'     119.119 
TRP 'L-peptide linking' y TRYPTOPHAN                                                           ? 'C11 H12 N2 O2'  204.225 
TYR 'L-peptide linking' y TYROSINE                                                             ? 'C9 H11 N O3'    181.189 
VAL 'L-peptide linking' y VALINE                                                               ? 'C5 H11 N O2'    117.146 
# 
loop_
_pdbx_poly_seq_scheme.asym_id 
_pdbx_poly_seq_scheme.entity_id 
_pdbx_poly_seq_scheme.seq_id 
_pdbx_poly_seq_scheme.mon_id 
_pdbx_poly_seq_scheme.ndb_seq_num 
_pdbx_poly_seq_scheme.pdb_seq_num 
_pdbx_poly_seq_scheme.auth_seq_num 
_pdbx_poly_seq_scheme.pdb_mon_id 
_pdbx_poly_seq_scheme.auth_mon_id 
_pdbx_poly_seq_scheme.pdb_strand_id 
_pdbx_poly_seq_scheme.pdb_ins_code 
_pdbx_poly_seq_scheme.hetero 
A 1 1   ALA 1   1   1   ALA ALA A . n 
A 1 2   PRO 2   2   2   PRO PRO A . n 
A 1 3   ASP 3   3   3   ASP ASP A . n 
A 1 4   SER 4   4   4   SER SER A . n 
A 1 5   VAL 5   5   5   VAL VAL A . n 
A 1 6   ASP 6   6   6   ASP ASP A . n 
A 1 7   TYR 7   7   7   TYR TYR A . n 
A 1 8   ARG 8   8   8   ARG ARG A . n 
A 1 9   LYS 9   9   9   LYS LYS A . n 
A 1 10  LYS 10  10  10  LYS LYS A . n 
A 1 11  GLY 11  11  11  GLY GLY A . n 
A 1 12  TYR 12  12  12  TYR TYR A . n 
A 1 13  VAL 13  13  13  VAL VAL A . n 
A 1 14  THR 14  14  14  THR THR A . n 
A 1 15  PRO 15  15  15  PRO PRO A . n 
A 1 16  VAL 16  16  16  VAL VAL A . n 
A 1 17  LYS 17  17  17  LYS LYS A . n 
A 1 18  ASN 18  18  18  ASN ASN A . n 
A 1 19  GLN 19  19  19  GLN GLN A . n 
A 1 20  GLY 20  20  20  GLY GLY A . n 
A 1 21  GLN 21  21  21  GLN GLN A . n 
A 1 22  CYS 22  22  22  CYS CYS A . n 
A 1 23  GLY 23  23  23  GLY GLY A . n 
A 1 24  SER 24  24  24  SER SER A . n 
A 1 25  CYS 25  25  25  CYS CYS A . n 
A 1 26  TRP 26  26  26  TRP TRP A . n 
A 1 27  ALA 27  27  27  ALA ALA A . n 
A 1 28  PHE 28  28  28  PHE PHE A . n 
A 1 29  SER 29  29  29  SER SER A . n 
A 1 30  SER 30  30  30  SER SER A . n 
A 1 31  VAL 31  31  31  VAL VAL A . n 
A 1 32  GLY 32  32  32  GLY GLY A . n 
A 1 33  ALA 33  33  33  ALA ALA A . n 
A 1 34  LEU 34  34  34  LEU LEU A . n 
A 1 35  GLU 35  35  35  GLU GLU A . n 
A 1 36  GLY 36  36  36  GLY GLY A . n 
A 1 37  GLN 37  37  37  GLN GLN A . n 
A 1 38  LEU 38  38  38  LEU LEU A . n 
A 1 39  LYS 39  39  39  LYS LYS A . n 
A 1 40  LYS 40  40  40  LYS LYS A . n 
A 1 41  LYS 41  41  41  LYS LYS A . n 
A 1 42  THR 42  42  42  THR THR A . n 
A 1 43  GLY 43  43  43  GLY GLY A . n 
A 1 44  LYS 44  44  44  LYS LYS A . n 
A 1 45  LEU 45  45  45  LEU LEU A . n 
A 1 46  LEU 46  46  46  LEU LEU A . n 
A 1 47  ASN 47  47  47  ASN ASN A . n 
A 1 48  LEU 48  48  48  LEU LEU A . n 
A 1 49  SER 49  49  49  SER SER A . n 
A 1 50  PRO 50  50  50  PRO PRO A . n 
A 1 51  GLN 51  51  51  GLN GLN A . n 
A 1 52  ASN 52  52  52  ASN ASN A . n 
A 1 53  LEU 53  53  53  LEU LEU A . n 
A 1 54  VAL 54  54  54  VAL VAL A . n 
A 1 55  ASP 55  55  55  ASP ASP A . n 
A 1 56  CYS 56  56  56  CYS CYS A . n 
A 1 57  VAL 57  57  57  VAL VAL A . n 
A 1 58  SER 58  58  58  SER SER A . n 
A 1 59  GLU 59  59  59  GLU GLU A . n 
A 1 60  ASN 60  60  60  ASN ASN A . n 
A 1 61  ASP 61  61  61  ASP ASP A . n 
A 1 62  GLY 62  62  62  GLY GLY A . n 
A 1 63  CYS 63  63  63  CYS CYS A . n 
A 1 64  GLY 64  64  64  GLY GLY A . n 
A 1 65  GLY 65  65  65  GLY GLY A . n 
A 1 66  GLY 66  66  66  GLY GLY A . n 
A 1 67  TYR 67  67  67  TYR TYR A . n 
A 1 68  MET 68  68  68  MET MET A . n 
A 1 69  THR 69  69  69  THR THR A . n 
A 1 70  ASN 70  70  70  ASN ASN A . n 
A 1 71  ALA 71  71  71  ALA ALA A . n 
A 1 72  PHE 72  72  72  PHE PHE A . n 
A 1 73  GLN 73  73  73  GLN GLN A . n 
A 1 74  TYR 74  74  74  TYR TYR A . n 
A 1 75  VAL 75  75  75  VAL VAL A . n 
A 1 76  GLN 76  76  76  GLN GLN A . n 
A 1 77  LYS 77  77  77  LYS LYS A . n 
A 1 78  ASN 78  78  78  ASN ASN A . n 
A 1 79  ARG 79  79  79  ARG ARG A . n 
A 1 80  GLY 80  80  80  GLY GLY A . n 
A 1 81  ILE 81  81  81  ILE ILE A . n 
A 1 82  ASP 82  82  82  ASP ASP A . n 
A 1 83  SER 83  83  83  SER SER A . n 
A 1 84  GLU 84  84  84  GLU GLU A . n 
A 1 85  ASP 85  85  85  ASP ASP A . n 
A 1 86  ALA 86  86  86  ALA ALA A . n 
A 1 87  TYR 87  87  87  TYR TYR A . n 
A 1 88  PRO 88  88  88  PRO PRO A . n 
A 1 89  TYR 89  89  89  TYR TYR A . n 
A 1 90  VAL 90  90  90  VAL VAL A . n 
A 1 91  GLY 91  91  91  GLY GLY A . n 
A 1 92  GLN 92  92  92  GLN GLN A . n 
A 1 93  GLU 93  93  93  GLU GLU A . n 
A 1 94  GLU 94  94  94  GLU GLU A . n 
A 1 95  SER 95  95  95  SER SER A . n 
A 1 96  CYS 96  96  96  CYS CYS A . n 
A 1 97  MET 97  97  97  MET MET A . n 
A 1 98  TYR 98  98  98  TYR TYR A . n 
A 1 99  ASN 99  99  99  ASN ASN A . n 
A 1 100 PRO 100 100 100 PRO PRO A . n 
A 1 101 THR 101 101 101 THR THR A . n 
A 1 102 GLY 102 102 102 GLY GLY A . n 
A 1 103 LYS 103 103 103 LYS LYS A . n 
A 1 104 ALA 104 104 104 ALA ALA A . n 
A 1 105 ALA 105 105 105 ALA ALA A . n 
A 1 106 LYS 106 106 106 LYS LYS A . n 
A 1 107 CYS 107 107 107 CYS CYS A . n 
A 1 108 ARG 108 108 108 ARG ARG A . n 
A 1 109 GLY 109 109 109 GLY GLY A . n 
A 1 110 TYR 110 110 110 TYR TYR A . n 
A 1 111 ARG 111 111 111 ARG ARG A . n 
A 1 112 GLU 112 112 112 GLU GLU A . n 
A 1 113 ILE 113 113 113 ILE ILE A . n 
A 1 114 PRO 114 114 114 PRO PRO A . n 
A 1 115 GLU 115 115 115 GLU GLU A . n 
A 1 116 GLY 116 116 116 GLY GLY A . n 
A 1 117 ASN 117 117 117 ASN ASN A . n 
A 1 118 GLU 118 118 118 GLU GLU A . n 
A 1 119 LYS 119 119 119 LYS LYS A . n 
A 1 120 ALA 120 120 120 ALA ALA A . n 
A 1 121 LEU 121 121 121 LEU LEU A . n 
A 1 122 LYS 122 122 122 LYS LYS A . n 
A 1 123 ARG 123 123 123 ARG ARG A . n 
A 1 124 ALA 124 124 124 ALA ALA A . n 
A 1 125 VAL 125 125 125 VAL VAL A . n 
A 1 126 ALA 126 126 126 ALA ALA A . n 
A 1 127 ARG 127 127 127 ARG ARG A . n 
A 1 128 VAL 128 128 128 VAL VAL A . n 
A 1 129 GLY 129 129 129 GLY GLY A . n 
A 1 130 PRO 130 130 130 PRO PRO A . n 
A 1 131 VAL 131 131 131 VAL VAL A . n 
A 1 132 SER 132 132 132 SER SER A . n 
A 1 133 VAL 133 133 133 VAL VAL A . n 
A 1 134 ALA 134 134 134 ALA ALA A . n 
A 1 135 ILE 135 135 135 ILE ILE A . n 
A 1 136 ASP 136 136 136 ASP ASP A . n 
A 1 137 ALA 137 137 137 ALA ALA A . n 
A 1 138 SER 138 138 138 SER SER A . n 
A 1 139 LEU 139 139 139 LEU LEU A . n 
A 1 140 THR 140 140 140 THR THR A . n 
A 1 141 SER 141 141 141 SER SER A . n 
A 1 142 PHE 142 142 142 PHE PHE A . n 
A 1 143 GLN 143 143 143 GLN GLN A . n 
A 1 144 PHE 144 144 144 PHE PHE A . n 
A 1 145 TYR 145 145 145 TYR TYR A . n 
A 1 146 SER 146 146 146 SER SER A . n 
A 1 147 LYS 147 147 147 LYS LYS A . n 
A 1 148 GLY 148 148 148 GLY GLY A . n 
A 1 149 VAL 149 149 149 VAL VAL A . n 
A 1 150 TYR 150 150 150 TYR TYR A . n 
A 1 151 TYR 151 151 151 TYR TYR A . n 
A 1 152 ASP 152 152 152 ASP ASP A . n 
A 1 153 GLU 153 153 153 GLU GLU A . n 
A 1 154 SER 154 154 154 SER SER A . n 
A 1 155 CYS 155 155 155 CYS CYS A . n 
A 1 156 ASN 156 156 156 ASN ASN A . n 
A 1 157 SER 157 157 157 SER SER A . n 
A 1 158 ASP 158 158 158 ASP ASP A . n 
A 1 159 ASN 159 159 159 ASN ASN A . n 
A 1 160 LEU 160 160 160 LEU LEU A . n 
A 1 161 ASN 161 161 161 ASN ASN A . n 
A 1 162 HIS 162 162 162 HIS HIS A . n 
A 1 163 ALA 163 163 163 ALA ALA A . n 
A 1 164 VAL 164 164 164 VAL VAL A . n 
A 1 165 LEU 165 165 165 LEU LEU A . n 
A 1 166 ALA 166 166 166 ALA ALA A . n 
A 1 167 VAL 167 167 167 VAL VAL A . n 
A 1 168 GLY 168 168 168 GLY GLY A . n 
A 1 169 TYR 169 169 169 TYR TYR A . n 
A 1 170 GLY 170 170 170 GLY GLY A . n 
A 1 171 ILE 171 171 171 ILE ILE A . n 
A 1 172 GLN 172 172 172 GLN GLN A . n 
A 1 173 LYS 173 173 173 LYS LYS A . n 
A 1 174 GLY 174 174 174 GLY GLY A . n 
A 1 175 ASN 175 175 175 ASN ASN A . n 
A 1 176 LYS 176 176 176 LYS LYS A . n 
A 1 177 HIS 177 177 177 HIS HIS A . n 
A 1 178 TRP 178 178 178 TRP TRP A . n 
A 1 179 ILE 179 179 179 ILE ILE A . n 
A 1 180 ILE 180 180 180 ILE ILE A . n 
A 1 181 LYS 181 181 181 LYS LYS A . n 
A 1 182 ASN 182 182 182 ASN ASN A . n 
A 1 183 SER 183 183 183 SER SER A . n 
A 1 184 TRP 184 184 184 TRP TRP A . n 
A 1 185 GLY 185 185 185 GLY GLY A . n 
A 1 186 GLU 186 186 186 GLU GLU A . n 
A 1 187 ASN 187 187 187 ASN ASN A . n 
A 1 188 TRP 188 188 188 TRP TRP A . n 
A 1 189 GLY 189 189 189 GLY GLY A . n 
A 1 190 ASN 190 190 190 ASN ASN A . n 
A 1 191 LYS 191 191 191 LYS LYS A . n 
A 1 192 GLY 192 192 192 GLY GLY A . n 
A 1 193 TYR 193 193 193 TYR TYR A . n 
A 1 194 ILE 194 194 194 ILE ILE A . n 
A 1 195 LEU 195 195 195 LEU LEU A . n 
A 1 196 MET 196 196 196 MET MET A . n 
A 1 197 ALA 197 197 197 ALA ALA A . n 
A 1 198 ARG 198 198 198 ARG ARG A . n 
A 1 199 ASN 199 199 199 ASN ASN A . n 
A 1 200 LYS 200 200 200 LYS LYS A . n 
A 1 201 ASN 201 201 201 ASN ASN A . n 
A 1 202 ASN 202 202 202 ASN ASN A . n 
A 1 203 ALA 203 203 203 ALA ALA A . n 
A 1 204 CYS 204 204 204 CYS CYS A . n 
A 1 205 GLY 205 205 205 GLY GLY A . n 
A 1 206 ILE 206 206 206 ILE ILE A . n 
A 1 207 ALA 207 207 207 ALA ALA A . n 
A 1 208 ASN 208 208 208 ASN ASN A . n 
A 1 209 LEU 209 209 209 LEU LEU A . n 
A 1 210 ALA 210 210 210 ALA ALA A . n 
A 1 211 SER 211 211 211 SER SER A . n 
A 1 212 PHE 212 212 212 PHE PHE A . n 
A 1 213 PRO 213 213 213 PRO PRO A . n 
A 1 214 LYS 214 214 214 LYS LYS A . n 
A 1 215 MET 215 215 215 MET MET A . n 
# 
loop_
_pdbx_nonpoly_scheme.asym_id 
_pdbx_nonpoly_scheme.entity_id 
_pdbx_nonpoly_scheme.mon_id 
_pdbx_nonpoly_scheme.ndb_seq_num 
_pdbx_nonpoly_scheme.pdb_seq_num 
_pdbx_nonpoly_scheme.auth_seq_num 
_pdbx_nonpoly_scheme.pdb_mon_id 
_pdbx_nonpoly_scheme.auth_mon_id 
_pdbx_nonpoly_scheme.pdb_strand_id 
_pdbx_nonpoly_scheme.pdb_ins_code 
B 2 ORG 1  216 216 ORG ORG A . 
C 3 TFA 1  217 217 TFA TFA A . 
D 4 HOH 1  218 1   HOH TIP A . 
D 4 HOH 2  219 2   HOH TIP A . 
D 4 HOH 3  220 3   HOH TIP A . 
D 4 HOH 4  221 4   HOH TIP A . 
D 4 HOH 5  222 5   HOH TIP A . 
D 4 HOH 6  223 6   HOH TIP A . 
D 4 HOH 7  224 7   HOH TIP A . 
D 4 HOH 8  225 8   HOH TIP A . 
D 4 HOH 9  226 9   HOH TIP A . 
D 4 HOH 10 227 10  HOH TIP A . 
D 4 HOH 11 228 11  HOH TIP A . 
D 4 HOH 12 229 12  HOH TIP A . 
D 4 HOH 13 230 13  HOH TIP A . 
D 4 HOH 14 231 14  HOH TIP A . 
D 4 HOH 15 232 15  HOH TIP A . 
D 4 HOH 16 233 16  HOH TIP A . 
D 4 HOH 17 234 17  HOH TIP A . 
D 4 HOH 18 235 18  HOH TIP A . 
D 4 HOH 19 236 19  HOH TIP A . 
D 4 HOH 20 237 20  HOH TIP A . 
D 4 HOH 21 238 21  HOH TIP A . 
D 4 HOH 22 239 22  HOH TIP A . 
D 4 HOH 23 240 23  HOH TIP A . 
D 4 HOH 24 241 24  HOH TIP A . 
D 4 HOH 25 242 25  HOH TIP A . 
D 4 HOH 26 243 26  HOH TIP A . 
D 4 HOH 27 244 27  HOH TIP A . 
D 4 HOH 28 245 28  HOH TIP A . 
D 4 HOH 29 246 29  HOH TIP A . 
D 4 HOH 30 247 30  HOH TIP A . 
D 4 HOH 31 248 31  HOH TIP A . 
D 4 HOH 32 249 32  HOH TIP A . 
D 4 HOH 33 250 33  HOH TIP A . 
D 4 HOH 34 251 34  HOH TIP A . 
D 4 HOH 35 252 35  HOH TIP A . 
D 4 HOH 36 253 36  HOH TIP A . 
D 4 HOH 37 254 37  HOH TIP A . 
D 4 HOH 38 255 38  HOH TIP A . 
D 4 HOH 39 256 39  HOH TIP A . 
D 4 HOH 40 257 40  HOH TIP A . 
D 4 HOH 41 258 41  HOH TIP A . 
D 4 HOH 42 259 42  HOH TIP A . 
D 4 HOH 43 260 43  HOH TIP A . 
D 4 HOH 44 261 44  HOH TIP A . 
D 4 HOH 45 262 45  HOH TIP A . 
D 4 HOH 46 263 46  HOH TIP A . 
D 4 HOH 47 264 47  HOH TIP A . 
D 4 HOH 48 265 48  HOH TIP A . 
D 4 HOH 49 266 49  HOH TIP A . 
D 4 HOH 50 267 50  HOH TIP A . 
D 4 HOH 51 268 51  HOH TIP A . 
D 4 HOH 52 269 52  HOH TIP A . 
D 4 HOH 53 270 53  HOH TIP A . 
D 4 HOH 54 271 54  HOH TIP A . 
D 4 HOH 55 272 55  HOH TIP A . 
D 4 HOH 56 273 56  HOH TIP A . 
D 4 HOH 57 274 57  HOH TIP A . 
D 4 HOH 58 275 58  HOH TIP A . 
D 4 HOH 59 276 59  HOH TIP A . 
D 4 HOH 60 277 60  HOH TIP A . 
D 4 HOH 61 278 61  HOH TIP A . 
D 4 HOH 62 279 62  HOH TIP A . 
D 4 HOH 63 280 63  HOH TIP A . 
D 4 HOH 64 281 64  HOH TIP A . 
D 4 HOH 65 282 65  HOH TIP A . 
D 4 HOH 66 283 66  HOH TIP A . 
D 4 HOH 67 284 67  HOH TIP A . 
D 4 HOH 68 285 68  HOH TIP A . 
D 4 HOH 69 286 69  HOH TIP A . 
D 4 HOH 70 287 70  HOH TIP A . 
D 4 HOH 71 288 71  HOH TIP A . 
D 4 HOH 72 289 72  HOH TIP A . 
D 4 HOH 73 290 73  HOH TIP A . 
D 4 HOH 74 291 74  HOH TIP A . 
D 4 HOH 75 292 75  HOH TIP A . 
D 4 HOH 76 293 76  HOH TIP A . 
D 4 HOH 77 294 77  HOH TIP A . 
D 4 HOH 78 295 78  HOH TIP A . 
D 4 HOH 79 296 79  HOH TIP A . 
D 4 HOH 80 297 80  HOH TIP A . 
D 4 HOH 81 298 81  HOH TIP A . 
D 4 HOH 82 299 82  HOH TIP A . 
D 4 HOH 83 300 83  HOH TIP A . 
D 4 HOH 84 301 84  HOH TIP A . 
D 4 HOH 85 302 85  HOH TIP A . 
D 4 HOH 86 303 86  HOH TIP A . 
D 4 HOH 87 304 87  HOH TIP A . 
D 4 HOH 88 305 88  HOH TIP A . 
D 4 HOH 89 306 89  HOH TIP A . 
D 4 HOH 90 307 90  HOH TIP A . 
D 4 HOH 91 308 91  HOH TIP A . 
D 4 HOH 92 309 92  HOH TIP A . 
D 4 HOH 93 310 93  HOH TIP A . 
D 4 HOH 94 311 94  HOH TIP A . 
# 
loop_
_software.pdbx_ordinal 
_software.name 
_software.version 
_software.date 
_software.type 
_software.contact_author 
_software.contact_author_email 
_software.classification 
_software.location 
_software.language 
_software.citation_id 
1 DENZO       .       ?               package 'Zbyszek Otwinowski' hkl@hkl-xray.com      'data reduction'  
http://www.hkl-xray.com/                  ?          ? 
2 SCALEPACK   .       ?               package 'Zbyszek Otwinowski' hkl@hkl-xray.com      'data scaling'    
http://www.hkl-xray.com/                  ?          ? 
3 CNS         .       ?               package 'Axel T. Brunger'    axel.brunger@yale.edu refinement        http://cns-online.org/ 
Fortran_77 ? 
4 PDB_EXTRACT 3.005   'June 11, 2008' package PDB                  help@deposit.rcsb.org 'data extraction' 
http://sw-tools.pdb.org/apps/PDB_EXTRACT/ C++        ? 
5 ADSC        Quantum ?               ?       ?                    ?                     'data collection' ? ?          ? 
6 CNS         .       ?               ?       ?                    ?                     phasing           ? ?          ? 
# 
_cell.length_a           55.391 
_cell.length_b           55.391 
_cell.length_c           128.719 
_cell.angle_alpha        90.000 
_cell.angle_beta         90.000 
_cell.angle_gamma        90.000 
_cell.entry_id           3KW9 
_cell.pdbx_unique_axis   ? 
_cell.Z_PDB              8 
_cell.length_a_esd       ? 
_cell.length_b_esd       ? 
_cell.length_c_esd       ? 
_cell.angle_alpha_esd    ? 
_cell.angle_beta_esd     ? 
_cell.angle_gamma_esd    ? 
# 
_symmetry.space_group_name_H-M             'P 43 21 2' 
_symmetry.entry_id                         3KW9 
_symmetry.Int_Tables_number                96 
_symmetry.pdbx_full_space_group_name_H-M   ? 
_symmetry.cell_setting                     ? 
_symmetry.space_group_name_Hall            ? 
# 
_exptl.crystals_number   1 
_exptl.entry_id          3KW9 
_exptl.method            'X-RAY DIFFRACTION' 
# 
_exptl_crystal.id                    1 
_exptl_crystal.density_Matthews      2.10 
_exptl_crystal.density_meas          ? 
_exptl_crystal.density_percent_sol   41.39 
_exptl_crystal.description           ? 
_exptl_crystal.F_000                 ? 
_exptl_crystal.preparation           ? 
# 
_exptl_crystal_grow.crystal_id      1 
_exptl_crystal_grow.method          'VAPOR DIFFUSION, HANGING DROP' 
_exptl_crystal_grow.pH              2.9 
_exptl_crystal_grow.temp            298.0 
_exptl_crystal_grow.temp_details    ? 
_exptl_crystal_grow.pdbx_details    
;30% PEG4000, 0.2M Ammoniumsulphate pH2.9    
cryoprotectant:   
crystallisation solution + 10% PEG4000   
, VAPOR DIFFUSION, HANGING DROP, temperature 298.0K
;
_exptl_crystal_grow.pdbx_pH_range   ? 
# 
_diffrn.id                     1 
_diffrn.ambient_temp           100 
_diffrn.ambient_temp_details   ? 
_diffrn.crystal_id             1 
# 
_diffrn_detector.diffrn_id              1 
_diffrn_detector.detector               CCD 
_diffrn_detector.type                   'MAR CCD 165 mm' 
_diffrn_detector.pdbx_collection_date   2003-06-01 
_diffrn_detector.details                mirrors 
# 
_diffrn_radiation.diffrn_id                        1 
_diffrn_radiation.wavelength_id                    1 
_diffrn_radiation.pdbx_diffrn_protocol             'SINGLE WAVELENGTH' 
_diffrn_radiation.monochromator                    unknown 
_diffrn_radiation.pdbx_monochromatic_or_laue_m_l   M 
_diffrn_radiation.pdbx_scattering_type             x-ray 
# 
_diffrn_radiation_wavelength.id           1 
_diffrn_radiation_wavelength.wavelength   0.931 
_diffrn_radiation_wavelength.wt           1.0 
# 
_diffrn_source.diffrn_id                   1 
_diffrn_source.source                      SYNCHROTRON 
_diffrn_source.type                        'ESRF BEAMLINE ID14-4' 
_diffrn_source.pdbx_wavelength             ? 
_diffrn_source.pdbx_wavelength_list        0.931 
_diffrn_source.pdbx_synchrotron_site       ESRF 
_diffrn_source.pdbx_synchrotron_beamline   ID14-4 
# 
_reflns.entry_id                     3KW9 
_reflns.d_resolution_high            1.800 
_reflns.d_resolution_low             100.000 
_reflns.number_obs                   35772 
_reflns.pdbx_Rmerge_I_obs            0.083 
_reflns.pdbx_netI_over_sigmaI        7.400 
_reflns.pdbx_chi_squared             1.123 
_reflns.percent_possible_obs         99.900 
_reflns.observed_criterion_sigma_F   0 
_reflns.observed_criterion_sigma_I   0 
_reflns.number_all                   35807 
_reflns.pdbx_Rsym_value              ? 
_reflns.B_iso_Wilson_estimate        ? 
_reflns.pdbx_redundancy              ? 
_reflns.R_free_details               ? 
_reflns.limit_h_max                  ? 
_reflns.limit_h_min                  ? 
_reflns.limit_k_max                  ? 
_reflns.limit_k_min                  ? 
_reflns.limit_l_max                  ? 
_reflns.limit_l_min                  ? 
_reflns.observed_criterion_F_max     ? 
_reflns.observed_criterion_F_min     ? 
_reflns.pdbx_scaling_rejects         ? 
_reflns.pdbx_ordinal                 1 
_reflns.pdbx_diffrn_id               1 
# 
_reflns_shell.d_res_high             1.80 
_reflns_shell.d_res_low              1.86 
_reflns_shell.number_measured_obs    ? 
_reflns_shell.number_measured_all    ? 
_reflns_shell.number_unique_obs      ? 
_reflns_shell.Rmerge_I_obs           0.983 
_reflns_shell.meanI_over_sigI_obs    2.6 
_reflns_shell.pdbx_Rsym_value        ? 
_reflns_shell.pdbx_chi_squared       1.076 
_reflns_shell.pdbx_redundancy        ? 
_reflns_shell.percent_possible_obs   ? 
_reflns_shell.number_unique_all      3566 
_reflns_shell.percent_possible_all   100.00 
_reflns_shell.pdbx_ordinal           1 
_reflns_shell.pdbx_diffrn_id         1 
# 
_refine.entry_id                                 3KW9 
_refine.ls_d_res_high                            1.800 
_refine.ls_d_res_low                             50.000 
_refine.pdbx_ls_sigma_F                          0 
_refine.pdbx_data_cutoff_high_absF               ? 
_refine.pdbx_data_cutoff_low_absF                ? 
_refine.ls_percent_reflns_obs                    99.7 
_refine.ls_number_reflns_obs                     19308 
_refine.ls_number_reflns_all                     19366 
_refine.pdbx_ls_cross_valid_method               ? 
_refine.pdbx_R_Free_selection_details            RANDOM 
_refine.details                                  ? 
_refine.ls_R_factor_all                          0.233 
_refine.ls_R_factor_obs                          0.233 
_refine.ls_R_factor_R_work                       0.230 
_refine.ls_wR_factor_R_work                      ? 
_refine.ls_R_factor_R_free                       0.259 
_refine.ls_wR_factor_R_free                      ? 
_refine.ls_percent_reflns_R_free                 ? 
_refine.ls_number_reflns_R_free                  1958 
_refine.ls_R_factor_R_free_error                 ? 
_refine.B_iso_mean                               25.485 
_refine.solvent_model_param_bsol                 ? 
_refine.solvent_model_param_ksol                 ? 
_refine.pdbx_isotropic_thermal_model             ? 
_refine.aniso_B[1][1]                            ? 
_refine.aniso_B[2][2]                            ? 
_refine.aniso_B[3][3]                            ? 
_refine.aniso_B[1][2]                            ? 
_refine.aniso_B[1][3]                            ? 
_refine.aniso_B[2][3]                            ? 
_refine.correlation_coeff_Fo_to_Fc               ? 
_refine.correlation_coeff_Fo_to_Fc_free          ? 
_refine.overall_SU_R_Cruickshank_DPI             ? 
_refine.overall_SU_R_free                        ? 
_refine.pdbx_overall_ESU_R                       ? 
_refine.pdbx_overall_ESU_R_Free                  ? 
_refine.overall_SU_ML                            ? 
_refine.overall_SU_B                             ? 
_refine.solvent_model_details                    ? 
_refine.pdbx_solvent_vdw_probe_radii             ? 
_refine.pdbx_solvent_ion_probe_radii             ? 
_refine.pdbx_solvent_shrinkage_radii             ? 
_refine.ls_number_parameters                     ? 
_refine.ls_number_restraints                     ? 
_refine.pdbx_starting_model                      ? 
_refine.pdbx_method_to_determine_struct          'MOLECULAR REPLACEMENT' 
_refine.pdbx_stereochemistry_target_values       'Engh & Huber' 
_refine.pdbx_stereochem_target_val_spec_case     ? 
_refine.overall_FOM_work_R_set                   0.816 
_refine.B_iso_max                                66.76 
_refine.B_iso_min                                14.29 
_refine.occupancy_max                            1.00 
_refine.occupancy_min                            1.00 
_refine.pdbx_ls_sigma_I                          0 
_refine.ls_redundancy_reflns_obs                 ? 
_refine.ls_R_factor_R_free_error_details         ? 
_refine.pdbx_data_cutoff_high_rms_absF           ? 
_refine.overall_FOM_free_R_set                   ? 
_refine.pdbx_overall_phase_error                 ? 
_refine.pdbx_refine_id                           'X-RAY DIFFRACTION' 
_refine.pdbx_diffrn_id                           1 
_refine.pdbx_TLS_residual_ADP_flag               ? 
_refine.pdbx_overall_SU_R_free_Cruickshank_DPI   ? 
_refine.pdbx_overall_SU_R_Blow_DPI               ? 
_refine.pdbx_overall_SU_R_free_Blow_DPI          ? 
# 
_refine_hist.pdbx_refine_id                   'X-RAY DIFFRACTION' 
_refine_hist.cycle_id                         LAST 
_refine_hist.pdbx_number_atoms_protein        1649 
_refine_hist.pdbx_number_atoms_nucleic_acid   0 
_refine_hist.pdbx_number_atoms_ligand         28 
_refine_hist.number_atoms_solvent             94 
_refine_hist.number_atoms_total               1771 
_refine_hist.d_res_high                       1.800 
_refine_hist.d_res_low                        50.000 
# 
loop_
_refine_ls_restr.type 
_refine_ls_restr.dev_ideal 
_refine_ls_restr.dev_ideal_target 
_refine_ls_restr.number 
_refine_ls_restr.weight 
_refine_ls_restr.pdbx_refine_id 
_refine_ls_restr.pdbx_restraint_function 
c_angle_d          1.237  ? ? ? 'X-RAY DIFFRACTION' ? 
c_bond_d           0.005  ? ? ? 'X-RAY DIFFRACTION' ? 
c_dihedral_angle_d 23.42  ? ? ? 'X-RAY DIFFRACTION' ? 
c_improper_angle_d 0.7309 ? ? ? 'X-RAY DIFFRACTION' ? 
# 
_struct.entry_id                  3KW9 
_struct.title                     'X-ray structure of Cathepsin K covalently bound to a triazine ligand' 
_struct.pdbx_model_details        ? 
_struct.pdbx_CASP_flag            ? 
_struct.pdbx_model_type_details   ? 
# 
_struct_keywords.entry_id        3KW9 
_struct_keywords.pdbx_keywords   HYDROLASE 
_struct_keywords.text            
'cysteine, thioimidate, Disulfide bond, cys protease, inhibitor, non-peptide, Hydrolase, Protease, Thiol protease, Zymogen' 
# 
loop_
_struct_asym.id 
_struct_asym.pdbx_blank_PDB_chainid_flag 
_struct_asym.pdbx_modified 
_struct_asym.entity_id 
_struct_asym.details 
A N N 1 ? 
B N N 2 ? 
C N N 3 ? 
D N N 4 ? 
# 
_struct_ref.id                         1 
_struct_ref.db_name                    UNP 
_struct_ref.db_code                    CATK_HUMAN 
_struct_ref.pdbx_db_accession          P43235 
_struct_ref.entity_id                  1 
_struct_ref.pdbx_seq_one_letter_code   
;APDSVDYRKKGYVTPVKNQGQCGSCWAFSSVGALEGQLKKKTGKLLNLSPQNLVDCVSENDGCGGGYMTNAFQYVQKNRG
IDSEDAYPYVGQEESCMYNPTGKAAKCRGYREIPEGNEKALKRAVARVGPVSVAIDASLTSFQFYSKGVYYDESCNSDNL
NHAVLAVGYGIQKGNKHWIIKNSWGENWGNKGYILMARNKNNACGIANLASFPKM
;
_struct_ref.pdbx_align_begin           115 
_struct_ref.pdbx_db_isoform            ? 
# 
_struct_ref_seq.align_id                      1 
_struct_ref_seq.ref_id                        1 
_struct_ref_seq.pdbx_PDB_id_code              3KW9 
_struct_ref_seq.pdbx_strand_id                A 
_struct_ref_seq.seq_align_beg                 1 
_struct_ref_seq.pdbx_seq_align_beg_ins_code   ? 
_struct_ref_seq.seq_align_end                 215 
_struct_ref_seq.pdbx_seq_align_end_ins_code   ? 
_struct_ref_seq.pdbx_db_accession             P43235 
_struct_ref_seq.db_align_beg                  115 
_struct_ref_seq.pdbx_db_align_beg_ins_code    ? 
_struct_ref_seq.db_align_end                  329 
_struct_ref_seq.pdbx_db_align_end_ins_code    ? 
_struct_ref_seq.pdbx_auth_seq_align_beg       1 
_struct_ref_seq.pdbx_auth_seq_align_end       215 
# 
_pdbx_struct_assembly.id                   1 
_pdbx_struct_assembly.details              author_and_software_defined_assembly 
_pdbx_struct_assembly.method_details       PISA 
_pdbx_struct_assembly.oligomeric_details   monomeric 
_pdbx_struct_assembly.oligomeric_count     1 
# 
_pdbx_struct_assembly_gen.assembly_id       1 
_pdbx_struct_assembly_gen.oper_expression   1 
_pdbx_struct_assembly_gen.asym_id_list      A,B,C,D 
# 
_pdbx_struct_oper_list.id                   1 
_pdbx_struct_oper_list.type                 'identity operation' 
_pdbx_struct_oper_list.name                 1_555 
_pdbx_struct_oper_list.symmetry_operation   x,y,z 
_pdbx_struct_oper_list.matrix[1][1]         1.0000000000 
_pdbx_struct_oper_list.matrix[1][2]         0.0000000000 
_pdbx_struct_oper_list.matrix[1][3]         0.0000000000 
_pdbx_struct_oper_list.vector[1]            0.0000000000 
_pdbx_struct_oper_list.matrix[2][1]         0.0000000000 
_pdbx_struct_oper_list.matrix[2][2]         1.0000000000 
_pdbx_struct_oper_list.matrix[2][3]         0.0000000000 
_pdbx_struct_oper_list.vector[2]            0.0000000000 
_pdbx_struct_oper_list.matrix[3][1]         0.0000000000 
_pdbx_struct_oper_list.matrix[3][2]         0.0000000000 
_pdbx_struct_oper_list.matrix[3][3]         1.0000000000 
_pdbx_struct_oper_list.vector[3]            0.0000000000 
# 
_struct_biol.id        1 
_struct_biol.details   ? 
# 
loop_
_struct_conf.conf_type_id 
_struct_conf.id 
_struct_conf.pdbx_PDB_helix_id 
_struct_conf.beg_label_comp_id 
_struct_conf.beg_label_asym_id 
_struct_conf.beg_label_seq_id 
_struct_conf.pdbx_beg_PDB_ins_code 
_struct_conf.end_label_comp_id 
_struct_conf.end_label_asym_id 
_struct_conf.end_label_seq_id 
_struct_conf.pdbx_end_PDB_ins_code 
_struct_conf.beg_auth_comp_id 
_struct_conf.beg_auth_asym_id 
_struct_conf.beg_auth_seq_id 
_struct_conf.end_auth_comp_id 
_struct_conf.end_auth_asym_id 
_struct_conf.end_auth_seq_id 
_struct_conf.pdbx_PDB_helix_class 
_struct_conf.details 
_struct_conf.pdbx_PDB_helix_length 
HELX_P HELX_P1 1 ARG A 8   ? GLY A 11  ? ARG A 8   GLY A 11  5 ? 4  
HELX_P HELX_P2 2 SER A 24  ? GLY A 43  ? SER A 24  GLY A 43  1 ? 20 
HELX_P HELX_P3 3 SER A 49  ? VAL A 57  ? SER A 49  VAL A 57  1 ? 9  
HELX_P HELX_P4 4 ASP A 61  ? GLY A 65  ? ASP A 61  GLY A 65  5 ? 5  
HELX_P HELX_P5 5 TYR A 67  ? ARG A 79  ? TYR A 67  ARG A 79  1 ? 13 
HELX_P HELX_P6 6 ASN A 99  ? THR A 101 ? ASN A 99  THR A 101 5 ? 3  
HELX_P HELX_P7 7 ASN A 117 ? VAL A 128 ? ASN A 117 VAL A 128 1 ? 12 
HELX_P HELX_P8 8 LEU A 139 ? PHE A 144 ? LEU A 139 PHE A 144 1 ? 6  
HELX_P HELX_P9 9 ASN A 202 ? ILE A 206 ? ASN A 202 ILE A 206 5 ? 5  
# 
_struct_conf_type.id          HELX_P 
_struct_conf_type.criteria    ? 
_struct_conf_type.reference   ? 
# 
loop_
_struct_conn.id 
_struct_conn.conn_type_id 
_struct_conn.pdbx_leaving_atom_flag 
_struct_conn.pdbx_PDB_id 
_struct_conn.ptnr1_label_asym_id 
_struct_conn.ptnr1_label_comp_id 
_struct_conn.ptnr1_label_seq_id 
_struct_conn.ptnr1_label_atom_id 
_struct_conn.pdbx_ptnr1_label_alt_id 
_struct_conn.pdbx_ptnr1_PDB_ins_code 
_struct_conn.pdbx_ptnr1_standard_comp_id 
_struct_conn.ptnr1_symmetry 
_struct_conn.ptnr2_label_asym_id 
_struct_conn.ptnr2_label_comp_id 
_struct_conn.ptnr2_label_seq_id 
_struct_conn.ptnr2_label_atom_id 
_struct_conn.pdbx_ptnr2_label_alt_id 
_struct_conn.pdbx_ptnr2_PDB_ins_code 
_struct_conn.ptnr1_auth_asym_id 
_struct_conn.ptnr1_auth_comp_id 
_struct_conn.ptnr1_auth_seq_id 
_struct_conn.ptnr2_auth_asym_id 
_struct_conn.ptnr2_auth_comp_id 
_struct_conn.ptnr2_auth_seq_id 
_struct_conn.ptnr2_symmetry 
_struct_conn.pdbx_ptnr3_label_atom_id 
_struct_conn.pdbx_ptnr3_label_seq_id 
_struct_conn.pdbx_ptnr3_label_comp_id 
_struct_conn.pdbx_ptnr3_label_asym_id 
_struct_conn.pdbx_ptnr3_label_alt_id 
_struct_conn.pdbx_ptnr3_PDB_ins_code 
_struct_conn.details 
_struct_conn.pdbx_dist_value 
_struct_conn.pdbx_value_order 
_struct_conn.pdbx_role 
disulf1 disulf ?    ? A CYS 22  SG ? ? ? 1_555 A CYS 63  SG ? ? A CYS 22  A CYS 63  1_555 ? ? ? ? ? ? ? 2.034 ? ? 
disulf2 disulf ?    ? A CYS 56  SG ? ? ? 1_555 A CYS 96  SG ? ? A CYS 56  A CYS 96  1_555 ? ? ? ? ? ? ? 2.036 ? ? 
disulf3 disulf ?    ? A CYS 155 SG ? ? ? 1_555 A CYS 204 SG ? ? A CYS 155 A CYS 204 1_555 ? ? ? ? ? ? ? 2.029 ? ? 
covale1 covale none ? A CYS 25  SG ? ? ? 1_555 B ORG .   C9 ? ? A CYS 25  A ORG 216 1_555 ? ? ? ? ? ? ? 1.841 ? ? 
# 
loop_
_struct_conn_type.id 
_struct_conn_type.criteria 
_struct_conn_type.reference 
disulf ? ? 
covale ? ? 
# 
loop_
_pdbx_modification_feature.ordinal 
_pdbx_modification_feature.label_comp_id 
_pdbx_modification_feature.label_asym_id 
_pdbx_modification_feature.label_seq_id 
_pdbx_modification_feature.label_alt_id 
_pdbx_modification_feature.modified_residue_label_comp_id 
_pdbx_modification_feature.modified_residue_label_asym_id 
_pdbx_modification_feature.modified_residue_label_seq_id 
_pdbx_modification_feature.modified_residue_label_alt_id 
_pdbx_modification_feature.auth_comp_id 
_pdbx_modification_feature.auth_asym_id 
_pdbx_modification_feature.auth_seq_id 
_pdbx_modification_feature.PDB_ins_code 
_pdbx_modification_feature.symmetry 
_pdbx_modification_feature.modified_residue_auth_comp_id 
_pdbx_modification_feature.modified_residue_auth_asym_id 
_pdbx_modification_feature.modified_residue_auth_seq_id 
_pdbx_modification_feature.modified_residue_PDB_ins_code 
_pdbx_modification_feature.modified_residue_symmetry 
_pdbx_modification_feature.comp_id_linking_atom 
_pdbx_modification_feature.modified_residue_id_linking_atom 
_pdbx_modification_feature.modified_residue_id 
_pdbx_modification_feature.ref_pcm_id 
_pdbx_modification_feature.ref_comp_id 
_pdbx_modification_feature.type 
_pdbx_modification_feature.category 
1 ORG B .   ? CYS A 25  ? ORG A 216 ? 1_555 CYS A 25  ? 1_555 C9 SG CYS 1 ORG None 'Covalent chemical modification' 
2 CYS A 22  ? CYS A 63  ? CYS A 22  ? 1_555 CYS A 63  ? 1_555 SG SG .   . .   None 'Disulfide bridge'               
3 CYS A 56  ? CYS A 96  ? CYS A 56  ? 1_555 CYS A 96  ? 1_555 SG SG .   . .   None 'Disulfide bridge'               
4 CYS A 155 ? CYS A 204 ? CYS A 155 ? 1_555 CYS A 204 ? 1_555 SG SG .   . .   None 'Disulfide bridge'               
# 
loop_
_struct_sheet.id 
_struct_sheet.type 
_struct_sheet.number_strands 
_struct_sheet.details 
A ? 3 ? 
B ? 5 ? 
C ? 2 ? 
D ? 2 ? 
# 
loop_
_struct_sheet_order.sheet_id 
_struct_sheet_order.range_id_1 
_struct_sheet_order.range_id_2 
_struct_sheet_order.offset 
_struct_sheet_order.sense 
A 1 2 ? anti-parallel 
A 2 3 ? anti-parallel 
B 1 2 ? anti-parallel 
B 2 3 ? anti-parallel 
B 3 4 ? anti-parallel 
B 4 5 ? parallel      
C 1 2 ? anti-parallel 
D 1 2 ? anti-parallel 
# 
loop_
_struct_sheet_range.sheet_id 
_struct_sheet_range.id 
_struct_sheet_range.beg_label_comp_id 
_struct_sheet_range.beg_label_asym_id 
_struct_sheet_range.beg_label_seq_id 
_struct_sheet_range.pdbx_beg_PDB_ins_code 
_struct_sheet_range.end_label_comp_id 
_struct_sheet_range.end_label_asym_id 
_struct_sheet_range.end_label_seq_id 
_struct_sheet_range.pdbx_end_PDB_ins_code 
_struct_sheet_range.beg_auth_comp_id 
_struct_sheet_range.beg_auth_asym_id 
_struct_sheet_range.beg_auth_seq_id 
_struct_sheet_range.end_auth_comp_id 
_struct_sheet_range.end_auth_asym_id 
_struct_sheet_range.end_auth_seq_id 
A 1 VAL A 5   ? ASP A 6   ? VAL A 5   ASP A 6   
A 2 HIS A 162 ? ILE A 171 ? HIS A 162 ILE A 171 
A 3 VAL A 131 ? ILE A 135 ? VAL A 131 ILE A 135 
B 1 VAL A 5   ? ASP A 6   ? VAL A 5   ASP A 6   
B 2 HIS A 162 ? ILE A 171 ? HIS A 162 ILE A 171 
B 3 LYS A 176 ? LYS A 181 ? LYS A 176 LYS A 181 
B 4 TYR A 193 ? ALA A 197 ? TYR A 193 ALA A 197 
B 5 VAL A 149 ? TYR A 150 ? VAL A 149 TYR A 150 
C 1 ILE A 81  ? ASP A 82  ? ILE A 81  ASP A 82  
C 2 LYS A 103 ? ALA A 105 ? LYS A 103 ALA A 105 
D 1 GLY A 109 ? GLU A 112 ? GLY A 109 GLU A 112 
D 2 SER A 211 ? LYS A 214 ? SER A 211 LYS A 214 
# 
loop_
_pdbx_struct_sheet_hbond.sheet_id 
_pdbx_struct_sheet_hbond.range_id_1 
_pdbx_struct_sheet_hbond.range_id_2 
_pdbx_struct_sheet_hbond.range_1_label_atom_id 
_pdbx_struct_sheet_hbond.range_1_label_comp_id 
_pdbx_struct_sheet_hbond.range_1_label_asym_id 
_pdbx_struct_sheet_hbond.range_1_label_seq_id 
_pdbx_struct_sheet_hbond.range_1_PDB_ins_code 
_pdbx_struct_sheet_hbond.range_1_auth_atom_id 
_pdbx_struct_sheet_hbond.range_1_auth_comp_id 
_pdbx_struct_sheet_hbond.range_1_auth_asym_id 
_pdbx_struct_sheet_hbond.range_1_auth_seq_id 
_pdbx_struct_sheet_hbond.range_2_label_atom_id 
_pdbx_struct_sheet_hbond.range_2_label_comp_id 
_pdbx_struct_sheet_hbond.range_2_label_asym_id 
_pdbx_struct_sheet_hbond.range_2_label_seq_id 
_pdbx_struct_sheet_hbond.range_2_PDB_ins_code 
_pdbx_struct_sheet_hbond.range_2_auth_atom_id 
_pdbx_struct_sheet_hbond.range_2_auth_comp_id 
_pdbx_struct_sheet_hbond.range_2_auth_asym_id 
_pdbx_struct_sheet_hbond.range_2_auth_seq_id 
A 1 2 N VAL A 5   ? N VAL A 5   O TYR A 169 ? O TYR A 169 
A 2 3 O VAL A 164 ? O VAL A 164 N VAL A 133 ? N VAL A 133 
B 1 2 N VAL A 5   ? N VAL A 5   O TYR A 169 ? O TYR A 169 
B 2 3 N LEU A 165 ? N LEU A 165 O LYS A 181 ? O LYS A 181 
B 3 4 N TRP A 178 ? N TRP A 178 O MET A 196 ? O MET A 196 
B 4 5 O LEU A 195 ? O LEU A 195 N TYR A 150 ? N TYR A 150 
C 1 2 N ILE A 81  ? N ILE A 81  O ALA A 104 ? O ALA A 104 
D 1 2 N GLY A 109 ? N GLY A 109 O LYS A 214 ? O LYS A 214 
# 
loop_
_struct_site.id 
_struct_site.pdbx_evidence_code 
_struct_site.pdbx_auth_asym_id 
_struct_site.pdbx_auth_comp_id 
_struct_site.pdbx_auth_seq_id 
_struct_site.pdbx_auth_ins_code 
_struct_site.pdbx_num_residues 
_struct_site.details 
AC1 Software A ORG 216 ? 14 'BINDING SITE FOR RESIDUE ORG A 216' 
AC2 Software A TFA 217 ? 6  'BINDING SITE FOR RESIDUE TFA A 217' 
# 
loop_
_struct_site_gen.id 
_struct_site_gen.site_id 
_struct_site_gen.pdbx_num_res 
_struct_site_gen.label_comp_id 
_struct_site_gen.label_asym_id 
_struct_site_gen.label_seq_id 
_struct_site_gen.pdbx_auth_ins_code 
_struct_site_gen.auth_comp_id 
_struct_site_gen.auth_asym_id 
_struct_site_gen.auth_seq_id 
_struct_site_gen.label_atom_id 
_struct_site_gen.label_alt_id 
_struct_site_gen.symmetry 
_struct_site_gen.details 
1  AC1 14 GLN A 19  ? GLN A 19  . ? 1_555 ? 
2  AC1 14 GLY A 23  ? GLY A 23  . ? 1_555 ? 
3  AC1 14 SER A 24  ? SER A 24  . ? 1_555 ? 
4  AC1 14 CYS A 25  ? CYS A 25  . ? 1_555 ? 
5  AC1 14 GLY A 64  ? GLY A 64  . ? 1_555 ? 
6  AC1 14 GLY A 65  ? GLY A 65  . ? 1_555 ? 
7  AC1 14 GLY A 66  ? GLY A 66  . ? 1_555 ? 
8  AC1 14 TYR A 67  ? TYR A 67  . ? 1_555 ? 
9  AC1 14 ALA A 134 ? ALA A 134 . ? 1_555 ? 
10 AC1 14 LEU A 160 ? LEU A 160 . ? 1_555 ? 
11 AC1 14 ASN A 161 ? ASN A 161 . ? 1_555 ? 
12 AC1 14 HIS A 162 ? HIS A 162 . ? 1_555 ? 
13 AC1 14 LEU A 209 ? LEU A 209 . ? 1_555 ? 
14 AC1 14 TFA C .   ? TFA A 217 . ? 1_555 ? 
15 AC2 6  GLN A 19  ? GLN A 19  . ? 1_555 ? 
16 AC2 6  ARG A 127 ? ARG A 127 . ? 4_565 ? 
17 AC2 6  HIS A 162 ? HIS A 162 . ? 1_555 ? 
18 AC2 6  TRP A 184 ? TRP A 184 . ? 1_555 ? 
19 AC2 6  ORG B .   ? ORG A 216 . ? 1_555 ? 
20 AC2 6  HOH D .   ? HOH A 287 . ? 1_555 ? 
# 
_pdbx_entry_details.entry_id                   3KW9 
_pdbx_entry_details.compound_details           ? 
_pdbx_entry_details.source_details             ? 
_pdbx_entry_details.nonpolymer_details         ? 
_pdbx_entry_details.sequence_details           ? 
_pdbx_entry_details.has_ligand_of_interest     ? 
_pdbx_entry_details.has_protein_modification   Y 
# 
loop_
_pdbx_validate_torsion.id 
_pdbx_validate_torsion.PDB_model_num 
_pdbx_validate_torsion.auth_comp_id 
_pdbx_validate_torsion.auth_asym_id 
_pdbx_validate_torsion.auth_seq_id 
_pdbx_validate_torsion.PDB_ins_code 
_pdbx_validate_torsion.label_alt_id 
_pdbx_validate_torsion.phi 
_pdbx_validate_torsion.psi 
1 1 PRO A 2   ? ? -87.57  -145.32 
2 1 GLN A 172 ? ? -90.77  -106.91 
3 1 LYS A 173 ? ? -104.31 69.87   
4 1 LYS A 200 ? ? -119.64 59.82   
5 1 LEU A 209 ? ? -144.13 55.78   
# 
_phasing.method   MR 
# 
loop_
_chem_comp_atom.comp_id 
_chem_comp_atom.atom_id 
_chem_comp_atom.type_symbol 
_chem_comp_atom.pdbx_aromatic_flag 
_chem_comp_atom.pdbx_stereo_config 
_chem_comp_atom.pdbx_ordinal 
ALA N    N N N 1   
ALA CA   C N S 2   
ALA C    C N N 3   
ALA O    O N N 4   
ALA CB   C N N 5   
ALA OXT  O N N 6   
ALA H    H N N 7   
ALA H2   H N N 8   
ALA HA   H N N 9   
ALA HB1  H N N 10  
ALA HB2  H N N 11  
ALA HB3  H N N 12  
ALA HXT  H N N 13  
ARG N    N N N 14  
ARG CA   C N S 15  
ARG C    C N N 16  
ARG O    O N N 17  
ARG CB   C N N 18  
ARG CG   C N N 19  
ARG CD   C N N 20  
ARG NE   N N N 21  
ARG CZ   C N N 22  
ARG NH1  N N N 23  
ARG NH2  N N N 24  
ARG OXT  O N N 25  
ARG H    H N N 26  
ARG H2   H N N 27  
ARG HA   H N N 28  
ARG HB2  H N N 29  
ARG HB3  H N N 30  
ARG HG2  H N N 31  
ARG HG3  H N N 32  
ARG HD2  H N N 33  
ARG HD3  H N N 34  
ARG HE   H N N 35  
ARG HH11 H N N 36  
ARG HH12 H N N 37  
ARG HH21 H N N 38  
ARG HH22 H N N 39  
ARG HXT  H N N 40  
ASN N    N N N 41  
ASN CA   C N S 42  
ASN C    C N N 43  
ASN O    O N N 44  
ASN CB   C N N 45  
ASN CG   C N N 46  
ASN OD1  O N N 47  
ASN ND2  N N N 48  
ASN OXT  O N N 49  
ASN H    H N N 50  
ASN H2   H N N 51  
ASN HA   H N N 52  
ASN HB2  H N N 53  
ASN HB3  H N N 54  
ASN HD21 H N N 55  
ASN HD22 H N N 56  
ASN HXT  H N N 57  
ASP N    N N N 58  
ASP CA   C N S 59  
ASP C    C N N 60  
ASP O    O N N 61  
ASP CB   C N N 62  
ASP CG   C N N 63  
ASP OD1  O N N 64  
ASP OD2  O N N 65  
ASP OXT  O N N 66  
ASP H    H N N 67  
ASP H2   H N N 68  
ASP HA   H N N 69  
ASP HB2  H N N 70  
ASP HB3  H N N 71  
ASP HD2  H N N 72  
ASP HXT  H N N 73  
CYS N    N N N 74  
CYS CA   C N R 75  
CYS C    C N N 76  
CYS O    O N N 77  
CYS CB   C N N 78  
CYS SG   S N N 79  
CYS OXT  O N N 80  
CYS H    H N N 81  
CYS H2   H N N 82  
CYS HA   H N N 83  
CYS HB2  H N N 84  
CYS HB3  H N N 85  
CYS HG   H N N 86  
CYS HXT  H N N 87  
GLN N    N N N 88  
GLN CA   C N S 89  
GLN C    C N N 90  
GLN O    O N N 91  
GLN CB   C N N 92  
GLN CG   C N N 93  
GLN CD   C N N 94  
GLN OE1  O N N 95  
GLN NE2  N N N 96  
GLN OXT  O N N 97  
GLN H    H N N 98  
GLN H2   H N N 99  
GLN HA   H N N 100 
GLN HB2  H N N 101 
GLN HB3  H N N 102 
GLN HG2  H N N 103 
GLN HG3  H N N 104 
GLN HE21 H N N 105 
GLN HE22 H N N 106 
GLN HXT  H N N 107 
GLU N    N N N 108 
GLU CA   C N S 109 
GLU C    C N N 110 
GLU O    O N N 111 
GLU CB   C N N 112 
GLU CG   C N N 113 
GLU CD   C N N 114 
GLU OE1  O N N 115 
GLU OE2  O N N 116 
GLU OXT  O N N 117 
GLU H    H N N 118 
GLU H2   H N N 119 
GLU HA   H N N 120 
GLU HB2  H N N 121 
GLU HB3  H N N 122 
GLU HG2  H N N 123 
GLU HG3  H N N 124 
GLU HE2  H N N 125 
GLU HXT  H N N 126 
GLY N    N N N 127 
GLY CA   C N N 128 
GLY C    C N N 129 
GLY O    O N N 130 
GLY OXT  O N N 131 
GLY H    H N N 132 
GLY H2   H N N 133 
GLY HA2  H N N 134 
GLY HA3  H N N 135 
GLY HXT  H N N 136 
HIS N    N N N 137 
HIS CA   C N S 138 
HIS C    C N N 139 
HIS O    O N N 140 
HIS CB   C N N 141 
HIS CG   C Y N 142 
HIS ND1  N Y N 143 
HIS CD2  C Y N 144 
HIS CE1  C Y N 145 
HIS NE2  N Y N 146 
HIS OXT  O N N 147 
HIS H    H N N 148 
HIS H2   H N N 149 
HIS HA   H N N 150 
HIS HB2  H N N 151 
HIS HB3  H N N 152 
HIS HD1  H N N 153 
HIS HD2  H N N 154 
HIS HE1  H N N 155 
HIS HE2  H N N 156 
HIS HXT  H N N 157 
HOH O    O N N 158 
HOH H1   H N N 159 
HOH H2   H N N 160 
ILE N    N N N 161 
ILE CA   C N S 162 
ILE C    C N N 163 
ILE O    O N N 164 
ILE CB   C N S 165 
ILE CG1  C N N 166 
ILE CG2  C N N 167 
ILE CD1  C N N 168 
ILE OXT  O N N 169 
ILE H    H N N 170 
ILE H2   H N N 171 
ILE HA   H N N 172 
ILE HB   H N N 173 
ILE HG12 H N N 174 
ILE HG13 H N N 175 
ILE HG21 H N N 176 
ILE HG22 H N N 177 
ILE HG23 H N N 178 
ILE HD11 H N N 179 
ILE HD12 H N N 180 
ILE HD13 H N N 181 
ILE HXT  H N N 182 
LEU N    N N N 183 
LEU CA   C N S 184 
LEU C    C N N 185 
LEU O    O N N 186 
LEU CB   C N N 187 
LEU CG   C N N 188 
LEU CD1  C N N 189 
LEU CD2  C N N 190 
LEU OXT  O N N 191 
LEU H    H N N 192 
LEU H2   H N N 193 
LEU HA   H N N 194 
LEU HB2  H N N 195 
LEU HB3  H N N 196 
LEU HG   H N N 197 
LEU HD11 H N N 198 
LEU HD12 H N N 199 
LEU HD13 H N N 200 
LEU HD21 H N N 201 
LEU HD22 H N N 202 
LEU HD23 H N N 203 
LEU HXT  H N N 204 
LYS N    N N N 205 
LYS CA   C N S 206 
LYS C    C N N 207 
LYS O    O N N 208 
LYS CB   C N N 209 
LYS CG   C N N 210 
LYS CD   C N N 211 
LYS CE   C N N 212 
LYS NZ   N N N 213 
LYS OXT  O N N 214 
LYS H    H N N 215 
LYS H2   H N N 216 
LYS HA   H N N 217 
LYS HB2  H N N 218 
LYS HB3  H N N 219 
LYS HG2  H N N 220 
LYS HG3  H N N 221 
LYS HD2  H N N 222 
LYS HD3  H N N 223 
LYS HE2  H N N 224 
LYS HE3  H N N 225 
LYS HZ1  H N N 226 
LYS HZ2  H N N 227 
LYS HZ3  H N N 228 
LYS HXT  H N N 229 
MET N    N N N 230 
MET CA   C N S 231 
MET C    C N N 232 
MET O    O N N 233 
MET CB   C N N 234 
MET CG   C N N 235 
MET SD   S N N 236 
MET CE   C N N 237 
MET OXT  O N N 238 
MET H    H N N 239 
MET H2   H N N 240 
MET HA   H N N 241 
MET HB2  H N N 242 
MET HB3  H N N 243 
MET HG2  H N N 244 
MET HG3  H N N 245 
MET HE1  H N N 246 
MET HE2  H N N 247 
MET HE3  H N N 248 
MET HXT  H N N 249 
ORG N1   N Y N 250 
ORG C2   C Y N 251 
ORG N3   N Y N 252 
ORG C4   C Y N 253 
ORG N5   N Y N 254 
ORG C6   C Y N 255 
ORG N7   N N N 256 
ORG N8   N N N 257 
ORG C9   C N N 258 
ORG C10  C N N 259 
ORG C11  C N N 260 
ORG N12  N N N 261 
ORG C13  C N N 262 
ORG C14  C N N 263 
ORG N15  N N N 264 
ORG C16  C N N 265 
ORG C17  C N N 266 
ORG C18  C N N 267 
ORG C19  C N N 268 
ORG C20  C N N 269 
ORG C21  C N N 270 
ORG HN7  H N N 271 
ORG H10  H N N 272 
ORG H10A H N N 273 
ORG H11  H N N 274 
ORG H11A H N N 275 
ORG HN12 H N N 276 
ORG H13  H N N 277 
ORG H13A H N N 278 
ORG H14  H N N 279 
ORG H14A H N N 280 
ORG H16  H N N 281 
ORG H17  H N N 282 
ORG H17A H N N 283 
ORG H18  H N N 284 
ORG H18A H N N 285 
ORG H19  H N N 286 
ORG H19A H N N 287 
ORG H20  H N N 288 
ORG H20A H N N 289 
ORG H21  H N N 290 
ORG H21A H N N 291 
PHE N    N N N 292 
PHE CA   C N S 293 
PHE C    C N N 294 
PHE O    O N N 295 
PHE CB   C N N 296 
PHE CG   C Y N 297 
PHE CD1  C Y N 298 
PHE CD2  C Y N 299 
PHE CE1  C Y N 300 
PHE CE2  C Y N 301 
PHE CZ   C Y N 302 
PHE OXT  O N N 303 
PHE H    H N N 304 
PHE H2   H N N 305 
PHE HA   H N N 306 
PHE HB2  H N N 307 
PHE HB3  H N N 308 
PHE HD1  H N N 309 
PHE HD2  H N N 310 
PHE HE1  H N N 311 
PHE HE2  H N N 312 
PHE HZ   H N N 313 
PHE HXT  H N N 314 
PRO N    N N N 315 
PRO CA   C N S 316 
PRO C    C N N 317 
PRO O    O N N 318 
PRO CB   C N N 319 
PRO CG   C N N 320 
PRO CD   C N N 321 
PRO OXT  O N N 322 
PRO H    H N N 323 
PRO HA   H N N 324 
PRO HB2  H N N 325 
PRO HB3  H N N 326 
PRO HG2  H N N 327 
PRO HG3  H N N 328 
PRO HD2  H N N 329 
PRO HD3  H N N 330 
PRO HXT  H N N 331 
SER N    N N N 332 
SER CA   C N S 333 
SER C    C N N 334 
SER O    O N N 335 
SER CB   C N N 336 
SER OG   O N N 337 
SER OXT  O N N 338 
SER H    H N N 339 
SER H2   H N N 340 
SER HA   H N N 341 
SER HB2  H N N 342 
SER HB3  H N N 343 
SER HG   H N N 344 
SER HXT  H N N 345 
TFA C1   C N N 346 
TFA C2   C N N 347 
TFA O    O N N 348 
TFA F1   F N N 349 
TFA F2   F N N 350 
TFA F3   F N N 351 
TFA OXT  O N N 352 
TFA HXT  H N N 353 
THR N    N N N 354 
THR CA   C N S 355 
THR C    C N N 356 
THR O    O N N 357 
THR CB   C N R 358 
THR OG1  O N N 359 
THR CG2  C N N 360 
THR OXT  O N N 361 
THR H    H N N 362 
THR H2   H N N 363 
THR HA   H N N 364 
THR HB   H N N 365 
THR HG1  H N N 366 
THR HG21 H N N 367 
THR HG22 H N N 368 
THR HG23 H N N 369 
THR HXT  H N N 370 
TRP N    N N N 371 
TRP CA   C N S 372 
TRP C    C N N 373 
TRP O    O N N 374 
TRP CB   C N N 375 
TRP CG   C Y N 376 
TRP CD1  C Y N 377 
TRP CD2  C Y N 378 
TRP NE1  N Y N 379 
TRP CE2  C Y N 380 
TRP CE3  C Y N 381 
TRP CZ2  C Y N 382 
TRP CZ3  C Y N 383 
TRP CH2  C Y N 384 
TRP OXT  O N N 385 
TRP H    H N N 386 
TRP H2   H N N 387 
TRP HA   H N N 388 
TRP HB2  H N N 389 
TRP HB3  H N N 390 
TRP HD1  H N N 391 
TRP HE1  H N N 392 
TRP HE3  H N N 393 
TRP HZ2  H N N 394 
TRP HZ3  H N N 395 
TRP HH2  H N N 396 
TRP HXT  H N N 397 
TYR N    N N N 398 
TYR CA   C N S 399 
TYR C    C N N 400 
TYR O    O N N 401 
TYR CB   C N N 402 
TYR CG   C Y N 403 
TYR CD1  C Y N 404 
TYR CD2  C Y N 405 
TYR CE1  C Y N 406 
TYR CE2  C Y N 407 
TYR CZ   C Y N 408 
TYR OH   O N N 409 
TYR OXT  O N N 410 
TYR H    H N N 411 
TYR H2   H N N 412 
TYR HA   H N N 413 
TYR HB2  H N N 414 
TYR HB3  H N N 415 
TYR HD1  H N N 416 
TYR HD2  H N N 417 
TYR HE1  H N N 418 
TYR HE2  H N N 419 
TYR HH   H N N 420 
TYR HXT  H N N 421 
VAL N    N N N 422 
VAL CA   C N S 423 
VAL C    C N N 424 
VAL O    O N N 425 
VAL CB   C N N 426 
VAL CG1  C N N 427 
VAL CG2  C N N 428 
VAL OXT  O N N 429 
VAL H    H N N 430 
VAL H2   H N N 431 
VAL HA   H N N 432 
VAL HB   H N N 433 
VAL HG11 H N N 434 
VAL HG12 H N N 435 
VAL HG13 H N N 436 
VAL HG21 H N N 437 
VAL HG22 H N N 438 
VAL HG23 H N N 439 
VAL HXT  H N N 440 
# 
loop_
_chem_comp_bond.comp_id 
_chem_comp_bond.atom_id_1 
_chem_comp_bond.atom_id_2 
_chem_comp_bond.value_order 
_chem_comp_bond.pdbx_aromatic_flag 
_chem_comp_bond.pdbx_stereo_config 
_chem_comp_bond.pdbx_ordinal 
ALA N   CA   sing N N 1   
ALA N   H    sing N N 2   
ALA N   H2   sing N N 3   
ALA CA  C    sing N N 4   
ALA CA  CB   sing N N 5   
ALA CA  HA   sing N N 6   
ALA C   O    doub N N 7   
ALA C   OXT  sing N N 8   
ALA CB  HB1  sing N N 9   
ALA CB  HB2  sing N N 10  
ALA CB  HB3  sing N N 11  
ALA OXT HXT  sing N N 12  
ARG N   CA   sing N N 13  
ARG N   H    sing N N 14  
ARG N   H2   sing N N 15  
ARG CA  C    sing N N 16  
ARG CA  CB   sing N N 17  
ARG CA  HA   sing N N 18  
ARG C   O    doub N N 19  
ARG C   OXT  sing N N 20  
ARG CB  CG   sing N N 21  
ARG CB  HB2  sing N N 22  
ARG CB  HB3  sing N N 23  
ARG CG  CD   sing N N 24  
ARG CG  HG2  sing N N 25  
ARG CG  HG3  sing N N 26  
ARG CD  NE   sing N N 27  
ARG CD  HD2  sing N N 28  
ARG CD  HD3  sing N N 29  
ARG NE  CZ   sing N N 30  
ARG NE  HE   sing N N 31  
ARG CZ  NH1  sing N N 32  
ARG CZ  NH2  doub N N 33  
ARG NH1 HH11 sing N N 34  
ARG NH1 HH12 sing N N 35  
ARG NH2 HH21 sing N N 36  
ARG NH2 HH22 sing N N 37  
ARG OXT HXT  sing N N 38  
ASN N   CA   sing N N 39  
ASN N   H    sing N N 40  
ASN N   H2   sing N N 41  
ASN CA  C    sing N N 42  
ASN CA  CB   sing N N 43  
ASN CA  HA   sing N N 44  
ASN C   O    doub N N 45  
ASN C   OXT  sing N N 46  
ASN CB  CG   sing N N 47  
ASN CB  HB2  sing N N 48  
ASN CB  HB3  sing N N 49  
ASN CG  OD1  doub N N 50  
ASN CG  ND2  sing N N 51  
ASN ND2 HD21 sing N N 52  
ASN ND2 HD22 sing N N 53  
ASN OXT HXT  sing N N 54  
ASP N   CA   sing N N 55  
ASP N   H    sing N N 56  
ASP N   H2   sing N N 57  
ASP CA  C    sing N N 58  
ASP CA  CB   sing N N 59  
ASP CA  HA   sing N N 60  
ASP C   O    doub N N 61  
ASP C   OXT  sing N N 62  
ASP CB  CG   sing N N 63  
ASP CB  HB2  sing N N 64  
ASP CB  HB3  sing N N 65  
ASP CG  OD1  doub N N 66  
ASP CG  OD2  sing N N 67  
ASP OD2 HD2  sing N N 68  
ASP OXT HXT  sing N N 69  
CYS N   CA   sing N N 70  
CYS N   H    sing N N 71  
CYS N   H2   sing N N 72  
CYS CA  C    sing N N 73  
CYS CA  CB   sing N N 74  
CYS CA  HA   sing N N 75  
CYS C   O    doub N N 76  
CYS C   OXT  sing N N 77  
CYS CB  SG   sing N N 78  
CYS CB  HB2  sing N N 79  
CYS CB  HB3  sing N N 80  
CYS SG  HG   sing N N 81  
CYS OXT HXT  sing N N 82  
GLN N   CA   sing N N 83  
GLN N   H    sing N N 84  
GLN N   H2   sing N N 85  
GLN CA  C    sing N N 86  
GLN CA  CB   sing N N 87  
GLN CA  HA   sing N N 88  
GLN C   O    doub N N 89  
GLN C   OXT  sing N N 90  
GLN CB  CG   sing N N 91  
GLN CB  HB2  sing N N 92  
GLN CB  HB3  sing N N 93  
GLN CG  CD   sing N N 94  
GLN CG  HG2  sing N N 95  
GLN CG  HG3  sing N N 96  
GLN CD  OE1  doub N N 97  
GLN CD  NE2  sing N N 98  
GLN NE2 HE21 sing N N 99  
GLN NE2 HE22 sing N N 100 
GLN OXT HXT  sing N N 101 
GLU N   CA   sing N N 102 
GLU N   H    sing N N 103 
GLU N   H2   sing N N 104 
GLU CA  C    sing N N 105 
GLU CA  CB   sing N N 106 
GLU CA  HA   sing N N 107 
GLU C   O    doub N N 108 
GLU C   OXT  sing N N 109 
GLU CB  CG   sing N N 110 
GLU CB  HB2  sing N N 111 
GLU CB  HB3  sing N N 112 
GLU CG  CD   sing N N 113 
GLU CG  HG2  sing N N 114 
GLU CG  HG3  sing N N 115 
GLU CD  OE1  doub N N 116 
GLU CD  OE2  sing N N 117 
GLU OE2 HE2  sing N N 118 
GLU OXT HXT  sing N N 119 
GLY N   CA   sing N N 120 
GLY N   H    sing N N 121 
GLY N   H2   sing N N 122 
GLY CA  C    sing N N 123 
GLY CA  HA2  sing N N 124 
GLY CA  HA3  sing N N 125 
GLY C   O    doub N N 126 
GLY C   OXT  sing N N 127 
GLY OXT HXT  sing N N 128 
HIS N   CA   sing N N 129 
HIS N   H    sing N N 130 
HIS N   H2   sing N N 131 
HIS CA  C    sing N N 132 
HIS CA  CB   sing N N 133 
HIS CA  HA   sing N N 134 
HIS C   O    doub N N 135 
HIS C   OXT  sing N N 136 
HIS CB  CG   sing N N 137 
HIS CB  HB2  sing N N 138 
HIS CB  HB3  sing N N 139 
HIS CG  ND1  sing Y N 140 
HIS CG  CD2  doub Y N 141 
HIS ND1 CE1  doub Y N 142 
HIS ND1 HD1  sing N N 143 
HIS CD2 NE2  sing Y N 144 
HIS CD2 HD2  sing N N 145 
HIS CE1 NE2  sing Y N 146 
HIS CE1 HE1  sing N N 147 
HIS NE2 HE2  sing N N 148 
HIS OXT HXT  sing N N 149 
HOH O   H1   sing N N 150 
HOH O   H2   sing N N 151 
ILE N   CA   sing N N 152 
ILE N   H    sing N N 153 
ILE N   H2   sing N N 154 
ILE CA  C    sing N N 155 
ILE CA  CB   sing N N 156 
ILE CA  HA   sing N N 157 
ILE C   O    doub N N 158 
ILE C   OXT  sing N N 159 
ILE CB  CG1  sing N N 160 
ILE CB  CG2  sing N N 161 
ILE CB  HB   sing N N 162 
ILE CG1 CD1  sing N N 163 
ILE CG1 HG12 sing N N 164 
ILE CG1 HG13 sing N N 165 
ILE CG2 HG21 sing N N 166 
ILE CG2 HG22 sing N N 167 
ILE CG2 HG23 sing N N 168 
ILE CD1 HD11 sing N N 169 
ILE CD1 HD12 sing N N 170 
ILE CD1 HD13 sing N N 171 
ILE OXT HXT  sing N N 172 
LEU N   CA   sing N N 173 
LEU N   H    sing N N 174 
LEU N   H2   sing N N 175 
LEU CA  C    sing N N 176 
LEU CA  CB   sing N N 177 
LEU CA  HA   sing N N 178 
LEU C   O    doub N N 179 
LEU C   OXT  sing N N 180 
LEU CB  CG   sing N N 181 
LEU CB  HB2  sing N N 182 
LEU CB  HB3  sing N N 183 
LEU CG  CD1  sing N N 184 
LEU CG  CD2  sing N N 185 
LEU CG  HG   sing N N 186 
LEU CD1 HD11 sing N N 187 
LEU CD1 HD12 sing N N 188 
LEU CD1 HD13 sing N N 189 
LEU CD2 HD21 sing N N 190 
LEU CD2 HD22 sing N N 191 
LEU CD2 HD23 sing N N 192 
LEU OXT HXT  sing N N 193 
LYS N   CA   sing N N 194 
LYS N   H    sing N N 195 
LYS N   H2   sing N N 196 
LYS CA  C    sing N N 197 
LYS CA  CB   sing N N 198 
LYS CA  HA   sing N N 199 
LYS C   O    doub N N 200 
LYS C   OXT  sing N N 201 
LYS CB  CG   sing N N 202 
LYS CB  HB2  sing N N 203 
LYS CB  HB3  sing N N 204 
LYS CG  CD   sing N N 205 
LYS CG  HG2  sing N N 206 
LYS CG  HG3  sing N N 207 
LYS CD  CE   sing N N 208 
LYS CD  HD2  sing N N 209 
LYS CD  HD3  sing N N 210 
LYS CE  NZ   sing N N 211 
LYS CE  HE2  sing N N 212 
LYS CE  HE3  sing N N 213 
LYS NZ  HZ1  sing N N 214 
LYS NZ  HZ2  sing N N 215 
LYS NZ  HZ3  sing N N 216 
LYS OXT HXT  sing N N 217 
MET N   CA   sing N N 218 
MET N   H    sing N N 219 
MET N   H2   sing N N 220 
MET CA  C    sing N N 221 
MET CA  CB   sing N N 222 
MET CA  HA   sing N N 223 
MET C   O    doub N N 224 
MET C   OXT  sing N N 225 
MET CB  CG   sing N N 226 
MET CB  HB2  sing N N 227 
MET CB  HB3  sing N N 228 
MET CG  SD   sing N N 229 
MET CG  HG2  sing N N 230 
MET CG  HG3  sing N N 231 
MET SD  CE   sing N N 232 
MET CE  HE1  sing N N 233 
MET CE  HE2  sing N N 234 
MET CE  HE3  sing N N 235 
MET OXT HXT  sing N N 236 
ORG N1  C2   doub Y N 237 
ORG N1  C6   sing Y N 238 
ORG C2  N3   sing Y N 239 
ORG C2  N7   sing N N 240 
ORG N3  C4   doub Y N 241 
ORG C4  N5   sing Y N 242 
ORG C4  N8   sing N N 243 
ORG N5  C6   doub Y N 244 
ORG C6  C9   sing N N 245 
ORG N7  C16  sing N N 246 
ORG N7  HN7  sing N N 247 
ORG N8  C10  sing N N 248 
ORG N8  C14  sing N N 249 
ORG C9  N15  trip N N 250 
ORG C10 C11  sing N N 251 
ORG C10 H10  sing N N 252 
ORG C10 H10A sing N N 253 
ORG C11 N12  sing N N 254 
ORG C11 H11  sing N N 255 
ORG C11 H11A sing N N 256 
ORG N12 C13  sing N N 257 
ORG N12 HN12 sing N N 258 
ORG C13 C14  sing N N 259 
ORG C13 H13  sing N N 260 
ORG C13 H13A sing N N 261 
ORG C14 H14  sing N N 262 
ORG C14 H14A sing N N 263 
ORG C16 C17  sing N N 264 
ORG C16 C21  sing N N 265 
ORG C16 H16  sing N N 266 
ORG C17 C18  sing N N 267 
ORG C17 H17  sing N N 268 
ORG C17 H17A sing N N 269 
ORG C18 C19  sing N N 270 
ORG C18 H18  sing N N 271 
ORG C18 H18A sing N N 272 
ORG C19 C20  sing N N 273 
ORG C19 H19  sing N N 274 
ORG C19 H19A sing N N 275 
ORG C20 C21  sing N N 276 
ORG C20 H20  sing N N 277 
ORG C20 H20A sing N N 278 
ORG C21 H21  sing N N 279 
ORG C21 H21A sing N N 280 
PHE N   CA   sing N N 281 
PHE N   H    sing N N 282 
PHE N   H2   sing N N 283 
PHE CA  C    sing N N 284 
PHE CA  CB   sing N N 285 
PHE CA  HA   sing N N 286 
PHE C   O    doub N N 287 
PHE C   OXT  sing N N 288 
PHE CB  CG   sing N N 289 
PHE CB  HB2  sing N N 290 
PHE CB  HB3  sing N N 291 
PHE CG  CD1  doub Y N 292 
PHE CG  CD2  sing Y N 293 
PHE CD1 CE1  sing Y N 294 
PHE CD1 HD1  sing N N 295 
PHE CD2 CE2  doub Y N 296 
PHE CD2 HD2  sing N N 297 
PHE CE1 CZ   doub Y N 298 
PHE CE1 HE1  sing N N 299 
PHE CE2 CZ   sing Y N 300 
PHE CE2 HE2  sing N N 301 
PHE CZ  HZ   sing N N 302 
PHE OXT HXT  sing N N 303 
PRO N   CA   sing N N 304 
PRO N   CD   sing N N 305 
PRO N   H    sing N N 306 
PRO CA  C    sing N N 307 
PRO CA  CB   sing N N 308 
PRO CA  HA   sing N N 309 
PRO C   O    doub N N 310 
PRO C   OXT  sing N N 311 
PRO CB  CG   sing N N 312 
PRO CB  HB2  sing N N 313 
PRO CB  HB3  sing N N 314 
PRO CG  CD   sing N N 315 
PRO CG  HG2  sing N N 316 
PRO CG  HG3  sing N N 317 
PRO CD  HD2  sing N N 318 
PRO CD  HD3  sing N N 319 
PRO OXT HXT  sing N N 320 
SER N   CA   sing N N 321 
SER N   H    sing N N 322 
SER N   H2   sing N N 323 
SER CA  C    sing N N 324 
SER CA  CB   sing N N 325 
SER CA  HA   sing N N 326 
SER C   O    doub N N 327 
SER C   OXT  sing N N 328 
SER CB  OG   sing N N 329 
SER CB  HB2  sing N N 330 
SER CB  HB3  sing N N 331 
SER OG  HG   sing N N 332 
SER OXT HXT  sing N N 333 
TFA C1  C2   sing N N 334 
TFA C1  O    doub N N 335 
TFA C1  OXT  sing N N 336 
TFA C2  F1   sing N N 337 
TFA C2  F2   sing N N 338 
TFA C2  F3   sing N N 339 
TFA OXT HXT  sing N N 340 
THR N   CA   sing N N 341 
THR N   H    sing N N 342 
THR N   H2   sing N N 343 
THR CA  C    sing N N 344 
THR CA  CB   sing N N 345 
THR CA  HA   sing N N 346 
THR C   O    doub N N 347 
THR C   OXT  sing N N 348 
THR CB  OG1  sing N N 349 
THR CB  CG2  sing N N 350 
THR CB  HB   sing N N 351 
THR OG1 HG1  sing N N 352 
THR CG2 HG21 sing N N 353 
THR CG2 HG22 sing N N 354 
THR CG2 HG23 sing N N 355 
THR OXT HXT  sing N N 356 
TRP N   CA   sing N N 357 
TRP N   H    sing N N 358 
TRP N   H2   sing N N 359 
TRP CA  C    sing N N 360 
TRP CA  CB   sing N N 361 
TRP CA  HA   sing N N 362 
TRP C   O    doub N N 363 
TRP C   OXT  sing N N 364 
TRP CB  CG   sing N N 365 
TRP CB  HB2  sing N N 366 
TRP CB  HB3  sing N N 367 
TRP CG  CD1  doub Y N 368 
TRP CG  CD2  sing Y N 369 
TRP CD1 NE1  sing Y N 370 
TRP CD1 HD1  sing N N 371 
TRP CD2 CE2  doub Y N 372 
TRP CD2 CE3  sing Y N 373 
TRP NE1 CE2  sing Y N 374 
TRP NE1 HE1  sing N N 375 
TRP CE2 CZ2  sing Y N 376 
TRP CE3 CZ3  doub Y N 377 
TRP CE3 HE3  sing N N 378 
TRP CZ2 CH2  doub Y N 379 
TRP CZ2 HZ2  sing N N 380 
TRP CZ3 CH2  sing Y N 381 
TRP CZ3 HZ3  sing N N 382 
TRP CH2 HH2  sing N N 383 
TRP OXT HXT  sing N N 384 
TYR N   CA   sing N N 385 
TYR N   H    sing N N 386 
TYR N   H2   sing N N 387 
TYR CA  C    sing N N 388 
TYR CA  CB   sing N N 389 
TYR CA  HA   sing N N 390 
TYR C   O    doub N N 391 
TYR C   OXT  sing N N 392 
TYR CB  CG   sing N N 393 
TYR CB  HB2  sing N N 394 
TYR CB  HB3  sing N N 395 
TYR CG  CD1  doub Y N 396 
TYR CG  CD2  sing Y N 397 
TYR CD1 CE1  sing Y N 398 
TYR CD1 HD1  sing N N 399 
TYR CD2 CE2  doub Y N 400 
TYR CD2 HD2  sing N N 401 
TYR CE1 CZ   doub Y N 402 
TYR CE1 HE1  sing N N 403 
TYR CE2 CZ   sing Y N 404 
TYR CE2 HE2  sing N N 405 
TYR CZ  OH   sing N N 406 
TYR OH  HH   sing N N 407 
TYR OXT HXT  sing N N 408 
VAL N   CA   sing N N 409 
VAL N   H    sing N N 410 
VAL N   H2   sing N N 411 
VAL CA  C    sing N N 412 
VAL CA  CB   sing N N 413 
VAL CA  HA   sing N N 414 
VAL C   O    doub N N 415 
VAL C   OXT  sing N N 416 
VAL CB  CG1  sing N N 417 
VAL CB  CG2  sing N N 418 
VAL CB  HB   sing N N 419 
VAL CG1 HG11 sing N N 420 
VAL CG1 HG12 sing N N 421 
VAL CG1 HG13 sing N N 422 
VAL CG2 HG21 sing N N 423 
VAL CG2 HG22 sing N N 424 
VAL CG2 HG23 sing N N 425 
VAL OXT HXT  sing N N 426 
# 
_atom_sites.entry_id                    3KW9 
_atom_sites.fract_transf_matrix[1][1]   -0.01456000 
_atom_sites.fract_transf_matrix[1][2]   -0.00988061 
_atom_sites.fract_transf_matrix[1][3]   0.00403617 
_atom_sites.fract_transf_matrix[2][1]   -0.00046058 
_atom_sites.fract_transf_matrix[2][2]   -0.00623890 
_atom_sites.fract_transf_matrix[2][3]   -0.01693442 
_atom_sites.fract_transf_matrix[3][1]   0.00458887 
_atom_sites.fract_transf_matrix[3][2]   -0.00592189 
_atom_sites.fract_transf_matrix[3][3]   0.00205691 
_atom_sites.fract_transf_vector[1]      0.888278 
_atom_sites.fract_transf_vector[2]      0.428735 
_atom_sites.fract_transf_vector[3]      0.402457 
# 
loop_
_atom_type.symbol 
C 
F 
N 
O 
S 
# 
loop_
_atom_site.group_PDB 
_atom_site.id 
_atom_site.type_symbol 
_atom_site.label_atom_id 
_atom_site.label_alt_id 
_atom_site.label_comp_id 
_atom_site.label_asym_id 
_atom_site.label_entity_id 
_atom_site.label_seq_id 
_atom_site.pdbx_PDB_ins_code 
_atom_site.Cartn_x 
_atom_site.Cartn_y 
_atom_site.Cartn_z 
_atom_site.occupancy 
_atom_site.B_iso_or_equiv 
_atom_site.pdbx_formal_charge 
_atom_site.auth_seq_id 
_atom_site.auth_comp_id 
_atom_site.auth_asym_id 
_atom_site.auth_atom_id 
_atom_site.pdbx_PDB_model_num 
ATOM   1    N N   . ALA A 1 1   ? -19.822 -11.487 -8.667  1.00 58.65 ? 1   ALA A N   1 
ATOM   2    C CA  . ALA A 1 1   ? -19.458 -10.141 -8.136  1.00 57.99 ? 1   ALA A CA  1 
ATOM   3    C C   . ALA A 1 1   ? -20.570 -9.543  -7.282  1.00 57.38 ? 1   ALA A C   1 
ATOM   4    O O   . ALA A 1 1   ? -21.595 -9.085  -7.798  1.00 58.20 ? 1   ALA A O   1 
ATOM   5    C CB  . ALA A 1 1   ? -19.124 -9.197  -9.289  1.00 57.64 ? 1   ALA A CB  1 
ATOM   6    N N   . PRO A 1 2   ? -20.386 -9.557  -5.953  1.00 56.30 ? 2   PRO A N   1 
ATOM   7    C CA  . PRO A 1 2   ? -21.360 -9.016  -4.997  1.00 54.39 ? 2   PRO A CA  1 
ATOM   8    C C   . PRO A 1 2   ? -21.128 -7.517  -4.756  1.00 51.23 ? 2   PRO A C   1 
ATOM   9    O O   . PRO A 1 2   ? -20.758 -6.777  -5.668  1.00 51.56 ? 2   PRO A O   1 
ATOM   10   C CB  . PRO A 1 2   ? -21.083 -9.841  -3.742  1.00 55.82 ? 2   PRO A CB  1 
ATOM   11   C CG  . PRO A 1 2   ? -19.578 -9.964  -3.786  1.00 55.35 ? 2   PRO A CG  1 
ATOM   12   C CD  . PRO A 1 2   ? -19.329 -10.314 -5.253  1.00 56.73 ? 2   PRO A CD  1 
ATOM   13   N N   . ASP A 1 3   ? -21.377 -7.086  -3.522  1.00 48.02 ? 3   ASP A N   1 
ATOM   14   C CA  . ASP A 1 3   ? -21.150 -5.703  -3.096  1.00 43.31 ? 3   ASP A CA  1 
ATOM   15   C C   . ASP A 1 3   ? -19.629 -5.666  -2.933  1.00 39.50 ? 3   ASP A C   1 
ATOM   16   O O   . ASP A 1 3   ? -19.116 -5.850  -1.828  1.00 37.54 ? 3   ASP A O   1 
ATOM   17   C CB  . ASP A 1 3   ? -21.841 -5.473  -1.745  1.00 46.11 ? 3   ASP A CB  1 
ATOM   18   C CG  . ASP A 1 3   ? -21.482 -4.139  -1.112  1.00 48.67 ? 3   ASP A CG  1 
ATOM   19   O OD1 . ASP A 1 3   ? -22.191 -3.710  -0.173  1.00 51.99 ? 3   ASP A OD1 1 
ATOM   20   O OD2 . ASP A 1 3   ? -20.491 -3.514  -1.545  1.00 49.56 ? 3   ASP A OD2 1 
ATOM   21   N N   . SER A 1 4   ? -18.908 -5.438  -4.030  1.00 35.31 ? 4   SER A N   1 
ATOM   22   C CA  . SER A 1 4   ? -17.451 -5.458  -3.973  1.00 32.27 ? 4   SER A CA  1 
ATOM   23   C C   . SER A 1 4   ? -16.723 -4.759  -5.117  1.00 30.01 ? 4   SER A C   1 
ATOM   24   O O   . SER A 1 4   ? -17.329 -4.284  -6.080  1.00 27.74 ? 4   SER A O   1 
ATOM   25   C CB  . SER A 1 4   ? -16.985 -6.910  -3.938  1.00 35.20 ? 4   SER A CB  1 
ATOM   26   O OG  . SER A 1 4   ? -17.392 -7.587  -5.115  1.00 35.17 ? 4   SER A OG  1 
ATOM   27   N N   . VAL A 1 5   ? -15.401 -4.724  -4.997  1.00 26.20 ? 5   VAL A N   1 
ATOM   28   C CA  . VAL A 1 5   ? -14.554 -4.122  -6.010  1.00 25.10 ? 5   VAL A CA  1 
ATOM   29   C C   . VAL A 1 5   ? -13.144 -4.693  -5.935  1.00 23.68 ? 5   VAL A C   1 
ATOM   30   O O   . VAL A 1 5   ? -12.651 -5.035  -4.857  1.00 21.78 ? 5   VAL A O   1 
ATOM   31   C CB  . VAL A 1 5   ? -14.484 -2.594  -5.858  1.00 25.87 ? 5   VAL A CB  1 
ATOM   32   C CG1 . VAL A 1 5   ? -13.708 -2.230  -4.611  1.00 23.40 ? 5   VAL A CG1 1 
ATOM   33   C CG2 . VAL A 1 5   ? -13.851 -1.984  -7.104  1.00 26.78 ? 5   VAL A CG2 1 
ATOM   34   N N   . ASP A 1 6   ? -12.516 -4.801  -7.098  1.00 23.00 ? 6   ASP A N   1 
ATOM   35   C CA  . ASP A 1 6   ? -11.166 -5.331  -7.222  1.00 22.89 ? 6   ASP A CA  1 
ATOM   36   C C   . ASP A 1 6   ? -10.457 -4.450  -8.247  1.00 22.30 ? 6   ASP A C   1 
ATOM   37   O O   . ASP A 1 6   ? -10.639 -4.627  -9.449  1.00 21.52 ? 6   ASP A O   1 
ATOM   38   C CB  . ASP A 1 6   ? -11.226 -6.770  -7.733  1.00 23.64 ? 6   ASP A CB  1 
ATOM   39   C CG  . ASP A 1 6   ? -9.855  -7.397  -7.884  1.00 23.10 ? 6   ASP A CG  1 
ATOM   40   O OD1 . ASP A 1 6   ? -8.855  -6.660  -7.950  1.00 24.56 ? 6   ASP A OD1 1 
ATOM   41   O OD2 . ASP A 1 6   ? -9.783  -8.634  -7.947  1.00 26.77 ? 6   ASP A OD2 1 
ATOM   42   N N   . TYR A 1 7   ? -9.650  -3.504  -7.771  1.00 19.99 ? 7   TYR A N   1 
ATOM   43   C CA  . TYR A 1 7   ? -8.949  -2.590  -8.664  1.00 19.82 ? 7   TYR A CA  1 
ATOM   44   C C   . TYR A 1 7   ? -7.892  -3.219  -9.562  1.00 19.88 ? 7   TYR A C   1 
ATOM   45   O O   . TYR A 1 7   ? -7.407  -2.577  -10.482 1.00 21.24 ? 7   TYR A O   1 
ATOM   46   C CB  . TYR A 1 7   ? -8.330  -1.443  -7.853  1.00 19.69 ? 7   TYR A CB  1 
ATOM   47   C CG  . TYR A 1 7   ? -9.356  -0.446  -7.357  1.00 18.54 ? 7   TYR A CG  1 
ATOM   48   C CD1 . TYR A 1 7   ? -9.983  0.424   -8.238  1.00 19.37 ? 7   TYR A CD1 1 
ATOM   49   C CD2 . TYR A 1 7   ? -9.732  -0.409  -6.022  1.00 20.84 ? 7   TYR A CD2 1 
ATOM   50   C CE1 . TYR A 1 7   ? -10.961 1.300   -7.808  1.00 20.71 ? 7   TYR A CE1 1 
ATOM   51   C CE2 . TYR A 1 7   ? -10.714 0.465   -5.578  1.00 19.87 ? 7   TYR A CE2 1 
ATOM   52   C CZ  . TYR A 1 7   ? -11.325 1.317   -6.477  1.00 22.03 ? 7   TYR A CZ  1 
ATOM   53   O OH  . TYR A 1 7   ? -12.307 2.189   -6.056  1.00 21.43 ? 7   TYR A OH  1 
ATOM   54   N N   . ARG A 1 8   ? -7.522  -4.466  -9.307  1.00 22.22 ? 8   ARG A N   1 
ATOM   55   C CA  . ARG A 1 8   ? -6.531  -5.103  -10.162 1.00 24.84 ? 8   ARG A CA  1 
ATOM   56   C C   . ARG A 1 8   ? -7.091  -5.237  -11.577 1.00 25.96 ? 8   ARG A C   1 
ATOM   57   O O   . ARG A 1 8   ? -6.360  -5.107  -12.560 1.00 27.27 ? 8   ARG A O   1 
ATOM   58   C CB  . ARG A 1 8   ? -6.171  -6.483  -9.619  1.00 25.80 ? 8   ARG A CB  1 
ATOM   59   C CG  . ARG A 1 8   ? -5.515  -6.443  -8.251  1.00 26.55 ? 8   ARG A CG  1 
ATOM   60   C CD  . ARG A 1 8   ? -5.325  -7.837  -7.707  1.00 26.04 ? 8   ARG A CD  1 
ATOM   61   N NE  . ARG A 1 8   ? -6.599  -8.491  -7.431  1.00 23.26 ? 8   ARG A NE  1 
ATOM   62   C CZ  . ARG A 1 8   ? -6.704  -9.707  -6.905  1.00 26.26 ? 8   ARG A CZ  1 
ATOM   63   N NH1 . ARG A 1 8   ? -5.609  -10.392 -6.608  1.00 26.14 ? 8   ARG A NH1 1 
ATOM   64   N NH2 . ARG A 1 8   ? -7.898  -10.227 -6.659  1.00 23.80 ? 8   ARG A NH2 1 
ATOM   65   N N   . LYS A 1 9   ? -8.395  -5.470  -11.676 1.00 25.64 ? 9   LYS A N   1 
ATOM   66   C CA  . LYS A 1 9   ? -9.049  -5.636  -12.974 1.00 28.05 ? 9   LYS A CA  1 
ATOM   67   C C   . LYS A 1 9   ? -9.401  -4.311  -13.639 1.00 27.81 ? 9   LYS A C   1 
ATOM   68   O O   . LYS A 1 9   ? -9.966  -4.296  -14.732 1.00 29.45 ? 9   LYS A O   1 
ATOM   69   C CB  . LYS A 1 9   ? -10.340 -6.440  -12.810 1.00 30.50 ? 9   LYS A CB  1 
ATOM   70   C CG  . LYS A 1 9   ? -10.189 -7.742  -12.053 1.00 32.32 ? 9   LYS A CG  1 
ATOM   71   C CD  . LYS A 1 9   ? -11.556 -8.351  -11.795 1.00 37.20 ? 9   LYS A CD  1 
ATOM   72   C CE  . LYS A 1 9   ? -11.472 -9.612  -10.959 1.00 39.37 ? 9   LYS A CE  1 
ATOM   73   N NZ  . LYS A 1 9   ? -12.841 -10.130 -10.675 1.00 42.14 ? 9   LYS A NZ  1 
ATOM   74   N N   . LYS A 1 10  ? -9.070  -3.200  -12.991 1.00 24.97 ? 10  LYS A N   1 
ATOM   75   C CA  . LYS A 1 10  ? -9.413  -1.893  -13.538 1.00 24.28 ? 10  LYS A CA  1 
ATOM   76   C C   . LYS A 1 10  ? -8.232  -1.030  -13.973 1.00 23.81 ? 10  LYS A C   1 
ATOM   77   O O   . LYS A 1 10  ? -8.418  0.121   -14.355 1.00 23.67 ? 10  LYS A O   1 
ATOM   78   C CB  . LYS A 1 10  ? -10.267 -1.134  -12.520 1.00 24.99 ? 10  LYS A CB  1 
ATOM   79   C CG  . LYS A 1 10  ? -11.600 -1.819  -12.222 1.00 26.89 ? 10  LYS A CG  1 
ATOM   80   C CD  . LYS A 1 10  ? -12.335 -1.170  -11.059 1.00 27.29 ? 10  LYS A CD  1 
ATOM   81   C CE  . LYS A 1 10  ? -12.549 0.317   -11.291 1.00 30.29 ? 10  LYS A CE  1 
ATOM   82   N NZ  . LYS A 1 10  ? -13.311 0.597   -12.545 1.00 31.98 ? 10  LYS A NZ  1 
ATOM   83   N N   . GLY A 1 11  ? -7.026  -1.585  -13.924 1.00 22.29 ? 11  GLY A N   1 
ATOM   84   C CA  . GLY A 1 11  ? -5.846  -0.831  -14.321 1.00 22.39 ? 11  GLY A CA  1 
ATOM   85   C C   . GLY A 1 11  ? -5.371  0.168   -13.277 1.00 21.83 ? 11  GLY A C   1 
ATOM   86   O O   . GLY A 1 11  ? -4.596  1.077   -13.580 1.00 22.25 ? 11  GLY A O   1 
ATOM   87   N N   . TYR A 1 12  ? -5.836  0.003   -12.043 1.00 20.83 ? 12  TYR A N   1 
ATOM   88   C CA  . TYR A 1 12  ? -5.452  0.894   -10.947 1.00 20.22 ? 12  TYR A CA  1 
ATOM   89   C C   . TYR A 1 12  ? -4.297  0.318   -10.141 1.00 20.06 ? 12  TYR A C   1 
ATOM   90   O O   . TYR A 1 12  ? -3.803  0.960   -9.211  1.00 21.25 ? 12  TYR A O   1 
ATOM   91   C CB  . TYR A 1 12  ? -6.627  1.112   -9.984  1.00 21.67 ? 12  TYR A CB  1 
ATOM   92   C CG  . TYR A 1 12  ? -7.594  2.199   -10.389 1.00 23.57 ? 12  TYR A CG  1 
ATOM   93   C CD1 . TYR A 1 12  ? -8.425  2.049   -11.493 1.00 25.58 ? 12  TYR A CD1 1 
ATOM   94   C CD2 . TYR A 1 12  ? -7.696  3.367   -9.645  1.00 25.17 ? 12  TYR A CD2 1 
ATOM   95   C CE1 . TYR A 1 12  ? -9.333  3.033   -11.842 1.00 26.15 ? 12  TYR A CE1 1 
ATOM   96   C CE2 . TYR A 1 12  ? -8.600  4.359   -9.987  1.00 26.77 ? 12  TYR A CE2 1 
ATOM   97   C CZ  . TYR A 1 12  ? -9.417  4.187   -11.087 1.00 28.43 ? 12  TYR A CZ  1 
ATOM   98   O OH  . TYR A 1 12  ? -10.325 5.169   -11.432 1.00 31.82 ? 12  TYR A OH  1 
ATOM   99   N N   . VAL A 1 13  ? -3.876  -0.893  -10.488 1.00 19.05 ? 13  VAL A N   1 
ATOM   100  C CA  . VAL A 1 13  ? -2.803  -1.550  -9.759  1.00 19.42 ? 13  VAL A CA  1 
ATOM   101  C C   . VAL A 1 13  ? -1.668  -2.028  -10.657 1.00 19.86 ? 13  VAL A C   1 
ATOM   102  O O   . VAL A 1 13  ? -1.887  -2.706  -11.659 1.00 20.10 ? 13  VAL A O   1 
ATOM   103  C CB  . VAL A 1 13  ? -3.339  -2.765  -8.973  1.00 20.01 ? 13  VAL A CB  1 
ATOM   104  C CG1 . VAL A 1 13  ? -2.238  -3.309  -8.057  1.00 19.51 ? 13  VAL A CG1 1 
ATOM   105  C CG2 . VAL A 1 13  ? -4.584  -2.366  -8.168  1.00 19.07 ? 13  VAL A CG2 1 
ATOM   106  N N   . THR A 1 14  ? -0.445  -1.682  -10.285 1.00 19.17 ? 14  THR A N   1 
ATOM   107  C CA  . THR A 1 14  ? 0.716   -2.096  -11.056 1.00 20.29 ? 14  THR A CA  1 
ATOM   108  C C   . THR A 1 14  ? 1.121   -3.505  -10.610 1.00 19.93 ? 14  THR A C   1 
ATOM   109  O O   . THR A 1 14  ? 0.616   -4.028  -9.610  1.00 19.57 ? 14  THR A O   1 
ATOM   110  C CB  . THR A 1 14  ? 1.891   -1.121  -10.841 1.00 20.16 ? 14  THR A CB  1 
ATOM   111  O OG1 . THR A 1 14  ? 2.271   -1.126  -9.458  1.00 22.30 ? 14  THR A OG1 1 
ATOM   112  C CG2 . THR A 1 14  ? 1.478   0.292   -11.234 1.00 20.21 ? 14  THR A CG2 1 
ATOM   113  N N   . PRO A 1 15  ? 2.026   -4.148  -11.357 1.00 19.83 ? 15  PRO A N   1 
ATOM   114  C CA  . PRO A 1 15  ? 2.455   -5.497  -10.984 1.00 19.85 ? 15  PRO A CA  1 
ATOM   115  C C   . PRO A 1 15  ? 3.051   -5.539  -9.584  1.00 19.41 ? 15  PRO A C   1 
ATOM   116  O O   . PRO A 1 15  ? 3.580   -4.543  -9.098  1.00 17.71 ? 15  PRO A O   1 
ATOM   117  C CB  . PRO A 1 15  ? 3.487   -5.835  -12.055 1.00 21.57 ? 15  PRO A CB  1 
ATOM   118  C CG  . PRO A 1 15  ? 2.961   -5.095  -13.254 1.00 22.53 ? 15  PRO A CG  1 
ATOM   119  C CD  . PRO A 1 15  ? 2.604   -3.754  -12.652 1.00 20.50 ? 15  PRO A CD  1 
ATOM   120  N N   . VAL A 1 16  ? 2.952   -6.696  -8.939  1.00 18.85 ? 16  VAL A N   1 
ATOM   121  C CA  . VAL A 1 16  ? 3.503   -6.881  -7.598  1.00 20.00 ? 16  VAL A CA  1 
ATOM   122  C C   . VAL A 1 16  ? 5.032   -6.796  -7.622  1.00 21.26 ? 16  VAL A C   1 
ATOM   123  O O   . VAL A 1 16  ? 5.683   -7.370  -8.497  1.00 20.63 ? 16  VAL A O   1 
ATOM   124  C CB  . VAL A 1 16  ? 3.072   -8.247  -7.026  1.00 22.10 ? 16  VAL A CB  1 
ATOM   125  C CG1 . VAL A 1 16  ? 3.791   -8.525  -5.709  1.00 18.58 ? 16  VAL A CG1 1 
ATOM   126  C CG2 . VAL A 1 16  ? 1.565   -8.258  -6.825  1.00 20.15 ? 16  VAL A CG2 1 
ATOM   127  N N   . LYS A 1 17  ? 5.599   -6.073  -6.659  1.00 21.01 ? 17  LYS A N   1 
ATOM   128  C CA  . LYS A 1 17  ? 7.043   -5.902  -6.571  1.00 20.82 ? 17  LYS A CA  1 
ATOM   129  C C   . LYS A 1 17  ? 7.624   -6.670  -5.383  1.00 21.12 ? 17  LYS A C   1 
ATOM   130  O O   . LYS A 1 17  ? 6.892   -7.181  -4.534  1.00 17.67 ? 17  LYS A O   1 
ATOM   131  C CB  . LYS A 1 17  ? 7.391   -4.416  -6.416  1.00 21.19 ? 17  LYS A CB  1 
ATOM   132  C CG  . LYS A 1 17  ? 6.699   -3.475  -7.408  1.00 23.59 ? 17  LYS A CG  1 
ATOM   133  C CD  . LYS A 1 17  ? 7.044   -3.802  -8.852  1.00 23.87 ? 17  LYS A CD  1 
ATOM   134  C CE  . LYS A 1 17  ? 6.612   -2.676  -9.803  1.00 23.82 ? 17  LYS A CE  1 
ATOM   135  N NZ  . LYS A 1 17  ? 5.156   -2.351  -9.702  1.00 23.40 ? 17  LYS A NZ  1 
ATOM   136  N N   . ASN A 1 18  ? 8.950   -6.733  -5.327  1.00 21.88 ? 18  ASN A N   1 
ATOM   137  C CA  . ASN A 1 18  ? 9.644   -7.423  -4.248  1.00 21.43 ? 18  ASN A CA  1 
ATOM   138  C C   . ASN A 1 18  ? 10.622  -6.421  -3.655  1.00 23.04 ? 18  ASN A C   1 
ATOM   139  O O   . ASN A 1 18  ? 11.581  -6.010  -4.311  1.00 23.27 ? 18  ASN A O   1 
ATOM   140  C CB  . ASN A 1 18  ? 10.407  -8.630  -4.790  1.00 23.18 ? 18  ASN A CB  1 
ATOM   141  C CG  . ASN A 1 18  ? 10.791  -9.609  -3.703  1.00 23.01 ? 18  ASN A CG  1 
ATOM   142  O OD1 . ASN A 1 18  ? 11.225  -9.215  -2.619  1.00 22.62 ? 18  ASN A OD1 1 
ATOM   143  N ND2 . ASN A 1 18  ? 10.637  -10.895 -3.988  1.00 23.26 ? 18  ASN A ND2 1 
ATOM   144  N N   . GLN A 1 19  ? 10.375  -6.025  -2.414  1.00 21.35 ? 19  GLN A N   1 
ATOM   145  C CA  . GLN A 1 19  ? 11.224  -5.052  -1.744  1.00 22.50 ? 19  GLN A CA  1 
ATOM   146  C C   . GLN A 1 19  ? 12.624  -5.581  -1.467  1.00 23.47 ? 19  GLN A C   1 
ATOM   147  O O   . GLN A 1 19  ? 13.554  -4.808  -1.224  1.00 22.95 ? 19  GLN A O   1 
ATOM   148  C CB  . GLN A 1 19  ? 10.556  -4.611  -0.439  1.00 23.76 ? 19  GLN A CB  1 
ATOM   149  C CG  . GLN A 1 19  ? 10.278  -5.742  0.526   1.00 25.32 ? 19  GLN A CG  1 
ATOM   150  C CD  . GLN A 1 19  ? 9.485   -5.291  1.737   1.00 23.67 ? 19  GLN A CD  1 
ATOM   151  O OE1 . GLN A 1 19  ? 8.301   -4.977  1.637   1.00 22.32 ? 19  GLN A OE1 1 
ATOM   152  N NE2 . GLN A 1 19  ? 10.142  -5.250  2.888   1.00 24.70 ? 19  GLN A NE2 1 
ATOM   153  N N   . GLY A 1 20  ? 12.776  -6.898  -1.513  1.00 25.15 ? 20  GLY A N   1 
ATOM   154  C CA  . GLY A 1 20  ? 14.069  -7.495  -1.246  1.00 27.94 ? 20  GLY A CA  1 
ATOM   155  C C   . GLY A 1 20  ? 14.390  -7.432  0.236   1.00 29.61 ? 20  GLY A C   1 
ATOM   156  O O   . GLY A 1 20  ? 13.492  -7.483  1.078   1.00 29.58 ? 20  GLY A O   1 
ATOM   157  N N   . GLN A 1 21  ? 15.672  -7.298  0.553   1.00 32.00 ? 21  GLN A N   1 
ATOM   158  C CA  . GLN A 1 21  ? 16.130  -7.250  1.941   1.00 32.64 ? 21  GLN A CA  1 
ATOM   159  C C   . GLN A 1 21  ? 15.710  -5.967  2.651   1.00 32.21 ? 21  GLN A C   1 
ATOM   160  O O   . GLN A 1 21  ? 15.487  -5.949  3.864   1.00 35.08 ? 21  GLN A O   1 
ATOM   161  C CB  . GLN A 1 21  ? 17.651  -7.390  1.979   1.00 34.14 ? 21  GLN A CB  1 
ATOM   162  C CG  . GLN A 1 21  ? 18.153  -8.680  1.352   1.00 36.19 ? 21  GLN A CG  1 
ATOM   163  C CD  . GLN A 1 21  ? 17.488  -9.899  1.957   1.00 37.39 ? 21  GLN A CD  1 
ATOM   164  O OE1 . GLN A 1 21  ? 17.492  -10.074 3.173   1.00 39.42 ? 21  GLN A OE1 1 
ATOM   165  N NE2 . GLN A 1 21  ? 16.912  -10.749 1.112   1.00 35.75 ? 21  GLN A NE2 1 
ATOM   166  N N   . CYS A 1 22  ? 15.592  -4.906  1.874   1.00 28.96 ? 22  CYS A N   1 
ATOM   167  C CA  . CYS A 1 22  ? 15.221  -3.581  2.365   1.00 27.61 ? 22  CYS A CA  1 
ATOM   168  C C   . CYS A 1 22  ? 13.822  -3.497  3.006   1.00 26.48 ? 22  CYS A C   1 
ATOM   169  O O   . CYS A 1 22  ? 12.848  -3.997  2.454   1.00 24.73 ? 22  CYS A O   1 
ATOM   170  C CB  . CYS A 1 22  ? 15.331  -2.608  1.188   1.00 26.03 ? 22  CYS A CB  1 
ATOM   171  S SG  . CYS A 1 22  ? 14.982  -0.863  1.541   1.00 24.51 ? 22  CYS A SG  1 
ATOM   172  N N   . GLY A 1 23  ? 13.733  -2.862  4.175   1.00 25.45 ? 23  GLY A N   1 
ATOM   173  C CA  . GLY A 1 23  ? 12.450  -2.721  4.852   1.00 24.92 ? 23  GLY A CA  1 
ATOM   174  C C   . GLY A 1 23  ? 11.711  -1.518  4.296   1.00 23.11 ? 23  GLY A C   1 
ATOM   175  O O   . GLY A 1 23  ? 11.432  -0.547  5.007   1.00 23.18 ? 23  GLY A O   1 
ATOM   176  N N   . SER A 1 24  ? 11.386  -1.599  3.010   1.00 21.15 ? 24  SER A N   1 
ATOM   177  C CA  . SER A 1 24  ? 10.723  -0.520  2.294   1.00 21.37 ? 24  SER A CA  1 
ATOM   178  C C   . SER A 1 24  ? 9.242   -0.742  1.992   1.00 20.12 ? 24  SER A C   1 
ATOM   179  O O   . SER A 1 24  ? 8.700   -0.125  1.074   1.00 21.42 ? 24  SER A O   1 
ATOM   180  C CB  . SER A 1 24  ? 11.473  -0.277  0.984   1.00 20.81 ? 24  SER A CB  1 
ATOM   181  O OG  . SER A 1 24  ? 11.657  -1.509  0.299   1.00 21.27 ? 24  SER A OG  1 
ATOM   182  N N   . CYS A 1 25  ? 8.584   -1.608  2.754   1.00 20.27 ? 25  CYS A N   1 
ATOM   183  C CA  . CYS A 1 25  ? 7.160   -1.868  2.528   1.00 18.99 ? 25  CYS A CA  1 
ATOM   184  C C   . CYS A 1 25  ? 6.363   -0.568  2.482   1.00 17.68 ? 25  CYS A C   1 
ATOM   185  O O   . CYS A 1 25  ? 5.429   -0.432  1.697   1.00 18.16 ? 25  CYS A O   1 
ATOM   186  C CB  . CYS A 1 25  ? 6.578   -2.748  3.630   1.00 18.33 ? 25  CYS A CB  1 
ATOM   187  S SG  . CYS A 1 25  ? 6.866   -2.067  5.257   1.00 20.73 ? 25  CYS A SG  1 
ATOM   188  N N   . TRP A 1 26  ? 6.731   0.386   3.333   1.00 16.39 ? 26  TRP A N   1 
ATOM   189  C CA  . TRP A 1 26  ? 6.035   1.668   3.396   1.00 17.64 ? 26  TRP A CA  1 
ATOM   190  C C   . TRP A 1 26  ? 6.135   2.464   2.094   1.00 17.97 ? 26  TRP A C   1 
ATOM   191  O O   . TRP A 1 26  ? 5.209   3.195   1.731   1.00 17.45 ? 26  TRP A O   1 
ATOM   192  C CB  . TRP A 1 26  ? 6.586   2.504   4.554   1.00 19.31 ? 26  TRP A CB  1 
ATOM   193  C CG  . TRP A 1 26  ? 8.047   2.816   4.420   1.00 19.77 ? 26  TRP A CG  1 
ATOM   194  C CD1 . TRP A 1 26  ? 9.097   2.073   4.886   1.00 19.77 ? 26  TRP A CD1 1 
ATOM   195  C CD2 . TRP A 1 26  ? 8.618   3.946   3.756   1.00 20.13 ? 26  TRP A CD2 1 
ATOM   196  N NE1 . TRP A 1 26  ? 10.285  2.676   4.551   1.00 18.49 ? 26  TRP A NE1 1 
ATOM   197  C CE2 . TRP A 1 26  ? 10.016  3.828   3.857   1.00 18.68 ? 26  TRP A CE2 1 
ATOM   198  C CE3 . TRP A 1 26  ? 8.078   5.049   3.083   1.00 20.49 ? 26  TRP A CE3 1 
ATOM   199  C CZ2 . TRP A 1 26  ? 10.884  4.772   3.309   1.00 18.19 ? 26  TRP A CZ2 1 
ATOM   200  C CZ3 . TRP A 1 26  ? 8.939   5.981   2.539   1.00 18.98 ? 26  TRP A CZ3 1 
ATOM   201  C CH2 . TRP A 1 26  ? 10.328  5.837   2.655   1.00 19.67 ? 26  TRP A CH2 1 
ATOM   202  N N   . ALA A 1 27  ? 7.265   2.327   1.406   1.00 18.23 ? 27  ALA A N   1 
ATOM   203  C CA  . ALA A 1 27  ? 7.494   3.022   0.143   1.00 18.79 ? 27  ALA A CA  1 
ATOM   204  C C   . ALA A 1 27  ? 6.664   2.390   -0.971  1.00 19.82 ? 27  ALA A C   1 
ATOM   205  O O   . ALA A 1 27  ? 6.106   3.094   -1.813  1.00 18.96 ? 27  ALA A O   1 
ATOM   206  C CB  . ALA A 1 27  ? 8.974   2.984   -0.216  1.00 19.47 ? 27  ALA A CB  1 
ATOM   207  N N   . PHE A 1 28  ? 6.592   1.061   -0.983  1.00 19.52 ? 28  PHE A N   1 
ATOM   208  C CA  . PHE A 1 28  ? 5.794   0.373   -1.991  1.00 19.64 ? 28  PHE A CA  1 
ATOM   209  C C   . PHE A 1 28  ? 4.317   0.653   -1.748  1.00 19.03 ? 28  PHE A C   1 
ATOM   210  O O   . PHE A 1 28  ? 3.548   0.866   -2.688  1.00 18.72 ? 28  PHE A O   1 
ATOM   211  C CB  . PHE A 1 28  ? 6.097   -1.131  -1.957  1.00 20.65 ? 28  PHE A CB  1 
ATOM   212  C CG  . PHE A 1 28  ? 7.386   -1.489  -2.638  1.00 21.64 ? 28  PHE A CG  1 
ATOM   213  C CD1 . PHE A 1 28  ? 7.449   -1.585  -4.021  1.00 20.91 ? 28  PHE A CD1 1 
ATOM   214  C CD2 . PHE A 1 28  ? 8.547   -1.671  -1.902  1.00 20.46 ? 28  PHE A CD2 1 
ATOM   215  C CE1 . PHE A 1 28  ? 8.648   -1.852  -4.656  1.00 22.03 ? 28  PHE A CE1 1 
ATOM   216  C CE2 . PHE A 1 28  ? 9.747   -1.937  -2.531  1.00 22.61 ? 28  PHE A CE2 1 
ATOM   217  C CZ  . PHE A 1 28  ? 9.798   -2.028  -3.909  1.00 21.14 ? 28  PHE A CZ  1 
ATOM   218  N N   . SER A 1 29  ? 3.926   0.676   -0.479  1.00 19.27 ? 29  SER A N   1 
ATOM   219  C CA  . SER A 1 29  ? 2.547   0.958   -0.106  1.00 17.22 ? 29  SER A CA  1 
ATOM   220  C C   . SER A 1 29  ? 2.167   2.367   -0.568  1.00 17.79 ? 29  SER A C   1 
ATOM   221  O O   . SER A 1 29  ? 1.113   2.570   -1.176  1.00 17.35 ? 29  SER A O   1 
ATOM   222  C CB  . SER A 1 29  ? 2.383   0.851   1.413   1.00 17.95 ? 29  SER A CB  1 
ATOM   223  O OG  . SER A 1 29  ? 1.055   1.158   1.800   1.00 18.95 ? 29  SER A OG  1 
ATOM   224  N N   . SER A 1 30  ? 3.034   3.335   -0.276  1.00 15.91 ? 30  SER A N   1 
ATOM   225  C CA  . SER A 1 30  ? 2.799   4.723   -0.649  1.00 16.97 ? 30  SER A CA  1 
ATOM   226  C C   . SER A 1 30  ? 2.685   4.863   -2.160  1.00 16.77 ? 30  SER A C   1 
ATOM   227  O O   . SER A 1 30  ? 1.758   5.487   -2.666  1.00 15.75 ? 30  SER A O   1 
ATOM   228  C CB  . SER A 1 30  ? 3.945   5.608   -0.150  1.00 19.60 ? 30  SER A CB  1 
ATOM   229  O OG  . SER A 1 30  ? 4.023   5.599   1.265   1.00 19.31 ? 30  SER A OG  1 
ATOM   230  N N   . VAL A 1 31  ? 3.641   4.286   -2.878  1.00 19.20 ? 31  VAL A N   1 
ATOM   231  C CA  . VAL A 1 31  ? 3.634   4.369   -4.329  1.00 18.50 ? 31  VAL A CA  1 
ATOM   232  C C   . VAL A 1 31  ? 2.361   3.737   -4.877  1.00 18.50 ? 31  VAL A C   1 
ATOM   233  O O   . VAL A 1 31  ? 1.762   4.245   -5.829  1.00 19.57 ? 31  VAL A O   1 
ATOM   234  C CB  . VAL A 1 31  ? 4.870   3.663   -4.917  1.00 22.04 ? 31  VAL A CB  1 
ATOM   235  C CG1 . VAL A 1 31  ? 4.627   3.305   -6.364  1.00 24.36 ? 31  VAL A CG1 1 
ATOM   236  C CG2 . VAL A 1 31  ? 6.085   4.585   -4.795  1.00 18.56 ? 31  VAL A CG2 1 
ATOM   237  N N   . GLY A 1 32  ? 1.954   2.624   -4.276  1.00 17.88 ? 32  GLY A N   1 
ATOM   238  C CA  . GLY A 1 32  ? 0.743   1.958   -4.723  1.00 17.81 ? 32  GLY A CA  1 
ATOM   239  C C   . GLY A 1 32  ? -0.472  2.863   -4.642  1.00 18.66 ? 32  GLY A C   1 
ATOM   240  O O   . GLY A 1 32  ? -1.293  2.903   -5.564  1.00 19.09 ? 32  GLY A O   1 
ATOM   241  N N   . ALA A 1 33  ? -0.597  3.604   -3.544  1.00 16.46 ? 33  ALA A N   1 
ATOM   242  C CA  . ALA A 1 33  ? -1.732  4.504   -3.379  1.00 17.80 ? 33  ALA A CA  1 
ATOM   243  C C   . ALA A 1 33  ? -1.622  5.683   -4.344  1.00 17.10 ? 33  ALA A C   1 
ATOM   244  O O   . ALA A 1 33  ? -2.615  6.113   -4.934  1.00 18.00 ? 33  ALA A O   1 
ATOM   245  C CB  . ALA A 1 33  ? -1.805  5.002   -1.920  1.00 18.09 ? 33  ALA A CB  1 
ATOM   246  N N   . LEU A 1 34  ? -0.411  6.208   -4.503  1.00 16.63 ? 34  LEU A N   1 
ATOM   247  C CA  . LEU A 1 34  ? -0.198  7.318   -5.417  1.00 17.15 ? 34  LEU A CA  1 
ATOM   248  C C   . LEU A 1 34  ? -0.550  6.904   -6.847  1.00 17.31 ? 34  LEU A C   1 
ATOM   249  O O   . LEU A 1 34  ? -1.209  7.648   -7.581  1.00 18.06 ? 34  LEU A O   1 
ATOM   250  C CB  . LEU A 1 34  ? 1.259   7.781   -5.345  1.00 16.67 ? 34  LEU A CB  1 
ATOM   251  C CG  . LEU A 1 34  ? 1.612   8.586   -4.095  1.00 16.44 ? 34  LEU A CG  1 
ATOM   252  C CD1 . LEU A 1 34  ? 3.129   8.660   -3.935  1.00 14.29 ? 34  LEU A CD1 1 
ATOM   253  C CD2 . LEU A 1 34  ? 1.005   9.980   -4.209  1.00 18.15 ? 34  LEU A CD2 1 
ATOM   254  N N   . GLU A 1 35  ? -0.108  5.715   -7.238  1.00 18.35 ? 35  GLU A N   1 
ATOM   255  C CA  . GLU A 1 35  ? -0.383  5.205   -8.574  1.00 19.44 ? 35  GLU A CA  1 
ATOM   256  C C   . GLU A 1 35  ? -1.889  5.123   -8.816  1.00 20.69 ? 35  GLU A C   1 
ATOM   257  O O   . GLU A 1 35  ? -2.385  5.506   -9.879  1.00 20.59 ? 35  GLU A O   1 
ATOM   258  C CB  . GLU A 1 35  ? 0.261   3.827   -8.744  1.00 21.44 ? 35  GLU A CB  1 
ATOM   259  C CG  . GLU A 1 35  ? 1.782   3.865   -8.636  1.00 22.83 ? 35  GLU A CG  1 
ATOM   260  C CD  . GLU A 1 35  ? 2.420   2.493   -8.590  1.00 23.56 ? 35  GLU A CD  1 
ATOM   261  O OE1 . GLU A 1 35  ? 1.737   1.517   -8.205  1.00 21.83 ? 35  GLU A OE1 1 
ATOM   262  O OE2 . GLU A 1 35  ? 3.625   2.395   -8.920  1.00 26.47 ? 35  GLU A OE2 1 
ATOM   263  N N   . GLY A 1 36  ? -2.617  4.630   -7.819  1.00 18.31 ? 36  GLY A N   1 
ATOM   264  C CA  . GLY A 1 36  ? -4.055  4.517   -7.958  1.00 18.24 ? 36  GLY A CA  1 
ATOM   265  C C   . GLY A 1 36  ? -4.722  5.860   -8.195  1.00 17.35 ? 36  GLY A C   1 
ATOM   266  O O   . GLY A 1 36  ? -5.635  5.971   -9.011  1.00 18.06 ? 36  GLY A O   1 
ATOM   267  N N   . GLN A 1 37  ? -4.267  6.891   -7.495  1.00 16.14 ? 37  GLN A N   1 
ATOM   268  C CA  . GLN A 1 37  ? -4.871  8.208   -7.654  1.00 18.72 ? 37  GLN A CA  1 
ATOM   269  C C   . GLN A 1 37  ? -4.455  8.860   -8.960  1.00 19.96 ? 37  GLN A C   1 
ATOM   270  O O   . GLN A 1 37  ? -5.161  9.722   -9.481  1.00 20.51 ? 37  GLN A O   1 
ATOM   271  C CB  . GLN A 1 37  ? -4.519  9.099   -6.460  1.00 19.61 ? 37  GLN A CB  1 
ATOM   272  C CG  . GLN A 1 37  ? -5.196  8.619   -5.189  1.00 18.34 ? 37  GLN A CG  1 
ATOM   273  C CD  . GLN A 1 37  ? -6.682  8.380   -5.399  1.00 19.75 ? 37  GLN A CD  1 
ATOM   274  O OE1 . GLN A 1 37  ? -7.452  9.322   -5.566  1.00 19.20 ? 37  GLN A OE1 1 
ATOM   275  N NE2 . GLN A 1 37  ? -7.086  7.115   -5.415  1.00 18.51 ? 37  GLN A NE2 1 
ATOM   276  N N   . LEU A 1 38  ? -3.312  8.440   -9.490  1.00 19.75 ? 38  LEU A N   1 
ATOM   277  C CA  . LEU A 1 38  ? -2.828  8.977   -10.754 1.00 22.40 ? 38  LEU A CA  1 
ATOM   278  C C   . LEU A 1 38  ? -3.782  8.463   -11.838 1.00 22.60 ? 38  LEU A C   1 
ATOM   279  O O   . LEU A 1 38  ? -4.172  9.204   -12.741 1.00 25.10 ? 38  LEU A O   1 
ATOM   280  C CB  . LEU A 1 38  ? -1.385  8.506   -10.997 1.00 22.41 ? 38  LEU A CB  1 
ATOM   281  C CG  . LEU A 1 38  ? -0.603  9.063   -12.190 1.00 24.98 ? 38  LEU A CG  1 
ATOM   282  C CD1 . LEU A 1 38  ? -0.618  10.584  -12.160 1.00 25.45 ? 38  LEU A CD1 1 
ATOM   283  C CD2 . LEU A 1 38  ? 0.828   8.546   -12.135 1.00 23.71 ? 38  LEU A CD2 1 
ATOM   284  N N   . LYS A 1 39  ? -4.180  7.199   -11.720 1.00 21.61 ? 39  LYS A N   1 
ATOM   285  C CA  . LYS A 1 39  ? -5.106  6.574   -12.662 1.00 21.01 ? 39  LYS A CA  1 
ATOM   286  C C   . LYS A 1 39  ? -6.495  7.197   -12.540 1.00 21.14 ? 39  LYS A C   1 
ATOM   287  O O   . LYS A 1 39  ? -7.152  7.470   -13.543 1.00 21.16 ? 39  LYS A O   1 
ATOM   288  C CB  . LYS A 1 39  ? -5.182  5.062   -12.399 1.00 20.17 ? 39  LYS A CB  1 
ATOM   289  C CG  . LYS A 1 39  ? -6.300  4.319   -13.135 1.00 21.34 ? 39  LYS A CG  1 
ATOM   290  C CD  . LYS A 1 39  ? -6.096  4.297   -14.651 1.00 21.75 ? 39  LYS A CD  1 
ATOM   291  C CE  . LYS A 1 39  ? -7.246  3.576   -15.344 1.00 21.72 ? 39  LYS A CE  1 
ATOM   292  N NZ  . LYS A 1 39  ? -7.099  3.574   -16.836 1.00 21.11 ? 39  LYS A NZ  1 
ATOM   293  N N   . LYS A 1 40  ? -6.939  7.433   -11.307 1.00 21.38 ? 40  LYS A N   1 
ATOM   294  C CA  . LYS A 1 40  ? -8.258  8.024   -11.081 1.00 21.50 ? 40  LYS A CA  1 
ATOM   295  C C   . LYS A 1 40  ? -8.347  9.433   -11.651 1.00 23.12 ? 40  LYS A C   1 
ATOM   296  O O   . LYS A 1 40  ? -9.342  9.800   -12.281 1.00 24.08 ? 40  LYS A O   1 
ATOM   297  C CB  . LYS A 1 40  ? -8.575  8.067   -9.581  1.00 24.31 ? 40  LYS A CB  1 
ATOM   298  C CG  . LYS A 1 40  ? -9.866  8.799   -9.228  1.00 24.99 ? 40  LYS A CG  1 
ATOM   299  C CD  . LYS A 1 40  ? -11.100 8.000   -9.624  1.00 26.54 ? 40  LYS A CD  1 
ATOM   300  C CE  . LYS A 1 40  ? -11.396 6.891   -8.628  1.00 25.97 ? 40  LYS A CE  1 
ATOM   301  N NZ  . LYS A 1 40  ? -11.882 7.447   -7.331  1.00 21.68 ? 40  LYS A NZ  1 
ATOM   302  N N   . LYS A 1 41  ? -7.300  10.219  -11.438 1.00 23.05 ? 41  LYS A N   1 
ATOM   303  C CA  . LYS A 1 41  ? -7.287  11.597  -11.902 1.00 24.73 ? 41  LYS A CA  1 
ATOM   304  C C   . LYS A 1 41  ? -6.956  11.805  -13.379 1.00 24.21 ? 41  LYS A C   1 
ATOM   305  O O   . LYS A 1 41  ? -7.588  12.629  -14.043 1.00 21.29 ? 41  LYS A O   1 
ATOM   306  C CB  . LYS A 1 41  ? -6.317  12.420  -11.048 1.00 28.04 ? 41  LYS A CB  1 
ATOM   307  C CG  . LYS A 1 41  ? -6.574  12.376  -9.532  1.00 34.90 ? 41  LYS A CG  1 
ATOM   308  C CD  . LYS A 1 41  ? -7.925  12.979  -9.122  1.00 37.19 ? 41  LYS A CD  1 
ATOM   309  C CE  . LYS A 1 41  ? -9.089  12.029  -9.397  1.00 39.91 ? 41  LYS A CE  1 
ATOM   310  N NZ  . LYS A 1 41  ? -10.422 12.612  -9.075  1.00 41.31 ? 41  LYS A NZ  1 
ATOM   311  N N   . THR A 1 42  ? -5.981  11.060  -13.898 1.00 24.59 ? 42  THR A N   1 
ATOM   312  C CA  . THR A 1 42  ? -5.562  11.237  -15.291 1.00 24.41 ? 42  THR A CA  1 
ATOM   313  C C   . THR A 1 42  ? -5.994  10.157  -16.273 1.00 24.10 ? 42  THR A C   1 
ATOM   314  O O   . THR A 1 42  ? -5.919  10.357  -17.485 1.00 24.65 ? 42  THR A O   1 
ATOM   315  C CB  . THR A 1 42  ? -4.030  11.355  -15.398 1.00 24.95 ? 42  THR A CB  1 
ATOM   316  O OG1 . THR A 1 42  ? -3.428  10.087  -15.114 1.00 22.78 ? 42  THR A OG1 1 
ATOM   317  C CG2 . THR A 1 42  ? -3.506  12.382  -14.411 1.00 27.15 ? 42  THR A CG2 1 
ATOM   318  N N   . GLY A 1 43  ? -6.416  9.007   -15.760 1.00 22.58 ? 43  GLY A N   1 
ATOM   319  C CA  . GLY A 1 43  ? -6.830  7.931   -16.641 1.00 23.89 ? 43  GLY A CA  1 
ATOM   320  C C   . GLY A 1 43  ? -5.685  6.995   -16.997 1.00 24.03 ? 43  GLY A C   1 
ATOM   321  O O   . GLY A 1 43  ? -5.907  5.963   -17.630 1.00 24.31 ? 43  GLY A O   1 
ATOM   322  N N   . LYS A 1 44  ? -4.466  7.363   -16.606 1.00 25.13 ? 44  LYS A N   1 
ATOM   323  C CA  . LYS A 1 44  ? -3.274  6.548   -16.866 1.00 27.08 ? 44  LYS A CA  1 
ATOM   324  C C   . LYS A 1 44  ? -2.480  6.438   -15.577 1.00 26.59 ? 44  LYS A C   1 
ATOM   325  O O   . LYS A 1 44  ? -2.508  7.338   -14.739 1.00 27.45 ? 44  LYS A O   1 
ATOM   326  C CB  . LYS A 1 44  ? -2.322  7.191   -17.882 1.00 26.73 ? 44  LYS A CB  1 
ATOM   327  C CG  . LYS A 1 44  ? -2.915  7.772   -19.122 1.00 33.79 ? 44  LYS A CG  1 
ATOM   328  C CD  . LYS A 1 44  ? -1.784  8.281   -20.009 1.00 31.63 ? 44  LYS A CD  1 
ATOM   329  C CE  . LYS A 1 44  ? -0.842  9.216   -19.259 1.00 31.20 ? 44  LYS A CE  1 
ATOM   330  N NZ  . LYS A 1 44  ? -1.477  10.539  -18.957 1.00 32.12 ? 44  LYS A NZ  1 
ATOM   331  N N   . LEU A 1 45  ? -1.742  5.349   -15.441 1.00 26.65 ? 45  LEU A N   1 
ATOM   332  C CA  . LEU A 1 45  ? -0.914  5.146   -14.262 1.00 27.37 ? 45  LEU A CA  1 
ATOM   333  C C   . LEU A 1 45  ? 0.477   4.714   -14.717 1.00 27.92 ? 45  LEU A C   1 
ATOM   334  O O   . LEU A 1 45  ? 0.671   4.346   -15.875 1.00 25.49 ? 45  LEU A O   1 
ATOM   335  C CB  . LEU A 1 45  ? -1.583  4.111   -13.346 1.00 28.92 ? 45  LEU A CB  1 
ATOM   336  C CG  . LEU A 1 45  ? -0.896  2.918   -12.693 1.00 32.04 ? 45  LEU A CG  1 
ATOM   337  C CD1 . LEU A 1 45  ? -1.891  2.276   -11.729 1.00 29.45 ? 45  LEU A CD1 1 
ATOM   338  C CD2 . LEU A 1 45  ? -0.456  1.908   -13.738 1.00 29.02 ? 45  LEU A CD2 1 
ATOM   339  N N   . LEU A 1 46  ? 1.449   4.788   -13.817 1.00 29.29 ? 46  LEU A N   1 
ATOM   340  C CA  . LEU A 1 46  ? 2.816   4.404   -14.139 1.00 30.50 ? 46  LEU A CA  1 
ATOM   341  C C   . LEU A 1 46  ? 3.531   3.998   -12.865 1.00 29.82 ? 46  LEU A C   1 
ATOM   342  O O   . LEU A 1 46  ? 3.250   4.543   -11.800 1.00 31.19 ? 46  LEU A O   1 
ATOM   343  C CB  . LEU A 1 46  ? 3.549   5.581   -14.784 1.00 31.33 ? 46  LEU A CB  1 
ATOM   344  C CG  . LEU A 1 46  ? 5.025   5.366   -15.114 1.00 34.12 ? 46  LEU A CG  1 
ATOM   345  C CD1 . LEU A 1 46  ? 5.193   4.121   -15.984 1.00 34.64 ? 46  LEU A CD1 1 
ATOM   346  C CD2 . LEU A 1 46  ? 5.556   6.594   -15.831 1.00 33.84 ? 46  LEU A CD2 1 
ATOM   347  N N   . ASN A 1 47  ? 4.434   3.028   -12.969 1.00 29.43 ? 47  ASN A N   1 
ATOM   348  C CA  . ASN A 1 47  ? 5.187   2.586   -11.804 1.00 28.17 ? 47  ASN A CA  1 
ATOM   349  C C   . ASN A 1 47  ? 5.928   3.808   -11.277 1.00 26.91 ? 47  ASN A C   1 
ATOM   350  O O   . ASN A 1 47  ? 6.742   4.390   -11.993 1.00 26.51 ? 47  ASN A O   1 
ATOM   351  C CB  . ASN A 1 47  ? 6.214   1.515   -12.191 1.00 29.07 ? 47  ASN A CB  1 
ATOM   352  C CG  . ASN A 1 47  ? 5.595   0.143   -12.406 1.00 29.25 ? 47  ASN A CG  1 
ATOM   353  O OD1 . ASN A 1 47  ? 6.025   -0.612  -13.281 1.00 33.89 ? 47  ASN A OD1 1 
ATOM   354  N ND2 . ASN A 1 47  ? 4.603   -0.192  -11.603 1.00 26.12 ? 47  ASN A ND2 1 
ATOM   355  N N   . LEU A 1 48  ? 5.632   4.209   -10.043 1.00 24.50 ? 48  LEU A N   1 
ATOM   356  C CA  . LEU A 1 48  ? 6.314   5.348   -9.443  1.00 23.52 ? 48  LEU A CA  1 
ATOM   357  C C   . LEU A 1 48  ? 7.520   4.809   -8.680  1.00 22.90 ? 48  LEU A C   1 
ATOM   358  O O   . LEU A 1 48  ? 7.611   3.609   -8.419  1.00 20.37 ? 48  LEU A O   1 
ATOM   359  C CB  . LEU A 1 48  ? 5.374   6.115   -8.512  1.00 23.45 ? 48  LEU A CB  1 
ATOM   360  C CG  . LEU A 1 48  ? 4.156   6.690   -9.236  1.00 21.48 ? 48  LEU A CG  1 
ATOM   361  C CD1 . LEU A 1 48  ? 3.291   7.435   -8.240  1.00 20.27 ? 48  LEU A CD1 1 
ATOM   362  C CD2 . LEU A 1 48  ? 4.605   7.621   -10.367 1.00 20.85 ? 48  LEU A CD2 1 
ATOM   363  N N   . SER A 1 49  ? 8.433   5.697   -8.303  1.00 22.44 ? 49  SER A N   1 
ATOM   364  C CA  . SER A 1 49  ? 9.664   5.287   -7.637  1.00 22.00 ? 49  SER A CA  1 
ATOM   365  C C   . SER A 1 49  ? 9.703   5.118   -6.127  1.00 22.25 ? 49  SER A C   1 
ATOM   366  O O   . SER A 1 49  ? 9.687   6.095   -5.390  1.00 17.99 ? 49  SER A O   1 
ATOM   367  C CB  . SER A 1 49  ? 10.792  6.243   -8.028  1.00 22.20 ? 49  SER A CB  1 
ATOM   368  O OG  . SER A 1 49  ? 11.945  5.998   -7.243  1.00 19.83 ? 49  SER A OG  1 
ATOM   369  N N   . PRO A 1 50  ? 9.785   3.864   -5.655  1.00 23.22 ? 50  PRO A N   1 
ATOM   370  C CA  . PRO A 1 50  ? 9.847   3.563   -4.221  1.00 23.39 ? 50  PRO A CA  1 
ATOM   371  C C   . PRO A 1 50  ? 11.210  4.027   -3.696  1.00 23.53 ? 50  PRO A C   1 
ATOM   372  O O   . PRO A 1 50  ? 11.330  4.481   -2.561  1.00 23.70 ? 50  PRO A O   1 
ATOM   373  C CB  . PRO A 1 50  ? 9.737   2.040   -4.174  1.00 23.98 ? 50  PRO A CB  1 
ATOM   374  C CG  . PRO A 1 50  ? 9.060   1.685   -5.456  1.00 27.54 ? 50  PRO A CG  1 
ATOM   375  C CD  . PRO A 1 50  ? 9.644   2.631   -6.446  1.00 24.15 ? 50  PRO A CD  1 
ATOM   376  N N   . GLN A 1 51  ? 12.233  3.892   -4.540  1.00 22.75 ? 51  GLN A N   1 
ATOM   377  C CA  . GLN A 1 51  ? 13.601  4.278   -4.180  1.00 21.54 ? 51  GLN A CA  1 
ATOM   378  C C   . GLN A 1 51  ? 13.672  5.775   -3.889  1.00 20.31 ? 51  GLN A C   1 
ATOM   379  O O   . GLN A 1 51  ? 14.369  6.212   -2.970  1.00 21.05 ? 51  GLN A O   1 
ATOM   380  C CB  . GLN A 1 51  ? 14.568  3.936   -5.320  1.00 22.10 ? 51  GLN A CB  1 
ATOM   381  C CG  . GLN A 1 51  ? 16.037  3.940   -4.910  1.00 23.54 ? 51  GLN A CG  1 
ATOM   382  C CD  . GLN A 1 51  ? 16.354  2.853   -3.900  1.00 24.36 ? 51  GLN A CD  1 
ATOM   383  O OE1 . GLN A 1 51  ? 16.135  1.674   -4.161  1.00 25.74 ? 51  GLN A OE1 1 
ATOM   384  N NE2 . GLN A 1 51  ? 16.869  3.247   -2.737  1.00 25.30 ? 51  GLN A NE2 1 
ATOM   385  N N   . ASN A 1 52  ? 12.959  6.552   -4.694  1.00 20.74 ? 52  ASN A N   1 
ATOM   386  C CA  . ASN A 1 52  ? 12.900  7.998   -4.539  1.00 21.36 ? 52  ASN A CA  1 
ATOM   387  C C   . ASN A 1 52  ? 12.456  8.288   -3.099  1.00 22.17 ? 52  ASN A C   1 
ATOM   388  O O   . ASN A 1 52  ? 13.025  9.147   -2.422  1.00 22.30 ? 52  ASN A O   1 
ATOM   389  C CB  . ASN A 1 52  ? 11.898  8.571   -5.554  1.00 21.93 ? 52  ASN A CB  1 
ATOM   390  C CG  . ASN A 1 52  ? 11.779  10.089  -5.500  1.00 23.62 ? 52  ASN A CG  1 
ATOM   391  O OD1 . ASN A 1 52  ? 11.067  10.691  -6.318  1.00 21.86 ? 52  ASN A OD1 1 
ATOM   392  N ND2 . ASN A 1 52  ? 12.456  10.714  -4.540  1.00 23.09 ? 52  ASN A ND2 1 
ATOM   393  N N   . LEU A 1 53  ? 11.455  7.552   -2.631  1.00 19.48 ? 53  LEU A N   1 
ATOM   394  C CA  . LEU A 1 53  ? 10.951  7.744   -1.278  1.00 19.91 ? 53  LEU A CA  1 
ATOM   395  C C   . LEU A 1 53  ? 11.951  7.250   -0.226  1.00 19.51 ? 53  LEU A C   1 
ATOM   396  O O   . LEU A 1 53  ? 12.199  7.924   0.777   1.00 19.04 ? 53  LEU A O   1 
ATOM   397  C CB  . LEU A 1 53  ? 9.611   7.021   -1.109  1.00 17.82 ? 53  LEU A CB  1 
ATOM   398  C CG  . LEU A 1 53  ? 8.469   7.480   -2.014  1.00 16.58 ? 53  LEU A CG  1 
ATOM   399  C CD1 . LEU A 1 53  ? 7.208   6.668   -1.685  1.00 16.12 ? 53  LEU A CD1 1 
ATOM   400  C CD2 . LEU A 1 53  ? 8.232   8.972   -1.837  1.00 16.43 ? 53  LEU A CD2 1 
ATOM   401  N N   . VAL A 1 54  ? 12.519  6.070   -0.450  1.00 18.73 ? 54  VAL A N   1 
ATOM   402  C CA  . VAL A 1 54  ? 13.499  5.509   0.477   1.00 18.71 ? 54  VAL A CA  1 
ATOM   403  C C   . VAL A 1 54  ? 14.676  6.467   0.689   1.00 20.56 ? 54  VAL A C   1 
ATOM   404  O O   . VAL A 1 54  ? 15.077  6.729   1.829   1.00 19.53 ? 54  VAL A O   1 
ATOM   405  C CB  . VAL A 1 54  ? 14.053  4.156   -0.055  1.00 18.34 ? 54  VAL A CB  1 
ATOM   406  C CG1 . VAL A 1 54  ? 15.245  3.713   0.780   1.00 17.64 ? 54  VAL A CG1 1 
ATOM   407  C CG2 . VAL A 1 54  ? 12.952  3.089   -0.025  1.00 18.12 ? 54  VAL A CG2 1 
ATOM   408  N N   . ASP A 1 55  ? 15.206  6.992   -0.413  1.00 20.42 ? 55  ASP A N   1 
ATOM   409  C CA  . ASP A 1 55  ? 16.360  7.892   -0.390  1.00 24.03 ? 55  ASP A CA  1 
ATOM   410  C C   . ASP A 1 55  ? 16.081  9.338   0.008   1.00 24.18 ? 55  ASP A C   1 
ATOM   411  O O   . ASP A 1 55  ? 16.986  10.031  0.480   1.00 25.17 ? 55  ASP A O   1 
ATOM   412  C CB  . ASP A 1 55  ? 17.036  7.954   -1.771  1.00 23.37 ? 55  ASP A CB  1 
ATOM   413  C CG  . ASP A 1 55  ? 17.555  6.618   -2.250  1.00 25.23 ? 55  ASP A CG  1 
ATOM   414  O OD1 . ASP A 1 55  ? 17.671  5.672   -1.447  1.00 25.81 ? 55  ASP A OD1 1 
ATOM   415  O OD2 . ASP A 1 55  ? 17.871  6.529   -3.456  1.00 26.98 ? 55  ASP A OD2 1 
ATOM   416  N N   . CYS A 1 56  ? 14.850  9.806   -0.177  1.00 22.93 ? 56  CYS A N   1 
ATOM   417  C CA  . CYS A 1 56  ? 14.568  11.206  0.110   1.00 23.18 ? 56  CYS A CA  1 
ATOM   418  C C   . CYS A 1 56  ? 13.603  11.574  1.221   1.00 21.74 ? 56  CYS A C   1 
ATOM   419  O O   . CYS A 1 56  ? 13.522  12.745  1.575   1.00 22.83 ? 56  CYS A O   1 
ATOM   420  C CB  . CYS A 1 56  ? 14.101  11.896  -1.170  1.00 23.50 ? 56  CYS A CB  1 
ATOM   421  S SG  . CYS A 1 56  ? 15.126  11.559  -2.636  1.00 24.83 ? 56  CYS A SG  1 
ATOM   422  N N   . VAL A 1 57  ? 12.846  10.616  1.748   1.00 21.17 ? 57  VAL A N   1 
ATOM   423  C CA  . VAL A 1 57  ? 11.911  10.945  2.827   1.00 21.30 ? 57  VAL A CA  1 
ATOM   424  C C   . VAL A 1 57  ? 12.687  10.846  4.140   1.00 21.72 ? 57  VAL A C   1 
ATOM   425  O O   . VAL A 1 57  ? 12.716  9.805   4.793   1.00 21.79 ? 57  VAL A O   1 
ATOM   426  C CB  . VAL A 1 57  ? 10.690  9.990   2.835   1.00 22.07 ? 57  VAL A CB  1 
ATOM   427  C CG1 . VAL A 1 57  ? 9.696   10.410  3.932   1.00 20.83 ? 57  VAL A CG1 1 
ATOM   428  C CG2 . VAL A 1 57  ? 9.992   10.031  1.478   1.00 21.19 ? 57  VAL A CG2 1 
ATOM   429  N N   . SER A 1 58  ? 13.332  11.950  4.506   1.00 21.41 ? 58  SER A N   1 
ATOM   430  C CA  . SER A 1 58  ? 14.154  12.015  5.715   1.00 20.48 ? 58  SER A CA  1 
ATOM   431  C C   . SER A 1 58  ? 13.436  11.710  7.021   1.00 20.11 ? 58  SER A C   1 
ATOM   432  O O   . SER A 1 58  ? 14.060  11.256  7.978   1.00 18.43 ? 58  SER A O   1 
ATOM   433  C CB  . SER A 1 58  ? 14.824  13.387  5.818   1.00 22.37 ? 58  SER A CB  1 
ATOM   434  O OG  . SER A 1 58  ? 15.744  13.561  4.757   1.00 27.62 ? 58  SER A OG  1 
ATOM   435  N N   . GLU A 1 59  ? 12.134  11.966  7.067   1.00 18.49 ? 59  GLU A N   1 
ATOM   436  C CA  . GLU A 1 59  ? 11.369  11.691  8.271   1.00 19.29 ? 59  GLU A CA  1 
ATOM   437  C C   . GLU A 1 59  ? 11.261  10.186  8.487   1.00 20.98 ? 59  GLU A C   1 
ATOM   438  O O   . GLU A 1 59  ? 10.973  9.728   9.591   1.00 20.47 ? 59  GLU A O   1 
ATOM   439  C CB  . GLU A 1 59  ? 9.979   12.321  8.180   1.00 17.71 ? 59  GLU A CB  1 
ATOM   440  C CG  . GLU A 1 59  ? 9.994   13.828  8.368   1.00 17.87 ? 59  GLU A CG  1 
ATOM   441  C CD  . GLU A 1 59  ? 8.606   14.432  8.383   1.00 22.04 ? 59  GLU A CD  1 
ATOM   442  O OE1 . GLU A 1 59  ? 7.632   13.686  8.627   1.00 27.18 ? 59  GLU A OE1 1 
ATOM   443  O OE2 . GLU A 1 59  ? 8.490   15.655  8.160   1.00 22.10 ? 59  GLU A OE2 1 
ATOM   444  N N   . ASN A 1 60  ? 11.505  9.418   7.430   1.00 20.55 ? 60  ASN A N   1 
ATOM   445  C CA  . ASN A 1 60  ? 11.452  7.963   7.529   1.00 20.72 ? 60  ASN A CA  1 
ATOM   446  C C   . ASN A 1 60  ? 12.850  7.359   7.733   1.00 21.89 ? 60  ASN A C   1 
ATOM   447  O O   . ASN A 1 60  ? 13.858  8.077   7.733   1.00 22.01 ? 60  ASN A O   1 
ATOM   448  C CB  . ASN A 1 60  ? 10.760  7.387   6.286   1.00 18.67 ? 60  ASN A CB  1 
ATOM   449  C CG  . ASN A 1 60  ? 9.245   7.514   6.356   1.00 19.43 ? 60  ASN A CG  1 
ATOM   450  O OD1 . ASN A 1 60  ? 8.543   7.402   5.344   1.00 22.47 ? 60  ASN A OD1 1 
ATOM   451  N ND2 . ASN A 1 60  ? 8.731   7.724   7.556   1.00 15.05 ? 60  ASN A ND2 1 
ATOM   452  N N   . ASP A 1 61  ? 12.910  6.043   7.909   1.00 21.64 ? 61  ASP A N   1 
ATOM   453  C CA  . ASP A 1 61  ? 14.180  5.373   8.173   1.00 22.60 ? 61  ASP A CA  1 
ATOM   454  C C   . ASP A 1 61  ? 14.758  4.560   7.017   1.00 22.85 ? 61  ASP A C   1 
ATOM   455  O O   . ASP A 1 61  ? 15.562  3.653   7.231   1.00 23.37 ? 61  ASP A O   1 
ATOM   456  C CB  . ASP A 1 61  ? 14.019  4.487   9.418   1.00 22.58 ? 61  ASP A CB  1 
ATOM   457  C CG  . ASP A 1 61  ? 15.354  4.084   10.043  1.00 23.39 ? 61  ASP A CG  1 
ATOM   458  O OD1 . ASP A 1 61  ? 16.355  4.805   9.856   1.00 24.14 ? 61  ASP A OD1 1 
ATOM   459  O OD2 . ASP A 1 61  ? 15.393  3.045   10.740  1.00 25.03 ? 61  ASP A OD2 1 
ATOM   460  N N   . GLY A 1 62  ? 14.364  4.891   5.792   1.00 23.63 ? 62  GLY A N   1 
ATOM   461  C CA  . GLY A 1 62  ? 14.883  4.164   4.644   1.00 22.80 ? 62  GLY A CA  1 
ATOM   462  C C   . GLY A 1 62  ? 14.541  2.688   4.695   1.00 23.50 ? 62  GLY A C   1 
ATOM   463  O O   . GLY A 1 62  ? 13.375  2.327   4.811   1.00 22.23 ? 62  GLY A O   1 
ATOM   464  N N   . CYS A 1 63  ? 15.555  1.829   4.625   1.00 23.83 ? 63  CYS A N   1 
ATOM   465  C CA  . CYS A 1 63  ? 15.317  0.391   4.667   1.00 24.23 ? 63  CYS A CA  1 
ATOM   466  C C   . CYS A 1 63  ? 15.022  -0.095  6.079   1.00 23.84 ? 63  CYS A C   1 
ATOM   467  O O   . CYS A 1 63  ? 14.897  -1.295  6.318   1.00 24.75 ? 63  CYS A O   1 
ATOM   468  C CB  . CYS A 1 63  ? 16.517  -0.365  4.090   1.00 24.82 ? 63  CYS A CB  1 
ATOM   469  S SG  . CYS A 1 63  ? 16.711  -0.109  2.303   1.00 24.70 ? 63  CYS A SG  1 
ATOM   470  N N   . GLY A 1 64  ? 14.907  0.849   7.008   1.00 24.11 ? 64  GLY A N   1 
ATOM   471  C CA  . GLY A 1 64  ? 14.618  0.517   8.392   1.00 22.10 ? 64  GLY A CA  1 
ATOM   472  C C   . GLY A 1 64  ? 13.185  0.830   8.763   1.00 22.01 ? 64  GLY A C   1 
ATOM   473  O O   . GLY A 1 64  ? 12.833  0.889   9.937   1.00 21.24 ? 64  GLY A O   1 
ATOM   474  N N   . GLY A 1 65  ? 12.345  1.040   7.758   1.00 22.99 ? 65  GLY A N   1 
ATOM   475  C CA  . GLY A 1 65  ? 10.952  1.336   8.028   1.00 21.18 ? 65  GLY A CA  1 
ATOM   476  C C   . GLY A 1 65  ? 10.584  2.788   7.806   1.00 21.98 ? 65  GLY A C   1 
ATOM   477  O O   . GLY A 1 65  ? 11.451  3.638   7.598   1.00 20.84 ? 65  GLY A O   1 
ATOM   478  N N   . GLY A 1 66  ? 9.284   3.066   7.858   1.00 22.13 ? 66  GLY A N   1 
ATOM   479  C CA  . GLY A 1 66  ? 8.794   4.416   7.665   1.00 20.97 ? 66  GLY A CA  1 
ATOM   480  C C   . GLY A 1 66  ? 7.281   4.455   7.560   1.00 20.53 ? 66  GLY A C   1 
ATOM   481  O O   . GLY A 1 66  ? 6.634   3.406   7.477   1.00 21.47 ? 66  GLY A O   1 
ATOM   482  N N   . TYR A 1 67  ? 6.720   5.665   7.561   1.00 21.75 ? 67  TYR A N   1 
ATOM   483  C CA  . TYR A 1 67  ? 5.275   5.853   7.463   1.00 20.29 ? 67  TYR A CA  1 
ATOM   484  C C   . TYR A 1 67  ? 4.852   6.351   6.090   1.00 19.85 ? 67  TYR A C   1 
ATOM   485  O O   . TYR A 1 67  ? 5.546   7.151   5.470   1.00 19.33 ? 67  TYR A O   1 
ATOM   486  C CB  . TYR A 1 67  ? 4.779   6.850   8.514   1.00 22.57 ? 67  TYR A CB  1 
ATOM   487  C CG  . TYR A 1 67  ? 4.956   6.369   9.928   1.00 24.07 ? 67  TYR A CG  1 
ATOM   488  C CD1 . TYR A 1 67  ? 6.100   6.687   10.656  1.00 24.91 ? 67  TYR A CD1 1 
ATOM   489  C CD2 . TYR A 1 67  ? 3.993   5.569   10.528  1.00 25.31 ? 67  TYR A CD2 1 
ATOM   490  C CE1 . TYR A 1 67  ? 6.276   6.216   11.942  1.00 26.95 ? 67  TYR A CE1 1 
ATOM   491  C CE2 . TYR A 1 67  ? 4.161   5.093   11.810  1.00 28.50 ? 67  TYR A CE2 1 
ATOM   492  C CZ  . TYR A 1 67  ? 5.304   5.417   12.512  1.00 28.05 ? 67  TYR A CZ  1 
ATOM   493  O OH  . TYR A 1 67  ? 5.471   4.922   13.781  1.00 30.90 ? 67  TYR A OH  1 
ATOM   494  N N   . MET A 1 68  ? 3.696   5.882   5.629   1.00 19.35 ? 68  MET A N   1 
ATOM   495  C CA  . MET A 1 68  ? 3.176   6.283   4.334   1.00 18.74 ? 68  MET A CA  1 
ATOM   496  C C   . MET A 1 68  ? 2.774   7.760   4.322   1.00 18.55 ? 68  MET A C   1 
ATOM   497  O O   . MET A 1 68  ? 3.025   8.463   3.351   1.00 17.12 ? 68  MET A O   1 
ATOM   498  C CB  . MET A 1 68  ? 1.982   5.403   3.947   1.00 19.81 ? 68  MET A CB  1 
ATOM   499  C CG  . MET A 1 68  ? 2.316   3.910   3.816   1.00 19.90 ? 68  MET A CG  1 
ATOM   500  S SD  . MET A 1 68  ? 2.437   3.019   5.395   1.00 22.88 ? 68  MET A SD  1 
ATOM   501  C CE  . MET A 1 68  ? 0.725   2.625   5.668   1.00 21.40 ? 68  MET A CE  1 
ATOM   502  N N   . THR A 1 69  ? 2.150   8.243   5.393   1.00 17.72 ? 69  THR A N   1 
ATOM   503  C CA  . THR A 1 69  ? 1.757   9.646   5.412   1.00 18.97 ? 69  THR A CA  1 
ATOM   504  C C   . THR A 1 69  ? 2.976   10.558  5.235   1.00 17.79 ? 69  THR A C   1 
ATOM   505  O O   . THR A 1 69  ? 2.890   11.570  4.548   1.00 17.68 ? 69  THR A O   1 
ATOM   506  C CB  . THR A 1 69  ? 1.007   10.015  6.706   1.00 19.66 ? 69  THR A CB  1 
ATOM   507  O OG1 . THR A 1 69  ? 1.849   9.778   7.836   1.00 22.14 ? 69  THR A OG1 1 
ATOM   508  C CG2 . THR A 1 69  ? -0.270  9.178   6.833   1.00 22.08 ? 69  THR A CG2 1 
ATOM   509  N N   . ASN A 1 70  ? 4.103   10.193  5.838   1.00 18.02 ? 70  ASN A N   1 
ATOM   510  C CA  . ASN A 1 70  ? 5.332   10.978  5.708   1.00 18.72 ? 70  ASN A CA  1 
ATOM   511  C C   . ASN A 1 70  ? 5.761   11.027  4.238   1.00 20.22 ? 70  ASN A C   1 
ATOM   512  O O   . ASN A 1 70  ? 6.286   12.035  3.758   1.00 19.81 ? 70  ASN A O   1 
ATOM   513  C CB  . ASN A 1 70  ? 6.468   10.347  6.518   1.00 18.44 ? 70  ASN A CB  1 
ATOM   514  C CG  . ASN A 1 70  ? 6.306   10.546  8.012   1.00 19.21 ? 70  ASN A CG  1 
ATOM   515  O OD1 . ASN A 1 70  ? 7.061   9.979   8.805   1.00 21.11 ? 70  ASN A OD1 1 
ATOM   516  N ND2 . ASN A 1 70  ? 5.331   11.359  8.403   1.00 15.70 ? 70  ASN A ND2 1 
ATOM   517  N N   . ALA A 1 71  ? 5.545   9.921   3.537   1.00 19.72 ? 71  ALA A N   1 
ATOM   518  C CA  . ALA A 1 71  ? 5.896   9.837   2.131   1.00 19.42 ? 71  ALA A CA  1 
ATOM   519  C C   . ALA A 1 71  ? 5.004   10.766  1.322   1.00 18.98 ? 71  ALA A C   1 
ATOM   520  O O   . ALA A 1 71  ? 5.482   11.489  0.454   1.00 19.47 ? 71  ALA A O   1 
ATOM   521  C CB  . ALA A 1 71  ? 5.751   8.403   1.638   1.00 19.56 ? 71  ALA A CB  1 
ATOM   522  N N   . PHE A 1 72  ? 3.707   10.750  1.611   1.00 17.15 ? 72  PHE A N   1 
ATOM   523  C CA  . PHE A 1 72  ? 2.772   11.611  0.900   1.00 18.18 ? 72  PHE A CA  1 
ATOM   524  C C   . PHE A 1 72  ? 3.127   13.088  1.120   1.00 19.48 ? 72  PHE A C   1 
ATOM   525  O O   . PHE A 1 72  ? 3.046   13.901  0.193   1.00 18.88 ? 72  PHE A O   1 
ATOM   526  C CB  . PHE A 1 72  ? 1.339   11.337  1.364   1.00 16.74 ? 72  PHE A CB  1 
ATOM   527  C CG  . PHE A 1 72  ? 0.886   9.926   1.119   1.00 16.80 ? 72  PHE A CG  1 
ATOM   528  C CD1 . PHE A 1 72  ? 1.302   9.243   -0.014  1.00 15.08 ? 72  PHE A CD1 1 
ATOM   529  C CD2 . PHE A 1 72  ? 0.023   9.290   2.001   1.00 17.34 ? 72  PHE A CD2 1 
ATOM   530  C CE1 . PHE A 1 72  ? 0.862   7.945   -0.268  1.00 16.29 ? 72  PHE A CE1 1 
ATOM   531  C CE2 . PHE A 1 72  ? -0.421  7.996   1.754   1.00 17.32 ? 72  PHE A CE2 1 
ATOM   532  C CZ  . PHE A 1 72  ? 0.000   7.325   0.618   1.00 17.03 ? 72  PHE A CZ  1 
ATOM   533  N N   . GLN A 1 73  ? 3.530   13.427  2.344   1.00 20.27 ? 73  GLN A N   1 
ATOM   534  C CA  . GLN A 1 73  ? 3.896   14.804  2.675   1.00 22.60 ? 73  GLN A CA  1 
ATOM   535  C C   . GLN A 1 73  ? 5.112   15.243  1.883   1.00 21.99 ? 73  GLN A C   1 
ATOM   536  O O   . GLN A 1 73  ? 5.203   16.394  1.450   1.00 22.68 ? 73  GLN A O   1 
ATOM   537  C CB  . GLN A 1 73  ? 4.208   14.945  4.162   1.00 24.83 ? 73  GLN A CB  1 
ATOM   538  C CG  . GLN A 1 73  ? 3.087   14.551  5.090   1.00 30.69 ? 73  GLN A CG  1 
ATOM   539  C CD  . GLN A 1 73  ? 3.335   15.051  6.498   1.00 32.35 ? 73  GLN A CD  1 
ATOM   540  O OE1 . GLN A 1 73  ? 4.402   14.816  7.071   1.00 34.69 ? 73  GLN A OE1 1 
ATOM   541  N NE2 . GLN A 1 73  ? 2.358   15.752  7.060   1.00 34.55 ? 73  GLN A NE2 1 
ATOM   542  N N   . TYR A 1 74  ? 6.052   14.321  1.721   1.00 21.10 ? 74  TYR A N   1 
ATOM   543  C CA  . TYR A 1 74  ? 7.267   14.581  0.971   1.00 21.11 ? 74  TYR A CA  1 
ATOM   544  C C   . TYR A 1 74  ? 6.938   14.879  -0.483  1.00 21.77 ? 74  TYR A C   1 
ATOM   545  O O   . TYR A 1 74  ? 7.391   15.872  -1.035  1.00 22.81 ? 74  TYR A O   1 
ATOM   546  C CB  . TYR A 1 74  ? 8.195   13.374  1.023   1.00 19.92 ? 74  TYR A CB  1 
ATOM   547  C CG  . TYR A 1 74  ? 9.242   13.402  -0.061  1.00 21.43 ? 74  TYR A CG  1 
ATOM   548  C CD1 . TYR A 1 74  ? 10.339  14.253  0.024   1.00 21.71 ? 74  TYR A CD1 1 
ATOM   549  C CD2 . TYR A 1 74  ? 9.118   12.599  -1.190  1.00 21.48 ? 74  TYR A CD2 1 
ATOM   550  C CE1 . TYR A 1 74  ? 11.284  14.300  -0.989  1.00 21.74 ? 74  TYR A CE1 1 
ATOM   551  C CE2 . TYR A 1 74  ? 10.054  12.640  -2.205  1.00 20.31 ? 74  TYR A CE2 1 
ATOM   552  C CZ  . TYR A 1 74  ? 11.135  13.489  -2.101  1.00 21.07 ? 74  TYR A CZ  1 
ATOM   553  O OH  . TYR A 1 74  ? 12.079  13.513  -3.105  1.00 17.18 ? 74  TYR A OH  1 
ATOM   554  N N   . VAL A 1 75  ? 6.154   14.009  -1.113  1.00 21.26 ? 75  VAL A N   1 
ATOM   555  C CA  . VAL A 1 75  ? 5.801   14.228  -2.509  1.00 20.69 ? 75  VAL A CA  1 
ATOM   556  C C   . VAL A 1 75  ? 5.186   15.610  -2.679  1.00 22.19 ? 75  VAL A C   1 
ATOM   557  O O   . VAL A 1 75  ? 5.476   16.323  -3.641  1.00 23.91 ? 75  VAL A O   1 
ATOM   558  C CB  . VAL A 1 75  ? 4.795   13.171  -3.009  1.00 21.48 ? 75  VAL A CB  1 
ATOM   559  C CG1 . VAL A 1 75  ? 4.366   13.501  -4.429  1.00 20.42 ? 75  VAL A CG1 1 
ATOM   560  C CG2 . VAL A 1 75  ? 5.427   11.789  -2.960  1.00 19.53 ? 75  VAL A CG2 1 
ATOM   561  N N   . GLN A 1 76  ? 4.331   15.981  -1.735  1.00 22.30 ? 76  GLN A N   1 
ATOM   562  C CA  . GLN A 1 76  ? 3.669   17.280  -1.771  1.00 25.02 ? 76  GLN A CA  1 
ATOM   563  C C   . GLN A 1 76  ? 4.659   18.436  -1.668  1.00 25.18 ? 76  GLN A C   1 
ATOM   564  O O   . GLN A 1 76  ? 4.643   19.354  -2.493  1.00 25.95 ? 76  GLN A O   1 
ATOM   565  C CB  . GLN A 1 76  ? 2.655   17.377  -0.635  1.00 25.65 ? 76  GLN A CB  1 
ATOM   566  C CG  . GLN A 1 76  ? 2.019   18.751  -0.474  1.00 29.23 ? 76  GLN A CG  1 
ATOM   567  C CD  . GLN A 1 76  ? 0.950   18.761  0.599   1.00 28.92 ? 76  GLN A CD  1 
ATOM   568  O OE1 . GLN A 1 76  ? 1.157   18.249  1.696   1.00 31.10 ? 76  GLN A OE1 1 
ATOM   569  N NE2 . GLN A 1 76  ? -0.196  19.349  0.291   1.00 34.83 ? 76  GLN A NE2 1 
ATOM   570  N N   . LYS A 1 77  ? 5.518   18.393  -0.654  1.00 24.81 ? 77  LYS A N   1 
ATOM   571  C CA  . LYS A 1 77  ? 6.496   19.456  -0.452  1.00 27.65 ? 77  LYS A CA  1 
ATOM   572  C C   . LYS A 1 77  ? 7.553   19.477  -1.544  1.00 28.21 ? 77  LYS A C   1 
ATOM   573  O O   . LYS A 1 77  ? 8.058   20.538  -1.914  1.00 29.02 ? 77  LYS A O   1 
ATOM   574  C CB  . LYS A 1 77  ? 7.179   19.306  0.909   1.00 31.34 ? 77  LYS A CB  1 
ATOM   575  C CG  . LYS A 1 77  ? 8.262   20.349  1.162   1.00 34.64 ? 77  LYS A CG  1 
ATOM   576  C CD  . LYS A 1 77  ? 8.862   20.216  2.552   1.00 38.10 ? 77  LYS A CD  1 
ATOM   577  C CE  . LYS A 1 77  ? 9.978   21.235  2.782   1.00 40.89 ? 77  LYS A CE  1 
ATOM   578  N NZ  . LYS A 1 77  ? 9.516   22.641  2.581   1.00 40.64 ? 77  LYS A NZ  1 
ATOM   579  N N   . ASN A 1 78  ? 7.872   18.301  -2.066  1.00 27.09 ? 78  ASN A N   1 
ATOM   580  C CA  . ASN A 1 78  ? 8.881   18.170  -3.106  1.00 26.64 ? 78  ASN A CA  1 
ATOM   581  C C   . ASN A 1 78  ? 8.321   18.559  -4.469  1.00 27.26 ? 78  ASN A C   1 
ATOM   582  O O   . ASN A 1 78  ? 9.070   18.743  -5.432  1.00 27.41 ? 78  ASN A O   1 
ATOM   583  C CB  . ASN A 1 78  ? 9.391   16.726  -3.133  1.00 25.05 ? 78  ASN A CB  1 
ATOM   584  C CG  . ASN A 1 78  ? 10.610  16.563  -4.003  1.00 25.68 ? 78  ASN A CG  1 
ATOM   585  O OD1 . ASN A 1 78  ? 11.617  17.242  -3.807  1.00 23.95 ? 78  ASN A OD1 1 
ATOM   586  N ND2 . ASN A 1 78  ? 10.530  15.665  -4.971  1.00 20.88 ? 78  ASN A ND2 1 
ATOM   587  N N   . ARG A 1 79  ? 7.001   18.699  -4.535  1.00 26.74 ? 79  ARG A N   1 
ATOM   588  C CA  . ARG A 1 79  ? 6.311   19.043  -5.772  1.00 28.74 ? 79  ARG A CA  1 
ATOM   589  C C   . ARG A 1 79  ? 6.456   17.936  -6.812  1.00 27.36 ? 79  ARG A C   1 
ATOM   590  O O   . ARG A 1 79  ? 6.560   18.206  -8.010  1.00 27.68 ? 79  ARG A O   1 
ATOM   591  C CB  . ARG A 1 79  ? 6.834   20.369  -6.334  1.00 31.39 ? 79  ARG A CB  1 
ATOM   592  C CG  . ARG A 1 79  ? 6.661   21.534  -5.371  1.00 35.71 ? 79  ARG A CG  1 
ATOM   593  C CD  . ARG A 1 79  ? 7.074   22.855  -5.995  1.00 41.01 ? 79  ARG A CD  1 
ATOM   594  N NE  . ARG A 1 79  ? 6.279   23.184  -7.176  1.00 45.36 ? 79  ARG A NE  1 
ATOM   595  C CZ  . ARG A 1 79  ? 4.950   23.252  -7.198  1.00 47.92 ? 79  ARG A CZ  1 
ATOM   596  N NH1 . ARG A 1 79  ? 4.244   23.011  -6.098  1.00 49.92 ? 79  ARG A NH1 1 
ATOM   597  N NH2 . ARG A 1 79  ? 4.324   23.565  -8.326  1.00 49.10 ? 79  ARG A NH2 1 
ATOM   598  N N   . GLY A 1 80  ? 6.469   16.689  -6.344  1.00 25.61 ? 80  GLY A N   1 
ATOM   599  C CA  . GLY A 1 80  ? 6.573   15.567  -7.258  1.00 22.45 ? 80  GLY A CA  1 
ATOM   600  C C   . GLY A 1 80  ? 7.365   14.361  -6.787  1.00 21.92 ? 80  GLY A C   1 
ATOM   601  O O   . GLY A 1 80  ? 8.157   14.436  -5.845  1.00 23.59 ? 80  GLY A O   1 
ATOM   602  N N   . ILE A 1 81  ? 7.118   13.230  -7.440  1.00 23.05 ? 81  ILE A N   1 
ATOM   603  C CA  . ILE A 1 81  ? 7.820   11.978  -7.161  1.00 22.59 ? 81  ILE A CA  1 
ATOM   604  C C   . ILE A 1 81  ? 8.184   11.409  -8.527  1.00 22.55 ? 81  ILE A C   1 
ATOM   605  O O   . ILE A 1 81  ? 7.384   11.486  -9.464  1.00 22.59 ? 81  ILE A O   1 
ATOM   606  C CB  . ILE A 1 81  ? 6.933   10.947  -6.409  1.00 23.17 ? 81  ILE A CB  1 
ATOM   607  C CG1 . ILE A 1 81  ? 7.696   9.621   -6.252  1.00 23.30 ? 81  ILE A CG1 1 
ATOM   608  C CG2 . ILE A 1 81  ? 5.630   10.724  -7.164  1.00 23.34 ? 81  ILE A CG2 1 
ATOM   609  C CD1 . ILE A 1 81  ? 6.987   8.580   -5.402  1.00 17.92 ? 81  ILE A CD1 1 
ATOM   610  N N   . ASP A 1 82  ? 9.389   10.859  -8.643  1.00 22.19 ? 82  ASP A N   1 
ATOM   611  C CA  . ASP A 1 82  ? 9.853   10.279  -9.900  1.00 24.18 ? 82  ASP A CA  1 
ATOM   612  C C   . ASP A 1 82  ? 9.208   8.949   -10.250 1.00 24.56 ? 82  ASP A C   1 
ATOM   613  O O   . ASP A 1 82  ? 8.682   8.245   -9.391  1.00 25.73 ? 82  ASP A O   1 
ATOM   614  C CB  . ASP A 1 82  ? 11.366  10.061  -9.873  1.00 24.77 ? 82  ASP A CB  1 
ATOM   615  C CG  . ASP A 1 82  ? 12.141  11.333  -10.091 1.00 23.69 ? 82  ASP A CG  1 
ATOM   616  O OD1 . ASP A 1 82  ? 11.688  12.172  -10.892 1.00 24.71 ? 82  ASP A OD1 1 
ATOM   617  O OD2 . ASP A 1 82  ? 13.214  11.481  -9.475  1.00 27.47 ? 82  ASP A OD2 1 
ATOM   618  N N   . SER A 1 83  ? 9.267   8.608   -11.532 1.00 25.12 ? 83  SER A N   1 
ATOM   619  C CA  . SER A 1 83  ? 8.731   7.344   -12.014 1.00 23.75 ? 83  SER A CA  1 
ATOM   620  C C   . SER A 1 83  ? 9.780   6.292   -11.694 1.00 25.05 ? 83  SER A C   1 
ATOM   621  O O   . SER A 1 83  ? 10.932  6.627   -11.412 1.00 23.79 ? 83  SER A O   1 
ATOM   622  C CB  . SER A 1 83  ? 8.523   7.391   -13.526 1.00 24.48 ? 83  SER A CB  1 
ATOM   623  O OG  . SER A 1 83  ? 9.770   7.522   -14.186 1.00 25.02 ? 83  SER A OG  1 
ATOM   624  N N   . GLU A 1 84  ? 9.386   5.024   -11.744 1.00 23.99 ? 84  GLU A N   1 
ATOM   625  C CA  . GLU A 1 84  ? 10.299  3.925   -11.470 1.00 26.40 ? 84  GLU A CA  1 
ATOM   626  C C   . GLU A 1 84  ? 11.454  3.939   -12.466 1.00 28.23 ? 84  GLU A C   1 
ATOM   627  O O   . GLU A 1 84  ? 12.608  3.721   -12.101 1.00 28.92 ? 84  GLU A O   1 
ATOM   628  C CB  . GLU A 1 84  ? 9.545   2.593   -11.565 1.00 26.73 ? 84  GLU A CB  1 
ATOM   629  C CG  . GLU A 1 84  ? 10.416  1.336   -11.592 1.00 29.80 ? 84  GLU A CG  1 
ATOM   630  C CD  . GLU A 1 84  ? 11.240  1.123   -10.331 1.00 30.10 ? 84  GLU A CD  1 
ATOM   631  O OE1 . GLU A 1 84  ? 10.817  1.568   -9.243  1.00 30.40 ? 84  GLU A OE1 1 
ATOM   632  O OE2 . GLU A 1 84  ? 12.310  0.483   -10.427 1.00 31.05 ? 84  GLU A OE2 1 
ATOM   633  N N   . ASP A 1 85  ? 11.134  4.208   -13.727 1.00 30.31 ? 85  ASP A N   1 
ATOM   634  C CA  . ASP A 1 85  ? 12.139  4.238   -14.784 1.00 32.74 ? 85  ASP A CA  1 
ATOM   635  C C   . ASP A 1 85  ? 13.193  5.329   -14.584 1.00 32.40 ? 85  ASP A C   1 
ATOM   636  O O   . ASP A 1 85  ? 14.381  5.113   -14.848 1.00 33.06 ? 85  ASP A O   1 
ATOM   637  C CB  . ASP A 1 85  ? 11.457  4.425   -16.144 1.00 35.90 ? 85  ASP A CB  1 
ATOM   638  C CG  . ASP A 1 85  ? 10.434  3.340   -16.445 1.00 39.95 ? 85  ASP A CG  1 
ATOM   639  O OD1 . ASP A 1 85  ? 10.726  2.151   -16.186 1.00 41.73 ? 85  ASP A OD1 1 
ATOM   640  O OD2 . ASP A 1 85  ? 9.337   3.673   -16.948 1.00 43.54 ? 85  ASP A OD2 1 
ATOM   641  N N   . ALA A 1 86  ? 12.760  6.496   -14.116 1.00 30.58 ? 86  ALA A N   1 
ATOM   642  C CA  . ALA A 1 86  ? 13.669  7.614   -13.896 1.00 30.05 ? 86  ALA A CA  1 
ATOM   643  C C   . ALA A 1 86  ? 14.480  7.464   -12.616 1.00 30.21 ? 86  ALA A C   1 
ATOM   644  O O   . ALA A 1 86  ? 15.561  8.038   -12.484 1.00 31.47 ? 86  ALA A O   1 
ATOM   645  C CB  . ALA A 1 86  ? 12.885  8.921   -13.860 1.00 30.52 ? 86  ALA A CB  1 
ATOM   646  N N   . TYR A 1 87  ? 13.956  6.688   -11.676 1.00 28.16 ? 87  TYR A N   1 
ATOM   647  C CA  . TYR A 1 87  ? 14.618  6.488   -10.396 1.00 27.62 ? 87  TYR A CA  1 
ATOM   648  C C   . TYR A 1 87  ? 14.379  5.048   -9.952  1.00 28.19 ? 87  TYR A C   1 
ATOM   649  O O   . TYR A 1 87  ? 13.558  4.784   -9.065  1.00 27.63 ? 87  TYR A O   1 
ATOM   650  C CB  . TYR A 1 87  ? 14.025  7.462   -9.373  1.00 26.08 ? 87  TYR A CB  1 
ATOM   651  C CG  . TYR A 1 87  ? 14.903  7.772   -8.186  1.00 26.11 ? 87  TYR A CG  1 
ATOM   652  C CD1 . TYR A 1 87  ? 15.746  6.809   -7.644  1.00 26.14 ? 87  TYR A CD1 1 
ATOM   653  C CD2 . TYR A 1 87  ? 14.849  9.019   -7.570  1.00 25.57 ? 87  TYR A CD2 1 
ATOM   654  C CE1 . TYR A 1 87  ? 16.510  7.081   -6.522  1.00 26.76 ? 87  TYR A CE1 1 
ATOM   655  C CE2 . TYR A 1 87  ? 15.606  9.296   -6.449  1.00 26.04 ? 87  TYR A CE2 1 
ATOM   656  C CZ  . TYR A 1 87  ? 16.434  8.326   -5.929  1.00 25.77 ? 87  TYR A CZ  1 
ATOM   657  O OH  . TYR A 1 87  ? 17.195  8.597   -4.816  1.00 24.46 ? 87  TYR A OH  1 
ATOM   658  N N   . PRO A 1 88  ? 15.105  4.097   -10.568 1.00 28.85 ? 88  PRO A N   1 
ATOM   659  C CA  . PRO A 1 88  ? 15.075  2.645   -10.345 1.00 29.31 ? 88  PRO A CA  1 
ATOM   660  C C   . PRO A 1 88  ? 15.299  2.180   -8.909  1.00 28.09 ? 88  PRO A C   1 
ATOM   661  O O   . PRO A 1 88  ? 16.050  2.792   -8.150  1.00 31.35 ? 88  PRO A O   1 
ATOM   662  C CB  . PRO A 1 88  ? 16.169  2.131   -11.282 1.00 30.20 ? 88  PRO A CB  1 
ATOM   663  C CG  . PRO A 1 88  ? 16.146  3.119   -12.396 1.00 30.42 ? 88  PRO A CG  1 
ATOM   664  C CD  . PRO A 1 88  ? 16.046  4.429   -11.654 1.00 29.58 ? 88  PRO A CD  1 
ATOM   665  N N   . TYR A 1 89  ? 14.647  1.076   -8.556  1.00 28.15 ? 89  TYR A N   1 
ATOM   666  C CA  . TYR A 1 89  ? 14.758  0.492   -7.223  1.00 27.31 ? 89  TYR A CA  1 
ATOM   667  C C   . TYR A 1 89  ? 16.009  -0.374  -7.102  1.00 28.67 ? 89  TYR A C   1 
ATOM   668  O O   . TYR A 1 89  ? 16.209  -1.296  -7.892  1.00 27.68 ? 89  TYR A O   1 
ATOM   669  C CB  . TYR A 1 89  ? 13.526  -0.365  -6.921  1.00 26.85 ? 89  TYR A CB  1 
ATOM   670  C CG  . TYR A 1 89  ? 13.494  -0.891  -5.509  1.00 26.29 ? 89  TYR A CG  1 
ATOM   671  C CD1 . TYR A 1 89  ? 13.394  -0.026  -4.430  1.00 25.23 ? 89  TYR A CD1 1 
ATOM   672  C CD2 . TYR A 1 89  ? 13.578  -2.254  -5.253  1.00 26.48 ? 89  TYR A CD2 1 
ATOM   673  C CE1 . TYR A 1 89  ? 13.381  -0.501  -3.134  1.00 23.94 ? 89  TYR A CE1 1 
ATOM   674  C CE2 . TYR A 1 89  ? 13.564  -2.740  -3.967  1.00 24.33 ? 89  TYR A CE2 1 
ATOM   675  C CZ  . TYR A 1 89  ? 13.465  -1.860  -2.908  1.00 23.23 ? 89  TYR A CZ  1 
ATOM   676  O OH  . TYR A 1 89  ? 13.447  -2.347  -1.621  1.00 21.61 ? 89  TYR A OH  1 
ATOM   677  N N   . VAL A 1 90  ? 16.845  -0.082  -6.110  1.00 28.47 ? 90  VAL A N   1 
ATOM   678  C CA  . VAL A 1 90  ? 18.072  -0.845  -5.905  1.00 30.27 ? 90  VAL A CA  1 
ATOM   679  C C   . VAL A 1 90  ? 18.091  -1.624  -4.593  1.00 30.26 ? 90  VAL A C   1 
ATOM   680  O O   . VAL A 1 90  ? 19.061  -2.318  -4.293  1.00 30.97 ? 90  VAL A O   1 
ATOM   681  C CB  . VAL A 1 90  ? 19.317  0.069   -5.976  1.00 29.82 ? 90  VAL A CB  1 
ATOM   682  C CG1 . VAL A 1 90  ? 19.495  0.586   -7.394  1.00 31.77 ? 90  VAL A CG1 1 
ATOM   683  C CG2 . VAL A 1 90  ? 19.175  1.229   -5.011  1.00 32.45 ? 90  VAL A CG2 1 
ATOM   684  N N   . GLY A 1 91  ? 17.024  -1.502  -3.809  1.00 32.41 ? 91  GLY A N   1 
ATOM   685  C CA  . GLY A 1 91  ? 16.925  -2.234  -2.555  1.00 32.05 ? 91  GLY A CA  1 
ATOM   686  C C   . GLY A 1 91  ? 17.892  -1.884  -1.441  1.00 33.02 ? 91  GLY A C   1 
ATOM   687  O O   . GLY A 1 91  ? 18.192  -2.720  -0.589  1.00 33.22 ? 91  GLY A O   1 
ATOM   688  N N   . GLN A 1 92  ? 18.380  -0.651  -1.443  1.00 33.30 ? 92  GLN A N   1 
ATOM   689  C CA  . GLN A 1 92  ? 19.300  -0.186  -0.413  1.00 34.20 ? 92  GLN A CA  1 
ATOM   690  C C   . GLN A 1 92  ? 19.305  1.333   -0.478  1.00 33.43 ? 92  GLN A C   1 
ATOM   691  O O   . GLN A 1 92  ? 19.312  1.905   -1.567  1.00 33.20 ? 92  GLN A O   1 
ATOM   692  C CB  . GLN A 1 92  ? 20.710  -0.724  -0.664  1.00 36.88 ? 92  GLN A CB  1 
ATOM   693  C CG  . GLN A 1 92  ? 21.391  -0.162  -1.903  1.00 39.06 ? 92  GLN A CG  1 
ATOM   694  C CD  . GLN A 1 92  ? 22.858  -0.552  -1.984  1.00 42.36 ? 92  GLN A CD  1 
ATOM   695  O OE1 . GLN A 1 92  ? 23.585  -0.106  -2.876  1.00 44.22 ? 92  GLN A OE1 1 
ATOM   696  N NE2 . GLN A 1 92  ? 23.300  -1.388  -1.049  1.00 42.82 ? 92  GLN A NE2 1 
ATOM   697  N N   . GLU A 1 93  ? 19.287  1.987   0.678   1.00 32.88 ? 93  GLU A N   1 
ATOM   698  C CA  . GLU A 1 93  ? 19.278  3.440   0.700   1.00 33.16 ? 93  GLU A CA  1 
ATOM   699  C C   . GLU A 1 93  ? 20.571  4.038   0.154   1.00 33.48 ? 93  GLU A C   1 
ATOM   700  O O   . GLU A 1 93  ? 21.667  3.556   0.440   1.00 34.28 ? 93  GLU A O   1 
ATOM   701  C CB  . GLU A 1 93  ? 19.029  3.960   2.122   1.00 33.45 ? 93  GLU A CB  1 
ATOM   702  C CG  . GLU A 1 93  ? 18.996  5.484   2.196   1.00 35.08 ? 93  GLU A CG  1 
ATOM   703  C CD  . GLU A 1 93  ? 18.529  6.017   3.540   1.00 34.92 ? 93  GLU A CD  1 
ATOM   704  O OE1 . GLU A 1 93  ? 18.382  5.219   4.490   1.00 33.08 ? 93  GLU A OE1 1 
ATOM   705  O OE2 . GLU A 1 93  ? 18.317  7.248   3.641   1.00 34.38 ? 93  GLU A OE2 1 
ATOM   706  N N   . GLU A 1 94  ? 20.413  5.089   -0.647  1.00 33.80 ? 94  GLU A N   1 
ATOM   707  C CA  . GLU A 1 94  ? 21.511  5.829   -1.269  1.00 33.86 ? 94  GLU A CA  1 
ATOM   708  C C   . GLU A 1 94  ? 21.154  7.313   -1.139  1.00 32.90 ? 94  GLU A C   1 
ATOM   709  O O   . GLU A 1 94  ? 20.049  7.644   -0.716  1.00 30.08 ? 94  GLU A O   1 
ATOM   710  C CB  . GLU A 1 94  ? 21.631  5.442   -2.747  1.00 35.93 ? 94  GLU A CB  1 
ATOM   711  C CG  . GLU A 1 94  ? 20.334  4.880   -3.324  1.00 40.60 ? 94  GLU A CG  1 
ATOM   712  C CD  . GLU A 1 94  ? 20.403  4.600   -4.818  1.00 43.80 ? 94  GLU A CD  1 
ATOM   713  O OE1 . GLU A 1 94  ? 21.339  3.897   -5.260  1.00 44.53 ? 94  GLU A OE1 1 
ATOM   714  O OE2 . GLU A 1 94  ? 19.506  5.080   -5.548  1.00 44.34 ? 94  GLU A OE2 1 
ATOM   715  N N   . SER A 1 95  ? 22.078  8.203   -1.491  1.00 33.61 ? 95  SER A N   1 
ATOM   716  C CA  . SER A 1 95  ? 21.805  9.638   -1.401  1.00 34.14 ? 95  SER A CA  1 
ATOM   717  C C   . SER A 1 95  ? 20.591  9.996   -2.255  1.00 33.00 ? 95  SER A C   1 
ATOM   718  O O   . SER A 1 95  ? 20.380  9.409   -3.312  1.00 32.39 ? 95  SER A O   1 
ATOM   719  C CB  . SER A 1 95  ? 23.014  10.448  -1.875  1.00 34.82 ? 95  SER A CB  1 
ATOM   720  O OG  . SER A 1 95  ? 24.059  10.419  -0.914  1.00 39.20 ? 95  SER A OG  1 
ATOM   721  N N   . CYS A 1 96  ? 19.802  10.963  -1.798  1.00 32.54 ? 96  CYS A N   1 
ATOM   722  C CA  . CYS A 1 96  ? 18.618  11.379  -2.541  1.00 32.92 ? 96  CYS A CA  1 
ATOM   723  C C   . CYS A 1 96  ? 19.001  11.835  -3.949  1.00 33.72 ? 96  CYS A C   1 
ATOM   724  O O   . CYS A 1 96  ? 19.784  12.774  -4.118  1.00 33.59 ? 96  CYS A O   1 
ATOM   725  C CB  . CYS A 1 96  ? 17.894  12.506  -1.805  1.00 31.20 ? 96  CYS A CB  1 
ATOM   726  S SG  . CYS A 1 96  ? 16.438  13.115  -2.706  1.00 29.27 ? 96  CYS A SG  1 
ATOM   727  N N   . MET A 1 97  ? 18.441  11.163  -4.953  1.00 33.27 ? 97  MET A N   1 
ATOM   728  C CA  . MET A 1 97  ? 18.733  11.464  -6.352  1.00 33.21 ? 97  MET A CA  1 
ATOM   729  C C   . MET A 1 97  ? 17.523  11.987  -7.117  1.00 31.70 ? 97  MET A C   1 
ATOM   730  O O   . MET A 1 97  ? 17.447  11.832  -8.337  1.00 30.56 ? 97  MET A O   1 
ATOM   731  C CB  . MET A 1 97  ? 19.239  10.206  -7.063  1.00 36.01 ? 97  MET A CB  1 
ATOM   732  C CG  . MET A 1 97  ? 20.458  9.553   -6.449  1.00 39.78 ? 97  MET A CG  1 
ATOM   733  S SD  . MET A 1 97  ? 20.745  7.949   -7.222  1.00 45.09 ? 97  MET A SD  1 
ATOM   734  C CE  . MET A 1 97  ? 20.984  8.454   -8.941  1.00 41.08 ? 97  MET A CE  1 
ATOM   735  N N   . TYR A 1 98  ? 16.573  12.593  -6.416  1.00 29.95 ? 98  TYR A N   1 
ATOM   736  C CA  . TYR A 1 98  ? 15.392  13.108  -7.090  1.00 28.57 ? 98  TYR A CA  1 
ATOM   737  C C   . TYR A 1 98  ? 15.762  14.035  -8.242  1.00 29.43 ? 98  TYR A C   1 
ATOM   738  O O   . TYR A 1 98  ? 16.637  14.891  -8.110  1.00 27.94 ? 98  TYR A O   1 
ATOM   739  C CB  . TYR A 1 98  ? 14.491  13.864  -6.118  1.00 27.40 ? 98  TYR A CB  1 
ATOM   740  C CG  . TYR A 1 98  ? 13.291  14.470  -6.805  1.00 25.00 ? 98  TYR A CG  1 
ATOM   741  C CD1 . TYR A 1 98  ? 12.274  13.665  -7.304  1.00 24.05 ? 98  TYR A CD1 1 
ATOM   742  C CD2 . TYR A 1 98  ? 13.195  15.841  -6.996  1.00 23.79 ? 98  TYR A CD2 1 
ATOM   743  C CE1 . TYR A 1 98  ? 11.196  14.207  -7.984  1.00 23.43 ? 98  TYR A CE1 1 
ATOM   744  C CE2 . TYR A 1 98  ? 12.120  16.395  -7.669  1.00 24.84 ? 98  TYR A CE2 1 
ATOM   745  C CZ  . TYR A 1 98  ? 11.125  15.572  -8.162  1.00 24.10 ? 98  TYR A CZ  1 
ATOM   746  O OH  . TYR A 1 98  ? 10.058  16.119  -8.837  1.00 23.52 ? 98  TYR A OH  1 
ATOM   747  N N   . ASN A 1 99  ? 15.095  13.842  -9.375  1.00 29.84 ? 99  ASN A N   1 
ATOM   748  C CA  . ASN A 1 99  ? 15.313  14.658  -10.567 1.00 30.55 ? 99  ASN A CA  1 
ATOM   749  C C   . ASN A 1 99  ? 13.939  15.063  -11.080 1.00 29.60 ? 99  ASN A C   1 
ATOM   750  O O   . ASN A 1 99  ? 13.166  14.225  -11.535 1.00 29.16 ? 99  ASN A O   1 
ATOM   751  C CB  . ASN A 1 99  ? 16.038  13.861  -11.651 1.00 31.60 ? 99  ASN A CB  1 
ATOM   752  C CG  . ASN A 1 99  ? 16.369  14.706  -12.872 1.00 32.24 ? 99  ASN A CG  1 
ATOM   753  O OD1 . ASN A 1 99  ? 15.756  15.752  -13.104 1.00 31.40 ? 99  ASN A OD1 1 
ATOM   754  N ND2 . ASN A 1 99  ? 17.336  14.249  -13.663 1.00 32.33 ? 99  ASN A ND2 1 
ATOM   755  N N   . PRO A 1 100 ? 13.627  16.363  -11.022 1.00 29.99 ? 100 PRO A N   1 
ATOM   756  C CA  . PRO A 1 100 ? 12.338  16.891  -11.472 1.00 30.52 ? 100 PRO A CA  1 
ATOM   757  C C   . PRO A 1 100 ? 11.963  16.581  -12.918 1.00 30.08 ? 100 PRO A C   1 
ATOM   758  O O   . PRO A 1 100 ? 10.785  16.578  -13.262 1.00 29.09 ? 100 PRO A O   1 
ATOM   759  C CB  . PRO A 1 100 ? 12.469  18.391  -11.203 1.00 31.77 ? 100 PRO A CB  1 
ATOM   760  C CG  . PRO A 1 100 ? 13.938  18.635  -11.338 1.00 31.03 ? 100 PRO A CG  1 
ATOM   761  C CD  . PRO A 1 100 ? 14.531  17.454  -10.619 1.00 31.43 ? 100 PRO A CD  1 
ATOM   762  N N   . THR A 1 101 ? 12.945  16.317  -13.771 1.00 29.75 ? 101 THR A N   1 
ATOM   763  C CA  . THR A 1 101 ? 12.621  16.019  -15.157 1.00 28.63 ? 101 THR A CA  1 
ATOM   764  C C   . THR A 1 101 ? 11.916  14.669  -15.255 1.00 28.55 ? 101 THR A C   1 
ATOM   765  O O   . THR A 1 101 ? 11.230  14.391  -16.236 1.00 26.87 ? 101 THR A O   1 
ATOM   766  C CB  . THR A 1 101 ? 13.880  16.006  -16.053 1.00 31.64 ? 101 THR A CB  1 
ATOM   767  O OG1 . THR A 1 101 ? 14.624  14.805  -15.829 1.00 35.28 ? 101 THR A OG1 1 
ATOM   768  C CG2 . THR A 1 101 ? 14.762  17.200  -15.740 1.00 29.10 ? 101 THR A CG2 1 
ATOM   769  N N   . GLY A 1 102 ? 12.074  13.844  -14.222 1.00 28.62 ? 102 GLY A N   1 
ATOM   770  C CA  . GLY A 1 102 ? 11.446  12.533  -14.206 1.00 28.94 ? 102 GLY A CA  1 
ATOM   771  C C   . GLY A 1 102 ? 10.161  12.472  -13.393 1.00 29.18 ? 102 GLY A C   1 
ATOM   772  O O   . GLY A 1 102 ? 9.638   11.388  -13.134 1.00 29.14 ? 102 GLY A O   1 
ATOM   773  N N   . LYS A 1 103 ? 9.654   13.635  -12.990 1.00 29.40 ? 103 LYS A N   1 
ATOM   774  C CA  . LYS A 1 103 ? 8.422   13.728  -12.205 1.00 30.01 ? 103 LYS A CA  1 
ATOM   775  C C   . LYS A 1 103 ? 7.297   12.979  -12.922 1.00 28.77 ? 103 LYS A C   1 
ATOM   776  O O   . LYS A 1 103 ? 7.066   13.198  -14.110 1.00 27.77 ? 103 LYS A O   1 
ATOM   777  C CB  . LYS A 1 103 ? 8.031   15.197  -12.038 1.00 31.39 ? 103 LYS A CB  1 
ATOM   778  C CG  . LYS A 1 103 ? 6.985   15.449  -10.972 1.00 34.25 ? 103 LYS A CG  1 
ATOM   779  C CD  . LYS A 1 103 ? 6.404   16.840  -11.107 1.00 35.77 ? 103 LYS A CD  1 
ATOM   780  C CE  . LYS A 1 103 ? 5.569   16.958  -12.369 1.00 39.74 ? 103 LYS A CE  1 
ATOM   781  N NZ  . LYS A 1 103 ? 4.405   16.008  -12.365 1.00 44.21 ? 103 LYS A NZ  1 
ATOM   782  N N   . ALA A 1 104 ? 6.588   12.109  -12.205 1.00 26.47 ? 104 ALA A N   1 
ATOM   783  C CA  . ALA A 1 104 ? 5.512   11.333  -12.818 1.00 25.61 ? 104 ALA A CA  1 
ATOM   784  C C   . ALA A 1 104 ? 4.188   11.461  -12.077 1.00 25.84 ? 104 ALA A C   1 
ATOM   785  O O   . ALA A 1 104 ? 3.186   10.871  -12.473 1.00 26.46 ? 104 ALA A O   1 
ATOM   786  C CB  . ALA A 1 104 ? 5.913   9.867   -12.914 1.00 25.84 ? 104 ALA A CB  1 
ATOM   787  N N   . ALA A 1 105 ? 4.193   12.227  -10.996 1.00 25.97 ? 105 ALA A N   1 
ATOM   788  C CA  . ALA A 1 105 ? 2.986   12.450  -10.217 1.00 26.05 ? 105 ALA A CA  1 
ATOM   789  C C   . ALA A 1 105 ? 3.311   13.379  -9.074  1.00 27.05 ? 105 ALA A C   1 
ATOM   790  O O   . ALA A 1 105 ? 4.474   13.619  -8.761  1.00 27.83 ? 105 ALA A O   1 
ATOM   791  C CB  . ALA A 1 105 ? 2.454   11.135  -9.673  1.00 27.31 ? 105 ALA A CB  1 
ATOM   792  N N   . LYS A 1 106 ? 2.274   13.922  -8.464  1.00 27.83 ? 106 LYS A N   1 
ATOM   793  C CA  . LYS A 1 106 ? 2.461   14.791  -7.327  1.00 29.74 ? 106 LYS A CA  1 
ATOM   794  C C   . LYS A 1 106 ? 1.176   14.712  -6.527  1.00 29.49 ? 106 LYS A C   1 
ATOM   795  O O   . LYS A 1 106 ? 0.220   14.075  -6.967  1.00 29.22 ? 106 LYS A O   1 
ATOM   796  C CB  . LYS A 1 106 ? 2.786   16.222  -7.783  1.00 33.31 ? 106 LYS A CB  1 
ATOM   797  C CG  . LYS A 1 106 ? 1.874   16.839  -8.816  1.00 37.31 ? 106 LYS A CG  1 
ATOM   798  C CD  . LYS A 1 106 ? 2.404   18.222  -9.216  1.00 40.44 ? 106 LYS A CD  1 
ATOM   799  C CE  . LYS A 1 106 ? 2.633   19.094  -7.980  1.00 43.15 ? 106 LYS A CE  1 
ATOM   800  N NZ  . LYS A 1 106 ? 3.129   20.471  -8.289  1.00 45.61 ? 106 LYS A NZ  1 
ATOM   801  N N   . CYS A 1 107 ? 1.155   15.300  -5.339  1.00 29.43 ? 107 CYS A N   1 
ATOM   802  C CA  . CYS A 1 107 ? -0.064  15.259  -4.545  1.00 29.49 ? 107 CYS A CA  1 
ATOM   803  C C   . CYS A 1 107 ? -0.199  16.520  -3.693  1.00 29.75 ? 107 CYS A C   1 
ATOM   804  O O   . CYS A 1 107 ? 0.784   17.209  -3.427  1.00 29.09 ? 107 CYS A O   1 
ATOM   805  C CB  . CYS A 1 107 ? -0.117  13.963  -3.707  1.00 30.91 ? 107 CYS A CB  1 
ATOM   806  S SG  . CYS A 1 107 ? 0.439   13.990  -1.986  1.00 27.20 ? 107 CYS A SG  1 
ATOM   807  N N   . ARG A 1 108 ? -1.426  16.834  -3.301  1.00 30.40 ? 108 ARG A N   1 
ATOM   808  C CA  . ARG A 1 108 ? -1.697  18.034  -2.525  1.00 32.90 ? 108 ARG A CA  1 
ATOM   809  C C   . ARG A 1 108 ? -2.067  17.742  -1.081  1.00 32.24 ? 108 ARG A C   1 
ATOM   810  O O   . ARG A 1 108 ? -2.768  18.523  -0.440  1.00 32.84 ? 108 ARG A O   1 
ATOM   811  C CB  . ARG A 1 108 ? -2.819  18.829  -3.199  1.00 35.42 ? 108 ARG A CB  1 
ATOM   812  C CG  . ARG A 1 108 ? -4.124  18.067  -3.313  1.00 38.02 ? 108 ARG A CG  1 
ATOM   813  C CD  . ARG A 1 108 ? -5.135  18.810  -4.179  1.00 40.49 ? 108 ARG A CD  1 
ATOM   814  N NE  . ARG A 1 108 ? -6.426  18.123  -4.209  1.00 42.72 ? 108 ARG A NE  1 
ATOM   815  C CZ  . ARG A 1 108 ? -7.256  18.034  -3.172  1.00 42.67 ? 108 ARG A CZ  1 
ATOM   816  N NH1 . ARG A 1 108 ? -6.936  18.591  -2.012  1.00 43.31 ? 108 ARG A NH1 1 
ATOM   817  N NH2 . ARG A 1 108 ? -8.409  17.391  -3.295  1.00 43.28 ? 108 ARG A NH2 1 
ATOM   818  N N   . GLY A 1 109 ? -1.585  16.619  -0.565  1.00 30.27 ? 109 GLY A N   1 
ATOM   819  C CA  . GLY A 1 109 ? -1.883  16.261  0.808   1.00 30.14 ? 109 GLY A CA  1 
ATOM   820  C C   . GLY A 1 109 ? -2.377  14.835  0.920   1.00 29.25 ? 109 GLY A C   1 
ATOM   821  O O   . GLY A 1 109 ? -2.263  14.054  -0.023  1.00 27.93 ? 109 GLY A O   1 
ATOM   822  N N   . TYR A 1 110 ? -2.929  14.487  2.073   1.00 27.73 ? 110 TYR A N   1 
ATOM   823  C CA  . TYR A 1 110 ? -3.430  13.138  2.278   1.00 26.64 ? 110 TYR A CA  1 
ATOM   824  C C   . TYR A 1 110 ? -4.520  13.158  3.328   1.00 25.97 ? 110 TYR A C   1 
ATOM   825  O O   . TYR A 1 110 ? -4.711  14.157  4.020   1.00 26.25 ? 110 TYR A O   1 
ATOM   826  C CB  . TYR A 1 110 ? -2.303  12.220  2.762   1.00 26.90 ? 110 TYR A CB  1 
ATOM   827  C CG  . TYR A 1 110 ? -1.850  12.537  4.174   1.00 28.84 ? 110 TYR A CG  1 
ATOM   828  C CD1 . TYR A 1 110 ? -0.961  13.577  4.425   1.00 30.81 ? 110 TYR A CD1 1 
ATOM   829  C CD2 . TYR A 1 110 ? -2.358  11.835  5.258   1.00 29.64 ? 110 TYR A CD2 1 
ATOM   830  C CE1 . TYR A 1 110 ? -0.593  13.908  5.715   1.00 31.59 ? 110 TYR A CE1 1 
ATOM   831  C CE2 . TYR A 1 110 ? -1.997  12.160  6.552   1.00 32.69 ? 110 TYR A CE2 1 
ATOM   832  C CZ  . TYR A 1 110 ? -1.117  13.197  6.772   1.00 32.21 ? 110 TYR A CZ  1 
ATOM   833  O OH  . TYR A 1 110 ? -0.764  13.525  8.059   1.00 37.36 ? 110 TYR A OH  1 
ATOM   834  N N   . ARG A 1 111 ? -5.244  12.051  3.426   1.00 24.52 ? 111 ARG A N   1 
ATOM   835  C CA  . ARG A 1 111 ? -6.297  11.896  4.415   1.00 25.44 ? 111 ARG A CA  1 
ATOM   836  C C   . ARG A 1 111 ? -6.098  10.544  5.095   1.00 24.09 ? 111 ARG A C   1 
ATOM   837  O O   . ARG A 1 111 ? -5.635  9.586   4.474   1.00 22.79 ? 111 ARG A O   1 
ATOM   838  C CB  . ARG A 1 111 ? -7.685  11.968  3.767   1.00 27.62 ? 111 ARG A CB  1 
ATOM   839  C CG  . ARG A 1 111 ? -8.217  13.389  3.583   1.00 31.51 ? 111 ARG A CG  1 
ATOM   840  C CD  . ARG A 1 111 ? -9.689  13.388  3.169   1.00 35.24 ? 111 ARG A CD  1 
ATOM   841  N NE  . ARG A 1 111 ? -10.352 14.653  3.484   1.00 41.72 ? 111 ARG A NE  1 
ATOM   842  C CZ  . ARG A 1 111 ? -10.094 15.813  2.887   1.00 42.29 ? 111 ARG A CZ  1 
ATOM   843  N NH1 . ARG A 1 111 ? -9.182  15.883  1.932   1.00 46.02 ? 111 ARG A NH1 1 
ATOM   844  N NH2 . ARG A 1 111 ? -10.750 16.907  3.249   1.00 44.60 ? 111 ARG A NH2 1 
ATOM   845  N N   . GLU A 1 112 ? -6.429  10.482  6.380   1.00 24.46 ? 112 GLU A N   1 
ATOM   846  C CA  . GLU A 1 112 ? -6.291  9.257   7.156   1.00 25.50 ? 112 GLU A CA  1 
ATOM   847  C C   . GLU A 1 112 ? -7.670  8.737   7.514   1.00 24.40 ? 112 GLU A C   1 
ATOM   848  O O   . GLU A 1 112 ? -8.557  9.510   7.879   1.00 25.18 ? 112 GLU A O   1 
ATOM   849  C CB  . GLU A 1 112 ? -5.495  9.527   8.438   1.00 28.75 ? 112 GLU A CB  1 
ATOM   850  C CG  . GLU A 1 112 ? -4.028  9.126   8.372   1.00 35.35 ? 112 GLU A CG  1 
ATOM   851  C CD  . GLU A 1 112 ? -3.762  7.741   8.957   1.00 37.76 ? 112 GLU A CD  1 
ATOM   852  O OE1 . GLU A 1 112 ? -2.660  7.196   8.729   1.00 38.46 ? 112 GLU A OE1 1 
ATOM   853  O OE2 . GLU A 1 112 ? -4.648  7.200   9.652   1.00 39.86 ? 112 GLU A OE2 1 
ATOM   854  N N   . ILE A 1 113 ? -7.853  7.429   7.389   1.00 23.81 ? 113 ILE A N   1 
ATOM   855  C CA  . ILE A 1 113 ? -9.127  6.799   7.717   1.00 22.95 ? 113 ILE A CA  1 
ATOM   856  C C   . ILE A 1 113 ? -9.262  6.808   9.236   1.00 23.48 ? 113 ILE A C   1 
ATOM   857  O O   . ILE A 1 113 ? -8.286  6.569   9.950   1.00 21.62 ? 113 ILE A O   1 
ATOM   858  C CB  . ILE A 1 113 ? -9.174  5.334   7.210   1.00 24.21 ? 113 ILE A CB  1 
ATOM   859  C CG1 . ILE A 1 113 ? -9.244  5.311   5.678   1.00 25.90 ? 113 ILE A CG1 1 
ATOM   860  C CG2 . ILE A 1 113 ? -10.369 4.607   7.804   1.00 24.38 ? 113 ILE A CG2 1 
ATOM   861  C CD1 . ILE A 1 113 ? -8.003  5.843   4.996   1.00 29.95 ? 113 ILE A CD1 1 
ATOM   862  N N   . PRO A 1 114 ? -10.462 7.121   9.755   1.00 24.67 ? 114 PRO A N   1 
ATOM   863  C CA  . PRO A 1 114 ? -10.621 7.131   11.211  1.00 26.08 ? 114 PRO A CA  1 
ATOM   864  C C   . PRO A 1 114 ? -10.114 5.799   11.752  1.00 25.67 ? 114 PRO A C   1 
ATOM   865  O O   . PRO A 1 114 ? -10.466 4.737   11.240  1.00 24.36 ? 114 PRO A O   1 
ATOM   866  C CB  . PRO A 1 114 ? -12.124 7.314   11.383  1.00 25.41 ? 114 PRO A CB  1 
ATOM   867  C CG  . PRO A 1 114 ? -12.466 8.200   10.223  1.00 25.95 ? 114 PRO A CG  1 
ATOM   868  C CD  . PRO A 1 114 ? -11.701 7.557   9.088   1.00 25.07 ? 114 PRO A CD  1 
ATOM   869  N N   . GLU A 1 115 ? -9.273  5.859   12.776  1.00 26.32 ? 115 GLU A N   1 
ATOM   870  C CA  . GLU A 1 115 ? -8.687  4.654   13.346  1.00 26.97 ? 115 GLU A CA  1 
ATOM   871  C C   . GLU A 1 115 ? -9.664  3.543   13.721  1.00 25.72 ? 115 GLU A C   1 
ATOM   872  O O   . GLU A 1 115 ? -10.614 3.767   14.471  1.00 27.54 ? 115 GLU A O   1 
ATOM   873  C CB  . GLU A 1 115 ? -7.841  5.020   14.566  1.00 28.80 ? 115 GLU A CB  1 
ATOM   874  C CG  . GLU A 1 115 ? -7.401  3.832   15.389  1.00 30.89 ? 115 GLU A CG  1 
ATOM   875  C CD  . GLU A 1 115 ? -6.543  4.242   16.564  1.00 33.15 ? 115 GLU A CD  1 
ATOM   876  O OE1 . GLU A 1 115 ? -5.304  4.253   16.424  1.00 32.37 ? 115 GLU A OE1 1 
ATOM   877  O OE2 . GLU A 1 115 ? -7.114  4.573   17.625  1.00 33.18 ? 115 GLU A OE2 1 
ATOM   878  N N   . GLY A 1 116 ? -9.416  2.350   13.188  1.00 23.58 ? 116 GLY A N   1 
ATOM   879  C CA  . GLY A 1 116 ? -10.241 1.186   13.480  1.00 23.71 ? 116 GLY A CA  1 
ATOM   880  C C   . GLY A 1 116 ? -11.585 1.094   12.783  1.00 22.91 ? 116 GLY A C   1 
ATOM   881  O O   . GLY A 1 116 ? -12.316 0.128   12.981  1.00 23.01 ? 116 GLY A O   1 
ATOM   882  N N   . ASN A 1 117 ? -11.909 2.079   11.955  1.00 23.44 ? 117 ASN A N   1 
ATOM   883  C CA  . ASN A 1 117 ? -13.194 2.101   11.257  1.00 23.41 ? 117 ASN A CA  1 
ATOM   884  C C   . ASN A 1 117 ? -13.151 1.387   9.906   1.00 23.11 ? 117 ASN A C   1 
ATOM   885  O O   . ASN A 1 117 ? -12.745 1.981   8.906   1.00 22.45 ? 117 ASN A O   1 
ATOM   886  C CB  . ASN A 1 117 ? -13.637 3.550   11.045  1.00 23.04 ? 117 ASN A CB  1 
ATOM   887  C CG  . ASN A 1 117 ? -15.101 3.661   10.682  1.00 24.65 ? 117 ASN A CG  1 
ATOM   888  O OD1 . ASN A 1 117 ? -15.648 2.787   10.014  1.00 24.08 ? 117 ASN A OD1 1 
ATOM   889  N ND2 . ASN A 1 117 ? -15.745 4.741   11.117  1.00 27.15 ? 117 ASN A ND2 1 
ATOM   890  N N   . GLU A 1 118 ? -13.589 0.129   9.868   1.00 23.47 ? 118 GLU A N   1 
ATOM   891  C CA  . GLU A 1 118 ? -13.572 -0.637  8.621   1.00 24.36 ? 118 GLU A CA  1 
ATOM   892  C C   . GLU A 1 118 ? -14.654 -0.210  7.636   1.00 24.50 ? 118 GLU A C   1 
ATOM   893  O O   . GLU A 1 118 ? -14.520 -0.434  6.433   1.00 22.70 ? 118 GLU A O   1 
ATOM   894  C CB  . GLU A 1 118 ? -13.704 -2.139  8.897   1.00 24.62 ? 118 GLU A CB  1 
ATOM   895  C CG  . GLU A 1 118 ? -12.519 -2.752  9.635   1.00 25.35 ? 118 GLU A CG  1 
ATOM   896  C CD  . GLU A 1 118 ? -12.621 -4.265  9.725   1.00 26.85 ? 118 GLU A CD  1 
ATOM   897  O OE1 . GLU A 1 118 ? -12.374 -4.943  8.704   1.00 25.91 ? 118 GLU A OE1 1 
ATOM   898  O OE2 . GLU A 1 118 ? -12.966 -4.772  10.816  1.00 24.75 ? 118 GLU A OE2 1 
ATOM   899  N N   . LYS A 1 119 ? -15.735 0.384   8.140   1.00 25.17 ? 119 LYS A N   1 
ATOM   900  C CA  . LYS A 1 119 ? -16.797 0.846   7.256   1.00 25.06 ? 119 LYS A CA  1 
ATOM   901  C C   . LYS A 1 119 ? -16.248 2.048   6.489   1.00 23.62 ? 119 LYS A C   1 
ATOM   902  O O   . LYS A 1 119 ? -16.482 2.195   5.285   1.00 22.33 ? 119 LYS A O   1 
ATOM   903  C CB  . LYS A 1 119 ? -18.045 1.248   8.056   1.00 28.54 ? 119 LYS A CB  1 
ATOM   904  C CG  . LYS A 1 119 ? -18.662 0.107   8.866   1.00 31.71 ? 119 LYS A CG  1 
ATOM   905  C CD  . LYS A 1 119 ? -18.694 -1.205  8.076   1.00 36.04 ? 119 LYS A CD  1 
ATOM   906  C CE  . LYS A 1 119 ? -19.513 -1.088  6.789   1.00 38.99 ? 119 LYS A CE  1 
ATOM   907  N NZ  . LYS A 1 119 ? -19.467 -2.337  5.965   1.00 37.37 ? 119 LYS A NZ  1 
ATOM   908  N N   . ALA A 1 120 ? -15.506 2.895   7.196   1.00 21.32 ? 120 ALA A N   1 
ATOM   909  C CA  . ALA A 1 120 ? -14.898 4.070   6.588   1.00 21.36 ? 120 ALA A CA  1 
ATOM   910  C C   . ALA A 1 120 ? -13.821 3.628   5.598   1.00 19.94 ? 120 ALA A C   1 
ATOM   911  O O   . ALA A 1 120 ? -13.658 4.232   4.543   1.00 21.78 ? 120 ALA A O   1 
ATOM   912  C CB  . ALA A 1 120 ? -14.293 4.961   7.664   1.00 21.89 ? 120 ALA A CB  1 
ATOM   913  N N   . LEU A 1 121 ? -13.087 2.574   5.933   1.00 19.53 ? 121 LEU A N   1 
ATOM   914  C CA  . LEU A 1 121 ? -12.055 2.091   5.020   1.00 20.52 ? 121 LEU A CA  1 
ATOM   915  C C   . LEU A 1 121 ? -12.729 1.552   3.765   1.00 20.06 ? 121 LEU A C   1 
ATOM   916  O O   . LEU A 1 121 ? -12.251 1.777   2.658   1.00 22.63 ? 121 LEU A O   1 
ATOM   917  C CB  . LEU A 1 121 ? -11.200 0.996   5.673   1.00 19.52 ? 121 LEU A CB  1 
ATOM   918  C CG  . LEU A 1 121 ? -10.110 0.372   4.781   1.00 17.29 ? 121 LEU A CG  1 
ATOM   919  C CD1 . LEU A 1 121 ? -9.195  1.466   4.236   1.00 19.27 ? 121 LEU A CD1 1 
ATOM   920  C CD2 . LEU A 1 121 ? -9.305  -0.658  5.576   1.00 18.15 ? 121 LEU A CD2 1 
ATOM   921  N N   . LYS A 1 122 ? -13.848 0.853   3.938   1.00 20.28 ? 122 LYS A N   1 
ATOM   922  C CA  . LYS A 1 122 ? -14.575 0.301   2.801   1.00 19.60 ? 122 LYS A CA  1 
ATOM   923  C C   . LYS A 1 122 ? -15.024 1.438   1.888   1.00 21.35 ? 122 LYS A C   1 
ATOM   924  O O   . LYS A 1 122 ? -14.884 1.370   0.667   1.00 20.53 ? 122 LYS A O   1 
ATOM   925  C CB  . LYS A 1 122 ? -15.808 -0.482  3.267   1.00 20.66 ? 122 LYS A CB  1 
ATOM   926  C CG  . LYS A 1 122 ? -16.598 -1.101  2.120   1.00 23.67 ? 122 LYS A CG  1 
ATOM   927  C CD  . LYS A 1 122 ? -17.941 -1.670  2.585   1.00 28.27 ? 122 LYS A CD  1 
ATOM   928  C CE  . LYS A 1 122 ? -18.825 -2.022  1.389   1.00 31.27 ? 122 LYS A CE  1 
ATOM   929  N NZ  . LYS A 1 122 ? -20.254 -2.294  1.770   1.00 31.96 ? 122 LYS A NZ  1 
ATOM   930  N N   . ARG A 1 123 ? -15.571 2.487   2.489   1.00 20.38 ? 123 ARG A N   1 
ATOM   931  C CA  . ARG A 1 123 ? -16.034 3.630   1.714   1.00 20.93 ? 123 ARG A CA  1 
ATOM   932  C C   . ARG A 1 123 ? -14.871 4.286   0.980   1.00 20.49 ? 123 ARG A C   1 
ATOM   933  O O   . ARG A 1 123 ? -15.010 4.707   -0.174  1.00 19.85 ? 123 ARG A O   1 
ATOM   934  C CB  . ARG A 1 123 ? -16.718 4.639   2.634   1.00 22.93 ? 123 ARG A CB  1 
ATOM   935  C CG  . ARG A 1 123 ? -18.162 4.281   2.962   1.00 28.71 ? 123 ARG A CG  1 
ATOM   936  C CD  . ARG A 1 123 ? -18.507 4.704   4.382   1.00 35.30 ? 123 ARG A CD  1 
ATOM   937  N NE  . ARG A 1 123 ? -17.969 6.025   4.698   1.00 38.12 ? 123 ARG A NE  1 
ATOM   938  C CZ  . ARG A 1 123 ? -17.754 6.470   5.931   1.00 40.18 ? 123 ARG A CZ  1 
ATOM   939  N NH1 . ARG A 1 123 ? -18.032 5.698   6.978   1.00 39.95 ? 123 ARG A NH1 1 
ATOM   940  N NH2 . ARG A 1 123 ? -17.250 7.683   6.118   1.00 41.20 ? 123 ARG A NH2 1 
ATOM   941  N N   . ALA A 1 124 ? -13.720 4.368   1.637   1.00 18.95 ? 124 ALA A N   1 
ATOM   942  C CA  . ALA A 1 124 ? -12.560 4.982   0.996   1.00 18.81 ? 124 ALA A CA  1 
ATOM   943  C C   . ALA A 1 124 ? -12.067 4.127   -0.170  1.00 18.34 ? 124 ALA A C   1 
ATOM   944  O O   . ALA A 1 124 ? -11.684 4.650   -1.214  1.00 19.38 ? 124 ALA A O   1 
ATOM   945  C CB  . ALA A 1 124 ? -11.437 5.197   2.018   1.00 19.53 ? 124 ALA A CB  1 
ATOM   946  N N   . VAL A 1 125 ? -12.075 2.810   -0.006  1.00 17.69 ? 125 VAL A N   1 
ATOM   947  C CA  . VAL A 1 125 ? -11.618 1.943   -1.086  1.00 17.75 ? 125 VAL A CA  1 
ATOM   948  C C   . VAL A 1 125 ? -12.561 2.044   -2.283  1.00 17.55 ? 125 VAL A C   1 
ATOM   949  O O   . VAL A 1 125 ? -12.126 2.023   -3.427  1.00 18.26 ? 125 VAL A O   1 
ATOM   950  C CB  . VAL A 1 125 ? -11.518 0.476   -0.618  1.00 18.63 ? 125 VAL A CB  1 
ATOM   951  C CG1 . VAL A 1 125 ? -11.316 -0.449  -1.810  1.00 20.21 ? 125 VAL A CG1 1 
ATOM   952  C CG2 . VAL A 1 125 ? -10.349 0.333   0.351   1.00 18.87 ? 125 VAL A CG2 1 
ATOM   953  N N   . ALA A 1 126 ? -13.852 2.180   -2.016  1.00 17.38 ? 126 ALA A N   1 
ATOM   954  C CA  . ALA A 1 126 ? -14.821 2.285   -3.102  1.00 17.65 ? 126 ALA A CA  1 
ATOM   955  C C   . ALA A 1 126 ? -14.834 3.656   -3.785  1.00 18.30 ? 126 ALA A C   1 
ATOM   956  O O   . ALA A 1 126 ? -14.961 3.747   -5.008  1.00 18.25 ? 126 ALA A O   1 
ATOM   957  C CB  . ALA A 1 126 ? -16.216 1.963   -2.574  1.00 17.36 ? 126 ALA A CB  1 
ATOM   958  N N   . ARG A 1 127 ? -14.698 4.715   -2.994  1.00 18.24 ? 127 ARG A N   1 
ATOM   959  C CA  . ARG A 1 127 ? -14.754 6.086   -3.503  1.00 18.25 ? 127 ARG A CA  1 
ATOM   960  C C   . ARG A 1 127 ? -13.421 6.732   -3.868  1.00 19.65 ? 127 ARG A C   1 
ATOM   961  O O   . ARG A 1 127 ? -13.379 7.692   -4.642  1.00 19.68 ? 127 ARG A O   1 
ATOM   962  C CB  . ARG A 1 127 ? -15.479 6.974   -2.486  1.00 17.91 ? 127 ARG A CB  1 
ATOM   963  C CG  . ARG A 1 127 ? -16.892 6.522   -2.213  1.00 16.18 ? 127 ARG A CG  1 
ATOM   964  C CD  . ARG A 1 127 ? -17.513 7.190   -0.999  1.00 20.13 ? 127 ARG A CD  1 
ATOM   965  N NE  . ARG A 1 127 ? -18.794 6.566   -0.680  1.00 20.18 ? 127 ARG A NE  1 
ATOM   966  C CZ  . ARG A 1 127 ? -19.557 6.908   0.352   1.00 21.74 ? 127 ARG A CZ  1 
ATOM   967  N NH1 . ARG A 1 127 ? -19.167 7.872   1.173   1.00 21.79 ? 127 ARG A NH1 1 
ATOM   968  N NH2 . ARG A 1 127 ? -20.707 6.281   0.564   1.00 23.06 ? 127 ARG A NH2 1 
ATOM   969  N N   . VAL A 1 128 ? -12.331 6.220   -3.313  1.00 19.49 ? 128 VAL A N   1 
ATOM   970  C CA  . VAL A 1 128 ? -11.026 6.792   -3.612  1.00 19.89 ? 128 VAL A CA  1 
ATOM   971  C C   . VAL A 1 128 ? -10.206 5.875   -4.515  1.00 19.81 ? 128 VAL A C   1 
ATOM   972  O O   . VAL A 1 128 ? -9.731  6.287   -5.573  1.00 18.21 ? 128 VAL A O   1 
ATOM   973  C CB  . VAL A 1 128 ? -10.227 7.069   -2.315  1.00 21.16 ? 128 VAL A CB  1 
ATOM   974  C CG1 . VAL A 1 128 ? -8.864  7.646   -2.658  1.00 22.60 ? 128 VAL A CG1 1 
ATOM   975  C CG2 . VAL A 1 128 ? -11.002 8.028   -1.423  1.00 22.47 ? 128 VAL A CG2 1 
ATOM   976  N N   . GLY A 1 129 ? -10.061 4.624   -4.091  1.00 19.83 ? 129 GLY A N   1 
ATOM   977  C CA  . GLY A 1 129 ? -9.281  3.658   -4.840  1.00 20.11 ? 129 GLY A CA  1 
ATOM   978  C C   . GLY A 1 129 ? -8.361  2.949   -3.864  1.00 20.11 ? 129 GLY A C   1 
ATOM   979  O O   . GLY A 1 129 ? -8.660  2.918   -2.669  1.00 20.91 ? 129 GLY A O   1 
ATOM   980  N N   . PRO A 1 130 ? -7.241  2.370   -4.326  1.00 19.96 ? 130 PRO A N   1 
ATOM   981  C CA  . PRO A 1 130 ? -6.308  1.673   -3.433  1.00 19.07 ? 130 PRO A CA  1 
ATOM   982  C C   . PRO A 1 130 ? -5.911  2.564   -2.252  1.00 18.52 ? 130 PRO A C   1 
ATOM   983  O O   . PRO A 1 130 ? -5.611  3.740   -2.436  1.00 19.08 ? 130 PRO A O   1 
ATOM   984  C CB  . PRO A 1 130 ? -5.130  1.357   -4.353  1.00 19.96 ? 130 PRO A CB  1 
ATOM   985  C CG  . PRO A 1 130 ? -5.812  1.124   -5.677  1.00 21.30 ? 130 PRO A CG  1 
ATOM   986  C CD  . PRO A 1 130 ? -6.789  2.285   -5.728  1.00 19.99 ? 130 PRO A CD  1 
ATOM   987  N N   . VAL A 1 131 ? -5.924  1.995   -1.046  1.00 17.56 ? 131 VAL A N   1 
ATOM   988  C CA  . VAL A 1 131 ? -5.591  2.728   0.181   1.00 16.74 ? 131 VAL A CA  1 
ATOM   989  C C   . VAL A 1 131 ? -4.387  2.104   0.897   1.00 17.23 ? 131 VAL A C   1 
ATOM   990  O O   . VAL A 1 131 ? -4.326  0.892   1.065   1.00 17.51 ? 131 VAL A O   1 
ATOM   991  C CB  . VAL A 1 131 ? -6.805  2.725   1.161   1.00 17.55 ? 131 VAL A CB  1 
ATOM   992  C CG1 . VAL A 1 131 ? -6.396  3.311   2.522   1.00 17.29 ? 131 VAL A CG1 1 
ATOM   993  C CG2 . VAL A 1 131 ? -7.954  3.521   0.568   1.00 16.45 ? 131 VAL A CG2 1 
ATOM   994  N N   . SER A 1 132 ? -3.429  2.930   1.318   1.00 16.45 ? 132 SER A N   1 
ATOM   995  C CA  . SER A 1 132 ? -2.264  2.422   2.038   1.00 15.76 ? 132 SER A CA  1 
ATOM   996  C C   . SER A 1 132 ? -2.705  2.010   3.440   1.00 17.27 ? 132 SER A C   1 
ATOM   997  O O   . SER A 1 132 ? -3.402  2.770   4.106   1.00 19.27 ? 132 SER A O   1 
ATOM   998  C CB  . SER A 1 132 ? -1.187  3.506   2.175   1.00 15.30 ? 132 SER A CB  1 
ATOM   999  O OG  . SER A 1 132 ? -0.640  3.854   0.920   1.00 17.98 ? 132 SER A OG  1 
ATOM   1000 N N   . VAL A 1 133 ? -2.304  0.822   3.885   1.00 16.15 ? 133 VAL A N   1 
ATOM   1001 C CA  . VAL A 1 133 ? -2.652  0.363   5.229   1.00 18.19 ? 133 VAL A CA  1 
ATOM   1002 C C   . VAL A 1 133 ? -1.481  -0.350  5.892   1.00 18.85 ? 133 VAL A C   1 
ATOM   1003 O O   . VAL A 1 133 ? -0.515  -0.728  5.232   1.00 18.13 ? 133 VAL A O   1 
ATOM   1004 C CB  . VAL A 1 133 ? -3.860  -0.603  5.221   1.00 18.70 ? 133 VAL A CB  1 
ATOM   1005 C CG1 . VAL A 1 133 ? -5.044  0.053   4.546   1.00 17.27 ? 133 VAL A CG1 1 
ATOM   1006 C CG2 . VAL A 1 133 ? -3.477  -1.913  4.542   1.00 18.72 ? 133 VAL A CG2 1 
ATOM   1007 N N   . ALA A 1 134 ? -1.561  -0.515  7.209   1.00 19.32 ? 134 ALA A N   1 
ATOM   1008 C CA  . ALA A 1 134 ? -0.511  -1.206  7.946   1.00 19.67 ? 134 ALA A CA  1 
ATOM   1009 C C   . ALA A 1 134 ? -1.165  -2.306  8.769   1.00 19.73 ? 134 ALA A C   1 
ATOM   1010 O O   . ALA A 1 134 ? -2.292  -2.155  9.246   1.00 19.78 ? 134 ALA A O   1 
ATOM   1011 C CB  . ALA A 1 134 ? 0.231   -0.244  8.845   1.00 19.77 ? 134 ALA A CB  1 
ATOM   1012 N N   . ILE A 1 135 ? -0.457  -3.414  8.933   1.00 19.74 ? 135 ILE A N   1 
ATOM   1013 C CA  . ILE A 1 135 ? -0.993  -4.547  9.668   1.00 20.04 ? 135 ILE A CA  1 
ATOM   1014 C C   . ILE A 1 135 ? 0.084   -5.270  10.453  1.00 21.86 ? 135 ILE A C   1 
ATOM   1015 O O   . ILE A 1 135 ? 1.268   -4.940  10.366  1.00 21.00 ? 135 ILE A O   1 
ATOM   1016 C CB  . ILE A 1 135 ? -1.589  -5.575  8.699   1.00 21.32 ? 135 ILE A CB  1 
ATOM   1017 C CG1 . ILE A 1 135 ? -0.539  -5.917  7.630   1.00 20.68 ? 135 ILE A CG1 1 
ATOM   1018 C CG2 . ILE A 1 135 ? -2.862  -5.025  8.076   1.00 19.12 ? 135 ILE A CG2 1 
ATOM   1019 C CD1 . ILE A 1 135 ? -0.797  -7.210  6.878   1.00 19.36 ? 135 ILE A CD1 1 
ATOM   1020 N N   . ASP A 1 136 ? -0.351  -6.249  11.238  1.00 22.12 ? 136 ASP A N   1 
ATOM   1021 C CA  . ASP A 1 136 ? 0.571   -7.095  11.976  1.00 23.03 ? 136 ASP A CA  1 
ATOM   1022 C C   . ASP A 1 136 ? 0.732   -8.263  11.015  1.00 22.16 ? 136 ASP A C   1 
ATOM   1023 O O   . ASP A 1 136 ? -0.225  -8.990  10.762  1.00 22.88 ? 136 ASP A O   1 
ATOM   1024 C CB  . ASP A 1 136 ? -0.052  -7.583  13.292  1.00 24.69 ? 136 ASP A CB  1 
ATOM   1025 C CG  . ASP A 1 136 ? 0.737   -8.722  13.928  1.00 26.52 ? 136 ASP A CG  1 
ATOM   1026 O OD1 . ASP A 1 136 ? 1.934   -8.883  13.598  1.00 25.35 ? 136 ASP A OD1 1 
ATOM   1027 O OD2 . ASP A 1 136 ? 0.165   -9.452  14.771  1.00 27.51 ? 136 ASP A OD2 1 
ATOM   1028 N N   . ALA A 1 137 ? 1.925   -8.408  10.447  1.00 22.10 ? 137 ALA A N   1 
ATOM   1029 C CA  . ALA A 1 137 ? 2.209   -9.491  9.510   1.00 21.94 ? 137 ALA A CA  1 
ATOM   1030 C C   . ALA A 1 137 ? 3.281   -10.403 10.087  1.00 22.42 ? 137 ALA A C   1 
ATOM   1031 O O   . ALA A 1 137 ? 3.910   -11.176 9.360   1.00 24.14 ? 137 ALA A O   1 
ATOM   1032 C CB  . ALA A 1 137 ? 2.681   -8.921  8.173   1.00 20.99 ? 137 ALA A CB  1 
ATOM   1033 N N   . SER A 1 138 ? 3.474   -10.316 11.398  1.00 21.92 ? 138 SER A N   1 
ATOM   1034 C CA  . SER A 1 138 ? 4.492   -11.105 12.080  1.00 22.44 ? 138 SER A CA  1 
ATOM   1035 C C   . SER A 1 138 ? 4.155   -12.582 12.264  1.00 22.93 ? 138 SER A C   1 
ATOM   1036 O O   . SER A 1 138 ? 5.060   -13.405 12.396  1.00 23.11 ? 138 SER A O   1 
ATOM   1037 C CB  . SER A 1 138 ? 4.792   -10.491 13.450  1.00 22.80 ? 138 SER A CB  1 
ATOM   1038 O OG  . SER A 1 138 ? 3.698   -10.679 14.337  1.00 24.16 ? 138 SER A OG  1 
ATOM   1039 N N   . LEU A 1 139 ? 2.870   -12.927 12.280  1.00 22.52 ? 139 LEU A N   1 
ATOM   1040 C CA  . LEU A 1 139 ? 2.480   -14.321 12.480  1.00 22.68 ? 139 LEU A CA  1 
ATOM   1041 C C   . LEU A 1 139 ? 3.009   -15.219 11.370  1.00 23.10 ? 139 LEU A C   1 
ATOM   1042 O O   . LEU A 1 139 ? 2.965   -14.862 10.196  1.00 21.85 ? 139 LEU A O   1 
ATOM   1043 C CB  . LEU A 1 139 ? 0.959   -14.464 12.549  1.00 20.75 ? 139 LEU A CB  1 
ATOM   1044 C CG  . LEU A 1 139 ? 0.258   -13.709 13.682  1.00 22.92 ? 139 LEU A CG  1 
ATOM   1045 C CD1 . LEU A 1 139 ? -1.221  -14.073 13.683  1.00 22.46 ? 139 LEU A CD1 1 
ATOM   1046 C CD2 . LEU A 1 139 ? 0.895   -14.060 15.017  1.00 24.55 ? 139 LEU A CD2 1 
ATOM   1047 N N   . THR A 1 140 ? 3.494   -16.396 11.740  1.00 22.66 ? 140 THR A N   1 
ATOM   1048 C CA  . THR A 1 140 ? 4.030   -17.305 10.739  1.00 24.48 ? 140 THR A CA  1 
ATOM   1049 C C   . THR A 1 140 ? 2.951   -17.717 9.735   1.00 23.42 ? 140 THR A C   1 
ATOM   1050 O O   . THR A 1 140 ? 3.241   -17.901 8.549   1.00 23.22 ? 140 THR A O   1 
ATOM   1051 C CB  . THR A 1 140 ? 4.645   -18.559 11.398  1.00 25.63 ? 140 THR A CB  1 
ATOM   1052 O OG1 . THR A 1 140 ? 3.613   -19.344 12.000  1.00 32.20 ? 140 THR A OG1 1 
ATOM   1053 C CG2 . THR A 1 140 ? 5.634   -18.150 12.473  1.00 26.52 ? 140 THR A CG2 1 
ATOM   1054 N N   . SER A 1 141 ? 1.708   -17.843 10.199  1.00 21.45 ? 141 SER A N   1 
ATOM   1055 C CA  . SER A 1 141 ? 0.615   -18.242 9.310   1.00 22.21 ? 141 SER A CA  1 
ATOM   1056 C C   . SER A 1 141 ? 0.301   -17.170 8.270   1.00 21.66 ? 141 SER A C   1 
ATOM   1057 O O   . SER A 1 141 ? -0.219  -17.473 7.187   1.00 20.34 ? 141 SER A O   1 
ATOM   1058 C CB  . SER A 1 141 ? -0.650  -18.579 10.109  1.00 20.99 ? 141 SER A CB  1 
ATOM   1059 O OG  . SER A 1 141 ? -1.116  -17.470 10.848  1.00 23.47 ? 141 SER A OG  1 
ATOM   1060 N N   . PHE A 1 142 ? 0.608   -15.920 8.593   1.00 20.33 ? 142 PHE A N   1 
ATOM   1061 C CA  . PHE A 1 142 ? 0.375   -14.847 7.637   1.00 22.60 ? 142 PHE A CA  1 
ATOM   1062 C C   . PHE A 1 142 ? 1.422   -14.995 6.543   1.00 21.50 ? 142 PHE A C   1 
ATOM   1063 O O   . PHE A 1 142 ? 1.110   -14.959 5.356   1.00 21.52 ? 142 PHE A O   1 
ATOM   1064 C CB  . PHE A 1 142 ? 0.542   -13.476 8.292   1.00 21.91 ? 142 PHE A CB  1 
ATOM   1065 C CG  . PHE A 1 142 ? 0.471   -12.330 7.317   1.00 22.30 ? 142 PHE A CG  1 
ATOM   1066 C CD1 . PHE A 1 142 ? -0.737  -11.708 7.039   1.00 23.46 ? 142 PHE A CD1 1 
ATOM   1067 C CD2 . PHE A 1 142 ? 1.606   -11.902 6.648   1.00 21.93 ? 142 PHE A CD2 1 
ATOM   1068 C CE1 . PHE A 1 142 ? -0.810  -10.682 6.108   1.00 23.34 ? 142 PHE A CE1 1 
ATOM   1069 C CE2 . PHE A 1 142 ? 1.540   -10.879 5.716   1.00 21.78 ? 142 PHE A CE2 1 
ATOM   1070 C CZ  . PHE A 1 142 ? 0.328   -10.269 5.446   1.00 20.56 ? 142 PHE A CZ  1 
ATOM   1071 N N   . GLN A 1 143 ? 2.669   -15.175 6.962   1.00 21.00 ? 143 GLN A N   1 
ATOM   1072 C CA  . GLN A 1 143 ? 3.770   -15.295 6.020   1.00 19.13 ? 143 GLN A CA  1 
ATOM   1073 C C   . GLN A 1 143 ? 3.666   -16.478 5.067   1.00 18.97 ? 143 GLN A C   1 
ATOM   1074 O O   . GLN A 1 143 ? 4.079   -16.364 3.912   1.00 18.88 ? 143 GLN A O   1 
ATOM   1075 C CB  . GLN A 1 143 ? 5.096   -15.318 6.786   1.00 19.28 ? 143 GLN A CB  1 
ATOM   1076 C CG  . GLN A 1 143 ? 5.283   -14.069 7.633   1.00 20.77 ? 143 GLN A CG  1 
ATOM   1077 C CD  . GLN A 1 143 ? 6.575   -14.075 8.428   1.00 22.22 ? 143 GLN A CD  1 
ATOM   1078 O OE1 . GLN A 1 143 ? 7.664   -13.932 7.872   1.00 21.51 ? 143 GLN A OE1 1 
ATOM   1079 N NE2 . GLN A 1 143 ? 6.458   -14.244 9.740   1.00 21.14 ? 143 GLN A NE2 1 
ATOM   1080 N N   . PHE A 1 144 ? 3.118   -17.607 5.513   1.00 19.10 ? 144 PHE A N   1 
ATOM   1081 C CA  . PHE A 1 144 ? 3.006   -18.729 4.588   1.00 21.17 ? 144 PHE A CA  1 
ATOM   1082 C C   . PHE A 1 144 ? 1.629   -18.858 3.938   1.00 20.37 ? 144 PHE A C   1 
ATOM   1083 O O   . PHE A 1 144 ? 1.305   -19.885 3.335   1.00 19.33 ? 144 PHE A O   1 
ATOM   1084 C CB  . PHE A 1 144 ? 3.453   -20.064 5.235   1.00 21.68 ? 144 PHE A CB  1 
ATOM   1085 C CG  . PHE A 1 144 ? 2.645   -20.503 6.439   1.00 26.69 ? 144 PHE A CG  1 
ATOM   1086 C CD1 . PHE A 1 144 ? 1.266   -20.629 6.376   1.00 25.57 ? 144 PHE A CD1 1 
ATOM   1087 C CD2 . PHE A 1 144 ? 3.289   -20.860 7.617   1.00 26.66 ? 144 PHE A CD2 1 
ATOM   1088 C CE1 . PHE A 1 144 ? 0.544   -21.106 7.461   1.00 28.23 ? 144 PHE A CE1 1 
ATOM   1089 C CE2 . PHE A 1 144 ? 2.577   -21.338 8.707   1.00 28.03 ? 144 PHE A CE2 1 
ATOM   1090 C CZ  . PHE A 1 144 ? 1.204   -21.463 8.630   1.00 27.99 ? 144 PHE A CZ  1 
ATOM   1091 N N   . TYR A 1 145 ? 0.839   -17.791 4.035   1.00 19.34 ? 145 TYR A N   1 
ATOM   1092 C CA  . TYR A 1 145 ? -0.495  -17.765 3.448   1.00 19.55 ? 145 TYR A CA  1 
ATOM   1093 C C   . TYR A 1 145 ? -0.430  -18.122 1.975   1.00 19.94 ? 145 TYR A C   1 
ATOM   1094 O O   . TYR A 1 145 ? 0.468   -17.676 1.253   1.00 19.22 ? 145 TYR A O   1 
ATOM   1095 C CB  . TYR A 1 145 ? -1.133  -16.377 3.607   1.00 18.54 ? 145 TYR A CB  1 
ATOM   1096 C CG  . TYR A 1 145 ? -2.354  -16.160 2.726   1.00 19.87 ? 145 TYR A CG  1 
ATOM   1097 C CD1 . TYR A 1 145 ? -2.218  -15.726 1.410   1.00 20.50 ? 145 TYR A CD1 1 
ATOM   1098 C CD2 . TYR A 1 145 ? -3.639  -16.409 3.204   1.00 20.27 ? 145 TYR A CD2 1 
ATOM   1099 C CE1 . TYR A 1 145 ? -3.331  -15.543 0.593   1.00 19.46 ? 145 TYR A CE1 1 
ATOM   1100 C CE2 . TYR A 1 145 ? -4.755  -16.233 2.394   1.00 20.31 ? 145 TYR A CE2 1 
ATOM   1101 C CZ  . TYR A 1 145 ? -4.593  -15.798 1.089   1.00 21.84 ? 145 TYR A CZ  1 
ATOM   1102 O OH  . TYR A 1 145 ? -5.697  -15.598 0.282   1.00 22.23 ? 145 TYR A OH  1 
ATOM   1103 N N   . SER A 1 146 ? -1.400  -18.918 1.537   1.00 21.54 ? 146 SER A N   1 
ATOM   1104 C CA  . SER A 1 146 ? -1.490  -19.367 0.157   1.00 24.31 ? 146 SER A CA  1 
ATOM   1105 C C   . SER A 1 146 ? -2.859  -19.076 -0.471  1.00 23.34 ? 146 SER A C   1 
ATOM   1106 O O   . SER A 1 146 ? -2.943  -18.652 -1.625  1.00 24.07 ? 146 SER A O   1 
ATOM   1107 C CB  . SER A 1 146 ? -1.225  -20.874 0.088   1.00 22.29 ? 146 SER A CB  1 
ATOM   1108 O OG  . SER A 1 146 ? -0.887  -21.257 -1.228  1.00 33.10 ? 146 SER A OG  1 
ATOM   1109 N N   . LYS A 1 147 ? -3.927  -19.297 0.287   1.00 23.33 ? 147 LYS A N   1 
ATOM   1110 C CA  . LYS A 1 147 ? -5.268  -19.092 -0.243  1.00 25.43 ? 147 LYS A CA  1 
ATOM   1111 C C   . LYS A 1 147 ? -6.335  -18.936 0.840   1.00 25.86 ? 147 LYS A C   1 
ATOM   1112 O O   . LYS A 1 147 ? -6.059  -19.098 2.033   1.00 24.95 ? 147 LYS A O   1 
ATOM   1113 C CB  . LYS A 1 147 ? -5.625  -20.271 -1.146  1.00 28.42 ? 147 LYS A CB  1 
ATOM   1114 C CG  . LYS A 1 147 ? -5.535  -21.603 -0.432  1.00 31.91 ? 147 LYS A CG  1 
ATOM   1115 C CD  . LYS A 1 147 ? -6.013  -22.745 -1.304  1.00 37.97 ? 147 LYS A CD  1 
ATOM   1116 C CE  . LYS A 1 147 ? -6.056  -24.038 -0.511  1.00 39.49 ? 147 LYS A CE  1 
ATOM   1117 N NZ  . LYS A 1 147 ? -6.882  -25.066 -1.200  1.00 43.08 ? 147 LYS A NZ  1 
ATOM   1118 N N   . GLY A 1 148 ? -7.556  -18.613 0.409   1.00 25.96 ? 148 GLY A N   1 
ATOM   1119 C CA  . GLY A 1 148 ? -8.662  -18.430 1.334   1.00 24.75 ? 148 GLY A CA  1 
ATOM   1120 C C   . GLY A 1 148 ? -8.685  -17.050 1.964   1.00 25.14 ? 148 GLY A C   1 
ATOM   1121 O O   . GLY A 1 148 ? -7.994  -16.141 1.512   1.00 23.32 ? 148 GLY A O   1 
ATOM   1122 N N   . VAL A 1 149 ? -9.498  -16.880 3.004   1.00 23.51 ? 149 VAL A N   1 
ATOM   1123 C CA  . VAL A 1 149 ? -9.570  -15.598 3.693   1.00 22.56 ? 149 VAL A CA  1 
ATOM   1124 C C   . VAL A 1 149 ? -8.853  -15.729 5.024   1.00 22.53 ? 149 VAL A C   1 
ATOM   1125 O O   . VAL A 1 149 ? -9.304  -16.447 5.926   1.00 21.26 ? 149 VAL A O   1 
ATOM   1126 C CB  . VAL A 1 149 ? -11.024 -15.157 3.926   1.00 22.32 ? 149 VAL A CB  1 
ATOM   1127 C CG1 . VAL A 1 149 ? -11.054 -13.893 4.782   1.00 22.26 ? 149 VAL A CG1 1 
ATOM   1128 C CG2 . VAL A 1 149 ? -11.696 -14.898 2.588   1.00 20.59 ? 149 VAL A CG2 1 
ATOM   1129 N N   . TYR A 1 150 ? -7.732  -15.026 5.140   1.00 22.14 ? 150 TYR A N   1 
ATOM   1130 C CA  . TYR A 1 150 ? -6.916  -15.072 6.341   1.00 22.03 ? 150 TYR A CA  1 
ATOM   1131 C C   . TYR A 1 150 ? -7.567  -14.460 7.572   1.00 23.25 ? 150 TYR A C   1 
ATOM   1132 O O   . TYR A 1 150 ? -8.021  -13.313 7.552   1.00 20.14 ? 150 TYR A O   1 
ATOM   1133 C CB  . TYR A 1 150 ? -5.584  -14.375 6.088   1.00 22.39 ? 150 TYR A CB  1 
ATOM   1134 C CG  . TYR A 1 150 ? -4.619  -14.518 7.238   1.00 21.04 ? 150 TYR A CG  1 
ATOM   1135 C CD1 . TYR A 1 150 ? -3.960  -15.714 7.471   1.00 19.38 ? 150 TYR A CD1 1 
ATOM   1136 C CD2 . TYR A 1 150 ? -4.387  -13.461 8.107   1.00 20.98 ? 150 TYR A CD2 1 
ATOM   1137 C CE1 . TYR A 1 150 ? -3.092  -15.856 8.544   1.00 20.75 ? 150 TYR A CE1 1 
ATOM   1138 C CE2 . TYR A 1 150 ? -3.524  -13.591 9.178   1.00 20.17 ? 150 TYR A CE2 1 
ATOM   1139 C CZ  . TYR A 1 150 ? -2.880  -14.788 9.392   1.00 20.95 ? 150 TYR A CZ  1 
ATOM   1140 O OH  . TYR A 1 150 ? -2.018  -14.912 10.456  1.00 21.61 ? 150 TYR A OH  1 
ATOM   1141 N N   . TYR A 1 151 ? -7.593  -15.238 8.650   1.00 23.62 ? 151 TYR A N   1 
ATOM   1142 C CA  . TYR A 1 151 ? -8.164  -14.792 9.914   1.00 25.67 ? 151 TYR A CA  1 
ATOM   1143 C C   . TYR A 1 151 ? -7.512  -15.564 11.050  1.00 25.68 ? 151 TYR A C   1 
ATOM   1144 O O   . TYR A 1 151 ? -7.702  -16.774 11.189  1.00 27.77 ? 151 TYR A O   1 
ATOM   1145 C CB  . TYR A 1 151 ? -9.688  -15.003 9.924   1.00 24.78 ? 151 TYR A CB  1 
ATOM   1146 C CG  . TYR A 1 151 ? -10.354 -14.589 11.221  1.00 28.10 ? 151 TYR A CG  1 
ATOM   1147 C CD1 . TYR A 1 151 ? -10.180 -13.311 11.740  1.00 27.68 ? 151 TYR A CD1 1 
ATOM   1148 C CD2 . TYR A 1 151 ? -11.145 -15.482 11.936  1.00 28.28 ? 151 TYR A CD2 1 
ATOM   1149 C CE1 . TYR A 1 151 ? -10.772 -12.934 12.939  1.00 30.30 ? 151 TYR A CE1 1 
ATOM   1150 C CE2 . TYR A 1 151 ? -11.742 -15.113 13.135  1.00 30.34 ? 151 TYR A CE2 1 
ATOM   1151 C CZ  . TYR A 1 151 ? -11.551 -13.842 13.630  1.00 30.17 ? 151 TYR A CZ  1 
ATOM   1152 O OH  . TYR A 1 151 ? -12.134 -13.477 14.822  1.00 31.54 ? 151 TYR A OH  1 
ATOM   1153 N N   . ASP A 1 152 ? -6.722  -14.856 11.848  1.00 25.51 ? 152 ASP A N   1 
ATOM   1154 C CA  . ASP A 1 152 ? -6.024  -15.461 12.975  1.00 26.33 ? 152 ASP A CA  1 
ATOM   1155 C C   . ASP A 1 152 ? -6.145  -14.535 14.177  1.00 26.43 ? 152 ASP A C   1 
ATOM   1156 O O   . ASP A 1 152 ? -5.523  -13.474 14.202  1.00 28.36 ? 152 ASP A O   1 
ATOM   1157 C CB  . ASP A 1 152 ? -4.547  -15.656 12.629  1.00 26.78 ? 152 ASP A CB  1 
ATOM   1158 C CG  . ASP A 1 152 ? -3.826  -16.539 13.626  1.00 26.87 ? 152 ASP A CG  1 
ATOM   1159 O OD1 . ASP A 1 152 ? -4.103  -16.424 14.833  1.00 29.92 ? 152 ASP A OD1 1 
ATOM   1160 O OD2 . ASP A 1 152 ? -2.980  -17.356 13.203  1.00 28.10 ? 152 ASP A OD2 1 
ATOM   1161 N N   . GLU A 1 153 ? -6.928  -14.937 15.178  1.00 28.20 ? 153 GLU A N   1 
ATOM   1162 C CA  . GLU A 1 153 ? -7.132  -14.107 16.365  1.00 30.69 ? 153 GLU A CA  1 
ATOM   1163 C C   . GLU A 1 153 ? -5.860  -13.801 17.165  1.00 29.73 ? 153 GLU A C   1 
ATOM   1164 O O   . GLU A 1 153 ? -5.876  -12.959 18.062  1.00 31.31 ? 153 GLU A O   1 
ATOM   1165 C CB  . GLU A 1 153 ? -8.184  -14.743 17.280  1.00 34.94 ? 153 GLU A CB  1 
ATOM   1166 C CG  . GLU A 1 153 ? -9.425  -15.231 16.540  1.00 40.86 ? 153 GLU A CG  1 
ATOM   1167 C CD  . GLU A 1 153 ? -10.526 -15.679 17.481  1.00 44.80 ? 153 GLU A CD  1 
ATOM   1168 O OE1 . GLU A 1 153 ? -11.147 -14.802 18.122  1.00 46.91 ? 153 GLU A OE1 1 
ATOM   1169 O OE2 . GLU A 1 153 ? -10.761 -16.904 17.584  1.00 48.48 ? 153 GLU A OE2 1 
ATOM   1170 N N   . SER A 1 154 ? -4.762  -14.480 16.851  1.00 28.28 ? 154 SER A N   1 
ATOM   1171 C CA  . SER A 1 154 ? -3.509  -14.213 17.543  1.00 26.94 ? 154 SER A CA  1 
ATOM   1172 C C   . SER A 1 154 ? -2.903  -12.899 17.041  1.00 27.49 ? 154 SER A C   1 
ATOM   1173 O O   . SER A 1 154 ? -1.978  -12.362 17.657  1.00 28.53 ? 154 SER A O   1 
ATOM   1174 C CB  . SER A 1 154 ? -2.505  -15.352 17.321  1.00 28.06 ? 154 SER A CB  1 
ATOM   1175 O OG  . SER A 1 154 ? -2.983  -16.578 17.838  1.00 29.04 ? 154 SER A OG  1 
ATOM   1176 N N   . CYS A 1 155 ? -3.416  -12.386 15.922  1.00 26.99 ? 155 CYS A N   1 
ATOM   1177 C CA  . CYS A 1 155 ? -2.910  -11.133 15.352  1.00 27.39 ? 155 CYS A CA  1 
ATOM   1178 C C   . CYS A 1 155 ? -3.030  -10.007 16.366  1.00 28.34 ? 155 CYS A C   1 
ATOM   1179 O O   . CYS A 1 155 ? -4.032  -9.900  17.070  1.00 30.06 ? 155 CYS A O   1 
ATOM   1180 C CB  . CYS A 1 155 ? -3.686  -10.750 14.085  1.00 28.49 ? 155 CYS A CB  1 
ATOM   1181 S SG  . CYS A 1 155 ? -2.615  -10.364 12.661  1.00 28.59 ? 155 CYS A SG  1 
ATOM   1182 N N   . ASN A 1 156 ? -2.008  -9.161  16.431  1.00 26.74 ? 156 ASN A N   1 
ATOM   1183 C CA  . ASN A 1 156 ? -1.990  -8.050  17.376  1.00 27.77 ? 156 ASN A CA  1 
ATOM   1184 C C   . ASN A 1 156 ? -2.226  -6.717  16.674  1.00 27.49 ? 156 ASN A C   1 
ATOM   1185 O O   . ASN A 1 156 ? -1.354  -6.220  15.965  1.00 26.83 ? 156 ASN A O   1 
ATOM   1186 C CB  . ASN A 1 156 ? -0.645  -8.008  18.106  1.00 27.66 ? 156 ASN A CB  1 
ATOM   1187 C CG  . ASN A 1 156 ? -0.640  -7.025  19.253  1.00 27.37 ? 156 ASN A CG  1 
ATOM   1188 O OD1 . ASN A 1 156 ? -1.587  -6.264  19.434  1.00 26.90 ? 156 ASN A OD1 1 
ATOM   1189 N ND2 . ASN A 1 156 ? 0.434   -7.030  20.032  1.00 29.13 ? 156 ASN A ND2 1 
ATOM   1190 N N   . SER A 1 157 ? -3.404  -6.142  16.885  1.00 27.70 ? 157 SER A N   1 
ATOM   1191 C CA  . SER A 1 157 ? -3.770  -4.873  16.261  1.00 28.28 ? 157 SER A CA  1 
ATOM   1192 C C   . SER A 1 157 ? -2.967  -3.694  16.798  1.00 27.41 ? 157 SER A C   1 
ATOM   1193 O O   . SER A 1 157 ? -3.050  -2.588  16.259  1.00 28.00 ? 157 SER A O   1 
ATOM   1194 C CB  . SER A 1 157 ? -5.263  -4.602  16.463  1.00 28.82 ? 157 SER A CB  1 
ATOM   1195 O OG  . SER A 1 157 ? -6.040  -5.644  15.905  1.00 32.40 ? 157 SER A OG  1 
ATOM   1196 N N   . ASP A 1 158 ? -2.209  -3.926  17.866  1.00 26.87 ? 158 ASP A N   1 
ATOM   1197 C CA  . ASP A 1 158 ? -1.381  -2.880  18.461  1.00 27.88 ? 158 ASP A CA  1 
ATOM   1198 C C   . ASP A 1 158 ? 0.074   -3.054  18.042  1.00 28.66 ? 158 ASP A C   1 
ATOM   1199 O O   . ASP A 1 158 ? 0.966   -2.388  18.565  1.00 29.35 ? 158 ASP A O   1 
ATOM   1200 C CB  . ASP A 1 158 ? -1.465  -2.907  19.995  1.00 29.15 ? 158 ASP A CB  1 
ATOM   1201 C CG  . ASP A 1 158 ? -2.746  -2.282  20.531  1.00 30.80 ? 158 ASP A CG  1 
ATOM   1202 O OD1 . ASP A 1 158 ? -3.489  -1.647  19.749  1.00 30.10 ? 158 ASP A OD1 1 
ATOM   1203 O OD2 . ASP A 1 158 ? -3.003  -2.418  21.749  1.00 30.71 ? 158 ASP A OD2 1 
ATOM   1204 N N   . ASN A 1 159 ? 0.315   -3.961  17.102  1.00 28.79 ? 159 ASN A N   1 
ATOM   1205 C CA  . ASN A 1 159 ? 1.666   -4.200  16.621  1.00 28.15 ? 159 ASN A CA  1 
ATOM   1206 C C   . ASN A 1 159 ? 1.711   -4.172  15.099  1.00 27.23 ? 159 ASN A C   1 
ATOM   1207 O O   . ASN A 1 159 ? 1.853   -5.208  14.449  1.00 26.84 ? 159 ASN A O   1 
ATOM   1208 C CB  . ASN A 1 159 ? 2.188   -5.542  17.139  1.00 31.32 ? 159 ASN A CB  1 
ATOM   1209 C CG  . ASN A 1 159 ? 3.559   -5.893  16.578  1.00 34.34 ? 159 ASN A CG  1 
ATOM   1210 O OD1 . ASN A 1 159 ? 4.398   -5.014  16.356  1.00 36.39 ? 159 ASN A OD1 1 
ATOM   1211 N ND2 . ASN A 1 159 ? 3.798   -7.184  16.359  1.00 35.70 ? 159 ASN A ND2 1 
ATOM   1212 N N   . LEU A 1 160 ? 1.570   -2.977  14.535  1.00 25.40 ? 160 LEU A N   1 
ATOM   1213 C CA  . LEU A 1 160 ? 1.614   -2.809  13.084  1.00 25.37 ? 160 LEU A CA  1 
ATOM   1214 C C   . LEU A 1 160 ? 3.085   -2.807  12.698  1.00 25.14 ? 160 LEU A C   1 
ATOM   1215 O O   . LEU A 1 160 ? 3.836   -1.898  13.067  1.00 27.26 ? 160 LEU A O   1 
ATOM   1216 C CB  . LEU A 1 160 ? 0.953   -1.488  12.678  1.00 26.62 ? 160 LEU A CB  1 
ATOM   1217 C CG  . LEU A 1 160 ? -0.455  -1.237  13.230  1.00 27.56 ? 160 LEU A CG  1 
ATOM   1218 C CD1 . LEU A 1 160 ? -1.038  0.004   12.574  1.00 28.32 ? 160 LEU A CD1 1 
ATOM   1219 C CD2 . LEU A 1 160 ? -1.347  -2.436  12.962  1.00 27.71 ? 160 LEU A CD2 1 
ATOM   1220 N N   . ASN A 1 161 ? 3.498   -3.824  11.954  1.00 24.03 ? 161 ASN A N   1 
ATOM   1221 C CA  . ASN A 1 161 ? 4.897   -3.951  11.569  1.00 23.23 ? 161 ASN A CA  1 
ATOM   1222 C C   . ASN A 1 161 ? 5.132   -4.088  10.079  1.00 23.47 ? 161 ASN A C   1 
ATOM   1223 O O   . ASN A 1 161 ? 6.267   -4.270  9.646   1.00 23.12 ? 161 ASN A O   1 
ATOM   1224 C CB  . ASN A 1 161 ? 5.500   -5.152  12.282  1.00 25.46 ? 161 ASN A CB  1 
ATOM   1225 C CG  . ASN A 1 161 ? 4.612   -6.367  12.192  1.00 24.18 ? 161 ASN A CG  1 
ATOM   1226 O OD1 . ASN A 1 161 ? 4.281   -6.827  11.099  1.00 25.24 ? 161 ASN A OD1 1 
ATOM   1227 N ND2 . ASN A 1 161 ? 4.207   -6.891  13.342  1.00 26.89 ? 161 ASN A ND2 1 
ATOM   1228 N N   . HIS A 1 162 ? 4.067   -3.999  9.290   1.00 20.26 ? 162 HIS A N   1 
ATOM   1229 C CA  . HIS A 1 162 ? 4.216   -4.117  7.850   1.00 21.56 ? 162 HIS A CA  1 
ATOM   1230 C C   . HIS A 1 162 ? 3.168   -3.309  7.103   1.00 20.67 ? 162 HIS A C   1 
ATOM   1231 O O   . HIS A 1 162 ? 1.968   -3.413  7.382   1.00 20.65 ? 162 HIS A O   1 
ATOM   1232 C CB  . HIS A 1 162 ? 4.128   -5.582  7.433   1.00 21.96 ? 162 HIS A CB  1 
ATOM   1233 C CG  . HIS A 1 162 ? 4.598   -5.839  6.037   1.00 22.65 ? 162 HIS A CG  1 
ATOM   1234 N ND1 . HIS A 1 162 ? 5.886   -5.568  5.627   1.00 22.87 ? 162 HIS A ND1 1 
ATOM   1235 C CD2 . HIS A 1 162 ? 3.959   -6.353  4.960   1.00 22.62 ? 162 HIS A CD2 1 
ATOM   1236 C CE1 . HIS A 1 162 ? 6.019   -5.907  4.356   1.00 21.38 ? 162 HIS A CE1 1 
ATOM   1237 N NE2 . HIS A 1 162 ? 4.866   -6.384  3.929   1.00 21.30 ? 162 HIS A NE2 1 
ATOM   1238 N N   . ALA A 1 163 ? 3.633   -2.501  6.155   1.00 17.50 ? 163 ALA A N   1 
ATOM   1239 C CA  . ALA A 1 163 ? 2.754   -1.674  5.345   1.00 17.58 ? 163 ALA A CA  1 
ATOM   1240 C C   . ALA A 1 163 ? 2.402   -2.393  4.042   1.00 17.57 ? 163 ALA A C   1 
ATOM   1241 O O   . ALA A 1 163 ? 3.274   -2.952  3.377   1.00 17.10 ? 163 ALA A O   1 
ATOM   1242 C CB  . ALA A 1 163 ? 3.427   -0.339  5.041   1.00 18.53 ? 163 ALA A CB  1 
ATOM   1243 N N   . VAL A 1 164 ? 1.116   -2.390  3.699   1.00 17.86 ? 164 VAL A N   1 
ATOM   1244 C CA  . VAL A 1 164 ? 0.624   -3.014  2.475   1.00 16.90 ? 164 VAL A CA  1 
ATOM   1245 C C   . VAL A 1 164 ? -0.384  -2.095  1.779   1.00 17.88 ? 164 VAL A C   1 
ATOM   1246 O O   . VAL A 1 164 ? -0.489  -0.916  2.114   1.00 17.21 ? 164 VAL A O   1 
ATOM   1247 C CB  . VAL A 1 164 ? -0.026  -4.401  2.759   1.00 17.97 ? 164 VAL A CB  1 
ATOM   1248 C CG1 . VAL A 1 164 ? 1.048   -5.388  3.198   1.00 17.92 ? 164 VAL A CG1 1 
ATOM   1249 C CG2 . VAL A 1 164 ? -1.088  -4.283  3.848   1.00 18.74 ? 164 VAL A CG2 1 
ATOM   1250 N N   . LEU A 1 165 ? -1.128  -2.628  0.813   1.00 16.02 ? 165 LEU A N   1 
ATOM   1251 C CA  . LEU A 1 165 ? -2.079  -1.809  0.078   1.00 16.45 ? 165 LEU A CA  1 
ATOM   1252 C C   . LEU A 1 165 ? -3.418  -2.509  -0.129  1.00 17.35 ? 165 LEU A C   1 
ATOM   1253 O O   . LEU A 1 165 ? -3.477  -3.617  -0.663  1.00 17.81 ? 165 LEU A O   1 
ATOM   1254 C CB  . LEU A 1 165 ? -1.471  -1.439  -1.286  1.00 15.59 ? 165 LEU A CB  1 
ATOM   1255 C CG  . LEU A 1 165 ? -2.241  -0.526  -2.242  1.00 16.88 ? 165 LEU A CG  1 
ATOM   1256 C CD1 . LEU A 1 165 ? -2.165  0.924   -1.775  1.00 15.64 ? 165 LEU A CD1 1 
ATOM   1257 C CD2 . LEU A 1 165 ? -1.634  -0.655  -3.639  1.00 17.01 ? 165 LEU A CD2 1 
ATOM   1258 N N   . ALA A 1 166 ? -4.491  -1.863  0.305   1.00 17.30 ? 166 ALA A N   1 
ATOM   1259 C CA  . ALA A 1 166 ? -5.822  -2.423  0.125   1.00 17.48 ? 166 ALA A CA  1 
ATOM   1260 C C   . ALA A 1 166 ? -6.256  -2.057  -1.291  1.00 18.64 ? 166 ALA A C   1 
ATOM   1261 O O   . ALA A 1 166 ? -6.433  -0.878  -1.610  1.00 19.94 ? 166 ALA A O   1 
ATOM   1262 C CB  . ALA A 1 166 ? -6.777  -1.832  1.150   1.00 17.73 ? 166 ALA A CB  1 
ATOM   1263 N N   . VAL A 1 167 ? -6.419  -3.063  -2.143  1.00 19.36 ? 167 VAL A N   1 
ATOM   1264 C CA  . VAL A 1 167 ? -6.810  -2.818  -3.527  1.00 18.45 ? 167 VAL A CA  1 
ATOM   1265 C C   . VAL A 1 167 ? -8.231  -3.275  -3.862  1.00 17.94 ? 167 VAL A C   1 
ATOM   1266 O O   . VAL A 1 167 ? -8.614  -3.349  -5.028  1.00 18.26 ? 167 VAL A O   1 
ATOM   1267 C CB  . VAL A 1 167 ? -5.808  -3.475  -4.512  1.00 16.18 ? 167 VAL A CB  1 
ATOM   1268 C CG1 . VAL A 1 167 ? -4.439  -2.841  -4.344  1.00 16.10 ? 167 VAL A CG1 1 
ATOM   1269 C CG2 . VAL A 1 167 ? -5.735  -4.981  -4.288  1.00 16.99 ? 167 VAL A CG2 1 
ATOM   1270 N N   . GLY A 1 168 ? -9.014  -3.565  -2.833  1.00 19.18 ? 168 GLY A N   1 
ATOM   1271 C CA  . GLY A 1 168 ? -10.384 -3.986  -3.064  1.00 20.56 ? 168 GLY A CA  1 
ATOM   1272 C C   . GLY A 1 168 ? -10.968 -4.671  -1.852  1.00 23.32 ? 168 GLY A C   1 
ATOM   1273 O O   . GLY A 1 168 ? -10.340 -4.747  -0.796  1.00 20.94 ? 168 GLY A O   1 
ATOM   1274 N N   . TYR A 1 169 ? -12.187 -5.165  -2.009  1.00 22.82 ? 169 TYR A N   1 
ATOM   1275 C CA  . TYR A 1 169 ? -12.865 -5.874  -0.937  1.00 22.61 ? 169 TYR A CA  1 
ATOM   1276 C C   . TYR A 1 169 ? -13.979 -6.684  -1.571  1.00 23.87 ? 169 TYR A C   1 
ATOM   1277 O O   . TYR A 1 169 ? -14.345 -6.458  -2.726  1.00 24.34 ? 169 TYR A O   1 
ATOM   1278 C CB  . TYR A 1 169 ? -13.423 -4.894  0.096   1.00 23.28 ? 169 TYR A CB  1 
ATOM   1279 C CG  . TYR A 1 169 ? -14.449 -3.924  -0.438  1.00 22.52 ? 169 TYR A CG  1 
ATOM   1280 C CD1 . TYR A 1 169 ? -15.758 -4.327  -0.680  1.00 24.65 ? 169 TYR A CD1 1 
ATOM   1281 C CD2 . TYR A 1 169 ? -14.117 -2.599  -0.680  1.00 21.90 ? 169 TYR A CD2 1 
ATOM   1282 C CE1 . TYR A 1 169 ? -16.707 -3.434  -1.145  1.00 25.16 ? 169 TYR A CE1 1 
ATOM   1283 C CE2 . TYR A 1 169 ? -15.063 -1.695  -1.144  1.00 23.56 ? 169 TYR A CE2 1 
ATOM   1284 C CZ  . TYR A 1 169 ? -16.352 -2.119  -1.373  1.00 24.25 ? 169 TYR A CZ  1 
ATOM   1285 O OH  . TYR A 1 169 ? -17.294 -1.225  -1.825  1.00 25.88 ? 169 TYR A OH  1 
ATOM   1286 N N   . GLY A 1 170 ? -14.502 -7.640  -0.822  1.00 23.14 ? 170 GLY A N   1 
ATOM   1287 C CA  . GLY A 1 170 ? -15.567 -8.465  -1.346  1.00 24.48 ? 170 GLY A CA  1 
ATOM   1288 C C   . GLY A 1 170 ? -15.851 -9.603  -0.394  1.00 25.08 ? 170 GLY A C   1 
ATOM   1289 O O   . GLY A 1 170 ? -15.791 -9.438  0.822   1.00 23.12 ? 170 GLY A O   1 
ATOM   1290 N N   . ILE A 1 171 ? -16.151 -10.767 -0.951  1.00 27.38 ? 171 ILE A N   1 
ATOM   1291 C CA  . ILE A 1 171 ? -16.450 -11.931 -0.134  1.00 29.87 ? 171 ILE A CA  1 
ATOM   1292 C C   . ILE A 1 171 ? -16.090 -13.190 -0.907  1.00 32.67 ? 171 ILE A C   1 
ATOM   1293 O O   . ILE A 1 171 ? -16.296 -13.271 -2.123  1.00 31.40 ? 171 ILE A O   1 
ATOM   1294 C CB  . ILE A 1 171 ? -17.946 -11.968 0.232   1.00 31.41 ? 171 ILE A CB  1 
ATOM   1295 C CG1 . ILE A 1 171 ? -18.217 -13.101 1.217   1.00 29.06 ? 171 ILE A CG1 1 
ATOM   1296 C CG2 . ILE A 1 171 ? -18.783 -12.161 -1.026  1.00 29.16 ? 171 ILE A CG2 1 
ATOM   1297 C CD1 . ILE A 1 171 ? -19.653 -13.189 1.640   1.00 31.72 ? 171 ILE A CD1 1 
ATOM   1298 N N   . GLN A 1 172 ? -15.531 -14.164 -0.201  1.00 34.70 ? 172 GLN A N   1 
ATOM   1299 C CA  . GLN A 1 172 ? -15.146 -15.423 -0.818  1.00 38.79 ? 172 GLN A CA  1 
ATOM   1300 C C   . GLN A 1 172 ? -16.317 -16.378 -0.713  1.00 39.84 ? 172 GLN A C   1 
ATOM   1301 O O   . GLN A 1 172 ? -17.322 -16.234 -1.412  1.00 42.27 ? 172 GLN A O   1 
ATOM   1302 C CB  . GLN A 1 172 ? -13.938 -16.022 -0.098  1.00 40.76 ? 172 GLN A CB  1 
ATOM   1303 C CG  . GLN A 1 172 ? -12.608 -15.789 -0.787  1.00 43.90 ? 172 GLN A CG  1 
ATOM   1304 C CD  . GLN A 1 172 ? -12.447 -16.628 -2.037  1.00 44.50 ? 172 GLN A CD  1 
ATOM   1305 O OE1 . GLN A 1 172 ? -11.425 -16.560 -2.717  1.00 43.18 ? 172 GLN A OE1 1 
ATOM   1306 N NE2 . GLN A 1 172 ? -13.461 -17.427 -2.345  1.00 46.95 ? 172 GLN A NE2 1 
ATOM   1307 N N   . LYS A 1 173 ? -16.173 -17.354 0.171   1.00 39.31 ? 173 LYS A N   1 
ATOM   1308 C CA  . LYS A 1 173 ? -17.215 -18.337 0.407   1.00 37.55 ? 173 LYS A CA  1 
ATOM   1309 C C   . LYS A 1 173 ? -17.885 -17.982 1.724   1.00 35.48 ? 173 LYS A C   1 
ATOM   1310 O O   . LYS A 1 173 ? -17.723 -18.681 2.725   1.00 35.64 ? 173 LYS A O   1 
ATOM   1311 C CB  . LYS A 1 173 ? -16.608 -19.735 0.486   1.00 39.33 ? 173 LYS A CB  1 
ATOM   1312 C CG  . LYS A 1 173 ? -16.033 -20.234 -0.829  1.00 42.87 ? 173 LYS A CG  1 
ATOM   1313 C CD  . LYS A 1 173 ? -17.123 -20.403 -1.873  1.00 45.11 ? 173 LYS A CD  1 
ATOM   1314 C CE  . LYS A 1 173 ? -16.556 -20.949 -3.172  1.00 47.81 ? 173 LYS A CE  1 
ATOM   1315 N NZ  . LYS A 1 173 ? -15.890 -22.268 -2.968  1.00 49.79 ? 173 LYS A NZ  1 
ATOM   1316 N N   . GLY A 1 174 ? -18.624 -16.876 1.715   1.00 32.88 ? 174 GLY A N   1 
ATOM   1317 C CA  . GLY A 1 174 ? -19.313 -16.425 2.911   1.00 31.94 ? 174 GLY A CA  1 
ATOM   1318 C C   . GLY A 1 174 ? -18.412 -15.684 3.881   1.00 30.10 ? 174 GLY A C   1 
ATOM   1319 O O   . GLY A 1 174 ? -18.836 -15.328 4.980   1.00 30.26 ? 174 GLY A O   1 
ATOM   1320 N N   . ASN A 1 175 ? -17.169 -15.442 3.473   1.00 28.74 ? 175 ASN A N   1 
ATOM   1321 C CA  . ASN A 1 175 ? -16.196 -14.747 4.317   1.00 27.04 ? 175 ASN A CA  1 
ATOM   1322 C C   . ASN A 1 175 ? -15.819 -13.401 3.711   1.00 25.21 ? 175 ASN A C   1 
ATOM   1323 O O   . ASN A 1 175 ? -15.148 -13.350 2.680   1.00 24.52 ? 175 ASN A O   1 
ATOM   1324 C CB  . ASN A 1 175 ? -14.934 -15.605 4.473   1.00 27.39 ? 175 ASN A CB  1 
ATOM   1325 C CG  . ASN A 1 175 ? -15.203 -16.910 5.195   1.00 30.58 ? 175 ASN A CG  1 
ATOM   1326 O OD1 . ASN A 1 175 ? -14.728 -17.968 4.786   1.00 33.76 ? 175 ASN A OD1 1 
ATOM   1327 N ND2 . ASN A 1 175 ? -15.959 -16.839 6.285   1.00 28.49 ? 175 ASN A ND2 1 
ATOM   1328 N N   . LYS A 1 176 ? -16.257 -12.318 4.351   1.00 23.70 ? 176 LYS A N   1 
ATOM   1329 C CA  . LYS A 1 176 ? -15.957 -10.972 3.866   1.00 24.05 ? 176 LYS A CA  1 
ATOM   1330 C C   . LYS A 1 176 ? -14.456 -10.720 3.980   1.00 21.86 ? 176 LYS A C   1 
ATOM   1331 O O   . LYS A 1 176 ? -13.813 -11.154 4.935   1.00 21.82 ? 176 LYS A O   1 
ATOM   1332 C CB  . LYS A 1 176 ? -16.742 -9.928  4.666   1.00 25.42 ? 176 LYS A CB  1 
ATOM   1333 C CG  . LYS A 1 176 ? -18.234 -9.903  4.330   1.00 27.50 ? 176 LYS A CG  1 
ATOM   1334 C CD  . LYS A 1 176 ? -18.996 -8.892  5.178   1.00 29.00 ? 176 LYS A CD  1 
ATOM   1335 C CE  . LYS A 1 176 ? -20.476 -8.844  4.798   1.00 30.26 ? 176 LYS A CE  1 
ATOM   1336 N NZ  . LYS A 1 176 ? -21.264 -7.946  5.683   1.00 31.72 ? 176 LYS A NZ  1 
ATOM   1337 N N   . HIS A 1 177 ? -13.899 -10.008 3.010   1.00 21.86 ? 177 HIS A N   1 
ATOM   1338 C CA  . HIS A 1 177 ? -12.465 -9.772  3.030   1.00 21.66 ? 177 HIS A CA  1 
ATOM   1339 C C   . HIS A 1 177 ? -12.023 -8.469  2.389   1.00 21.37 ? 177 HIS A C   1 
ATOM   1340 O O   . HIS A 1 177 ? -12.817 -7.731  1.808   1.00 22.07 ? 177 HIS A O   1 
ATOM   1341 C CB  . HIS A 1 177 ? -11.759 -10.912 2.296   1.00 22.06 ? 177 HIS A CB  1 
ATOM   1342 C CG  . HIS A 1 177 ? -12.017 -10.924 0.819   1.00 23.91 ? 177 HIS A CG  1 
ATOM   1343 N ND1 . HIS A 1 177 ? -12.687 -11.948 0.185   1.00 26.54 ? 177 HIS A ND1 1 
ATOM   1344 C CD2 . HIS A 1 177 ? -11.710 -10.023 -0.146  1.00 23.54 ? 177 HIS A CD2 1 
ATOM   1345 C CE1 . HIS A 1 177 ? -12.782 -11.677 -1.105  1.00 23.21 ? 177 HIS A CE1 1 
ATOM   1346 N NE2 . HIS A 1 177 ? -12.197 -10.515 -1.332  1.00 26.70 ? 177 HIS A NE2 1 
ATOM   1347 N N   . TRP A 1 178 ? -10.726 -8.221  2.520   1.00 19.51 ? 178 TRP A N   1 
ATOM   1348 C CA  . TRP A 1 178 ? -10.049 -7.082  1.924   1.00 17.98 ? 178 TRP A CA  1 
ATOM   1349 C C   . TRP A 1 178 ? -9.050  -7.744  0.983   1.00 17.61 ? 178 TRP A C   1 
ATOM   1350 O O   . TRP A 1 178 ? -8.457  -8.764  1.338   1.00 19.23 ? 178 TRP A O   1 
ATOM   1351 C CB  . TRP A 1 178 ? -9.236  -6.297  2.957   1.00 16.63 ? 178 TRP A CB  1 
ATOM   1352 C CG  . TRP A 1 178 ? -10.026 -5.592  4.003   1.00 19.36 ? 178 TRP A CG  1 
ATOM   1353 C CD1 . TRP A 1 178 ? -10.122 -5.923  5.326   1.00 18.31 ? 178 TRP A CD1 1 
ATOM   1354 C CD2 . TRP A 1 178 ? -10.818 -4.413  3.825   1.00 18.45 ? 178 TRP A CD2 1 
ATOM   1355 N NE1 . TRP A 1 178 ? -10.923 -5.022  5.980   1.00 18.85 ? 178 TRP A NE1 1 
ATOM   1356 C CE2 . TRP A 1 178 ? -11.365 -4.085  5.081   1.00 18.63 ? 178 TRP A CE2 1 
ATOM   1357 C CE3 . TRP A 1 178 ? -11.116 -3.602  2.723   1.00 17.94 ? 178 TRP A CE3 1 
ATOM   1358 C CZ2 . TRP A 1 178 ? -12.197 -2.983  5.266   1.00 19.15 ? 178 TRP A CZ2 1 
ATOM   1359 C CZ3 . TRP A 1 178 ? -11.939 -2.514  2.905   1.00 17.79 ? 178 TRP A CZ3 1 
ATOM   1360 C CH2 . TRP A 1 178 ? -12.472 -2.211  4.169   1.00 20.03 ? 178 TRP A CH2 1 
ATOM   1361 N N   . ILE A 1 179 ? -8.872  -7.177  -0.205  1.00 18.53 ? 179 ILE A N   1 
ATOM   1362 C CA  . ILE A 1 179 ? -7.894  -7.689  -1.164  1.00 18.04 ? 179 ILE A CA  1 
ATOM   1363 C C   . ILE A 1 179 ? -6.644  -6.862  -0.862  1.00 17.70 ? 179 ILE A C   1 
ATOM   1364 O O   . ILE A 1 179 ? -6.663  -5.638  -0.971  1.00 17.43 ? 179 ILE A O   1 
ATOM   1365 C CB  . ILE A 1 179 ? -8.332  -7.441  -2.614  1.00 18.51 ? 179 ILE A CB  1 
ATOM   1366 C CG1 . ILE A 1 179 ? -9.738  -8.010  -2.838  1.00 20.45 ? 179 ILE A CG1 1 
ATOM   1367 C CG2 . ILE A 1 179 ? -7.350  -8.104  -3.569  1.00 17.58 ? 179 ILE A CG2 1 
ATOM   1368 C CD1 . ILE A 1 179 ? -10.233 -7.860  -4.269  1.00 22.26 ? 179 ILE A CD1 1 
ATOM   1369 N N   . ILE A 1 180 ? -5.567  -7.533  -0.472  1.00 18.22 ? 180 ILE A N   1 
ATOM   1370 C CA  . ILE A 1 180 ? -4.335  -6.852  -0.083  1.00 17.37 ? 180 ILE A CA  1 
ATOM   1371 C C   . ILE A 1 180 ? -3.120  -7.150  -0.952  1.00 17.73 ? 180 ILE A C   1 
ATOM   1372 O O   . ILE A 1 180 ? -2.763  -8.310  -1.165  1.00 16.55 ? 180 ILE A O   1 
ATOM   1373 C CB  . ILE A 1 180 ? -3.980  -7.215  1.372   1.00 16.69 ? 180 ILE A CB  1 
ATOM   1374 C CG1 . ILE A 1 180 ? -5.170  -6.914  2.283   1.00 17.63 ? 180 ILE A CG1 1 
ATOM   1375 C CG2 . ILE A 1 180 ? -2.743  -6.468  1.823   1.00 17.15 ? 180 ILE A CG2 1 
ATOM   1376 C CD1 . ILE A 1 180 ? -5.622  -5.466  2.267   1.00 17.70 ? 180 ILE A CD1 1 
ATOM   1377 N N   . LYS A 1 181 ? -2.483  -6.088  -1.437  1.00 18.89 ? 181 LYS A N   1 
ATOM   1378 C CA  . LYS A 1 181 ? -1.282  -6.211  -2.260  1.00 18.34 ? 181 LYS A CA  1 
ATOM   1379 C C   . LYS A 1 181 ? -0.079  -6.099  -1.342  1.00 19.47 ? 181 LYS A C   1 
ATOM   1380 O O   . LYS A 1 181 ? 0.037   -5.131  -0.588  1.00 17.78 ? 181 LYS A O   1 
ATOM   1381 C CB  . LYS A 1 181 ? -1.216  -5.083  -3.294  1.00 17.50 ? 181 LYS A CB  1 
ATOM   1382 C CG  . LYS A 1 181 ? -0.061  -5.227  -4.287  1.00 18.25 ? 181 LYS A CG  1 
ATOM   1383 C CD  . LYS A 1 181 ? 0.025   -4.033  -5.207  1.00 18.01 ? 181 LYS A CD  1 
ATOM   1384 C CE  . LYS A 1 181 ? 1.007   -4.294  -6.340  1.00 17.83 ? 181 LYS A CE  1 
ATOM   1385 N NZ  . LYS A 1 181 ? 1.241   -3.088  -7.166  1.00 16.86 ? 181 LYS A NZ  1 
ATOM   1386 N N   . ASN A 1 182 ? 0.810   -7.087  -1.400  1.00 18.34 ? 182 ASN A N   1 
ATOM   1387 C CA  . ASN A 1 182 ? 2.009   -7.068  -0.573  1.00 16.41 ? 182 ASN A CA  1 
ATOM   1388 C C   . ASN A 1 182 ? 3.186   -6.714  -1.475  1.00 16.25 ? 182 ASN A C   1 
ATOM   1389 O O   . ASN A 1 182 ? 3.013   -6.542  -2.684  1.00 17.31 ? 182 ASN A O   1 
ATOM   1390 C CB  . ASN A 1 182 ? 2.241   -8.441  0.053   1.00 16.79 ? 182 ASN A CB  1 
ATOM   1391 C CG  . ASN A 1 182 ? 3.066   -8.376  1.327   1.00 18.21 ? 182 ASN A CG  1 
ATOM   1392 O OD1 . ASN A 1 182 ? 3.758   -7.391  1.591   1.00 16.68 ? 182 ASN A OD1 1 
ATOM   1393 N ND2 . ASN A 1 182 ? 3.000   -9.437  2.125   1.00 18.96 ? 182 ASN A ND2 1 
ATOM   1394 N N   . SER A 1 183 ? 4.373   -6.596  -0.890  1.00 15.31 ? 183 SER A N   1 
ATOM   1395 C CA  . SER A 1 183 ? 5.565   -6.282  -1.667  1.00 17.41 ? 183 SER A CA  1 
ATOM   1396 C C   . SER A 1 183 ? 6.676   -7.310  -1.419  1.00 17.24 ? 183 SER A C   1 
ATOM   1397 O O   . SER A 1 183 ? 7.858   -6.968  -1.314  1.00 18.15 ? 183 SER A O   1 
ATOM   1398 C CB  . SER A 1 183 ? 6.057   -4.867  -1.344  1.00 19.05 ? 183 SER A CB  1 
ATOM   1399 O OG  . SER A 1 183 ? 6.209   -4.675  0.045   1.00 16.93 ? 183 SER A OG  1 
ATOM   1400 N N   . TRP A 1 184 ? 6.282   -8.574  -1.321  1.00 16.38 ? 184 TRP A N   1 
ATOM   1401 C CA  . TRP A 1 184 ? 7.243   -9.656  -1.118  1.00 17.20 ? 184 TRP A CA  1 
ATOM   1402 C C   . TRP A 1 184 ? 7.331   -10.521 -2.374  1.00 17.65 ? 184 TRP A C   1 
ATOM   1403 O O   . TRP A 1 184 ? 7.652   -11.703 -2.309  1.00 17.87 ? 184 TRP A O   1 
ATOM   1404 C CB  . TRP A 1 184 ? 6.858   -10.521 0.090   1.00 17.33 ? 184 TRP A CB  1 
ATOM   1405 C CG  . TRP A 1 184 ? 7.022   -9.836  1.416   1.00 15.42 ? 184 TRP A CG  1 
ATOM   1406 C CD1 . TRP A 1 184 ? 7.825   -8.763  1.699   1.00 17.84 ? 184 TRP A CD1 1 
ATOM   1407 C CD2 . TRP A 1 184 ? 6.400   -10.207 2.654   1.00 17.40 ? 184 TRP A CD2 1 
ATOM   1408 N NE1 . TRP A 1 184 ? 7.738   -8.447  3.037   1.00 16.07 ? 184 TRP A NE1 1 
ATOM   1409 C CE2 . TRP A 1 184 ? 6.868   -9.317  3.642   1.00 17.97 ? 184 TRP A CE2 1 
ATOM   1410 C CE3 . TRP A 1 184 ? 5.493   -11.208 3.023   1.00 18.26 ? 184 TRP A CE3 1 
ATOM   1411 C CZ2 . TRP A 1 184 ? 6.457   -9.398  4.975   1.00 18.06 ? 184 TRP A CZ2 1 
ATOM   1412 C CZ3 . TRP A 1 184 ? 5.087   -11.287 4.348   1.00 17.65 ? 184 TRP A CZ3 1 
ATOM   1413 C CH2 . TRP A 1 184 ? 5.569   -10.388 5.304   1.00 18.61 ? 184 TRP A CH2 1 
ATOM   1414 N N   . GLY A 1 185 ? 7.047   -9.918  -3.523  1.00 19.63 ? 185 GLY A N   1 
ATOM   1415 C CA  . GLY A 1 185 ? 7.121   -10.647 -4.776  1.00 20.93 ? 185 GLY A CA  1 
ATOM   1416 C C   . GLY A 1 185 ? 5.826   -11.310 -5.202  1.00 22.63 ? 185 GLY A C   1 
ATOM   1417 O O   . GLY A 1 185 ? 4.935   -11.559 -4.387  1.00 22.57 ? 185 GLY A O   1 
ATOM   1418 N N   . GLU A 1 186 ? 5.725   -11.599 -6.493  1.00 22.91 ? 186 GLU A N   1 
ATOM   1419 C CA  . GLU A 1 186 ? 4.538   -12.236 -7.037  1.00 25.15 ? 186 GLU A CA  1 
ATOM   1420 C C   . GLU A 1 186 ? 4.475   -13.693 -6.593  1.00 25.26 ? 186 GLU A C   1 
ATOM   1421 O O   . GLU A 1 186 ? 3.434   -14.340 -6.695  1.00 23.74 ? 186 GLU A O   1 
ATOM   1422 C CB  . GLU A 1 186 ? 4.562   -12.154 -8.565  1.00 29.18 ? 186 GLU A CB  1 
ATOM   1423 C CG  . GLU A 1 186 ? 3.252   -12.545 -9.223  1.00 36.79 ? 186 GLU A CG  1 
ATOM   1424 C CD  . GLU A 1 186 ? 3.359   -12.606 -10.736 1.00 40.91 ? 186 GLU A CD  1 
ATOM   1425 O OE1 . GLU A 1 186 ? 4.312   -13.237 -11.244 1.00 45.12 ? 186 GLU A OE1 1 
ATOM   1426 O OE2 . GLU A 1 186 ? 2.486   -12.028 -11.416 1.00 44.82 ? 186 GLU A OE2 1 
ATOM   1427 N N   . ASN A 1 187 ? 5.594   -14.199 -6.080  1.00 25.97 ? 187 ASN A N   1 
ATOM   1428 C CA  . ASN A 1 187 ? 5.678   -15.584 -5.621  1.00 26.96 ? 187 ASN A CA  1 
ATOM   1429 C C   . ASN A 1 187 ? 5.052   -15.772 -4.235  1.00 26.08 ? 187 ASN A C   1 
ATOM   1430 O O   . ASN A 1 187 ? 4.741   -16.899 -3.835  1.00 23.83 ? 187 ASN A O   1 
ATOM   1431 C CB  . ASN A 1 187 ? 7.143   -16.036 -5.571  1.00 30.87 ? 187 ASN A CB  1 
ATOM   1432 C CG  . ASN A 1 187 ? 7.315   -17.505 -5.908  1.00 37.17 ? 187 ASN A CG  1 
ATOM   1433 O OD1 . ASN A 1 187 ? 8.330   -18.126 -5.562  1.00 39.16 ? 187 ASN A OD1 1 
ATOM   1434 N ND2 . ASN A 1 187 ? 6.331   -18.070 -6.608  1.00 40.97 ? 187 ASN A ND2 1 
ATOM   1435 N N   . TRP A 1 188 ? 4.871   -14.671 -3.507  1.00 21.62 ? 188 TRP A N   1 
ATOM   1436 C CA  . TRP A 1 188 ? 4.297   -14.735 -2.166  1.00 21.79 ? 188 TRP A CA  1 
ATOM   1437 C C   . TRP A 1 188 ? 2.773   -14.803 -2.179  1.00 20.99 ? 188 TRP A C   1 
ATOM   1438 O O   . TRP A 1 188 ? 2.130   -14.316 -3.110  1.00 21.93 ? 188 TRP A O   1 
ATOM   1439 C CB  . TRP A 1 188 ? 4.726   -13.522 -1.339  1.00 19.74 ? 188 TRP A CB  1 
ATOM   1440 C CG  . TRP A 1 188 ? 4.180   -13.573 0.045   1.00 18.99 ? 188 TRP A CG  1 
ATOM   1441 C CD1 . TRP A 1 188 ? 4.671   -14.299 1.087   1.00 17.87 ? 188 TRP A CD1 1 
ATOM   1442 C CD2 . TRP A 1 188 ? 2.976   -12.954 0.514   1.00 18.92 ? 188 TRP A CD2 1 
ATOM   1443 N NE1 . TRP A 1 188 ? 3.845   -14.178 2.179   1.00 20.84 ? 188 TRP A NE1 1 
ATOM   1444 C CE2 . TRP A 1 188 ? 2.796   -13.357 1.854   1.00 19.57 ? 188 TRP A CE2 1 
ATOM   1445 C CE3 . TRP A 1 188 ? 2.032   -12.100 -0.070  1.00 19.51 ? 188 TRP A CE3 1 
ATOM   1446 C CZ2 . TRP A 1 188 ? 1.712   -12.939 2.621   1.00 18.78 ? 188 TRP A CZ2 1 
ATOM   1447 C CZ3 . TRP A 1 188 ? 0.953   -11.685 0.691   1.00 19.68 ? 188 TRP A CZ3 1 
ATOM   1448 C CH2 . TRP A 1 188 ? 0.802   -12.106 2.027   1.00 19.13 ? 188 TRP A CH2 1 
ATOM   1449 N N   . GLY A 1 189 ? 2.201   -15.407 -1.140  1.00 20.99 ? 189 GLY A N   1 
ATOM   1450 C CA  . GLY A 1 189 ? 0.755   -15.511 -1.040  1.00 19.85 ? 189 GLY A CA  1 
ATOM   1451 C C   . GLY A 1 189 ? 0.106   -16.065 -2.292  1.00 20.48 ? 189 GLY A C   1 
ATOM   1452 O O   . GLY A 1 189 ? 0.555   -17.078 -2.823  1.00 20.66 ? 189 GLY A O   1 
ATOM   1453 N N   . ASN A 1 190 ? -0.966  -15.415 -2.744  1.00 20.28 ? 190 ASN A N   1 
ATOM   1454 C CA  . ASN A 1 190 ? -1.663  -15.831 -3.953  1.00 22.03 ? 190 ASN A CA  1 
ATOM   1455 C C   . ASN A 1 190 ? -1.324  -14.802 -5.021  1.00 21.25 ? 190 ASN A C   1 
ATOM   1456 O O   . ASN A 1 190 ? -1.972  -13.761 -5.117  1.00 22.07 ? 190 ASN A O   1 
ATOM   1457 C CB  . ASN A 1 190 ? -3.178  -15.861 -3.735  1.00 23.11 ? 190 ASN A CB  1 
ATOM   1458 C CG  . ASN A 1 190 ? -3.927  -16.443 -4.929  1.00 23.25 ? 190 ASN A CG  1 
ATOM   1459 O OD1 . ASN A 1 190 ? -3.376  -16.564 -6.021  1.00 26.22 ? 190 ASN A OD1 1 
ATOM   1460 N ND2 . ASN A 1 190 ? -5.190  -16.796 -4.725  1.00 22.40 ? 190 ASN A ND2 1 
ATOM   1461 N N   . LYS A 1 191 ? -0.285  -15.091 -5.797  1.00 21.79 ? 191 LYS A N   1 
ATOM   1462 C CA  . LYS A 1 191 ? 0.171   -14.199 -6.856  1.00 22.02 ? 191 LYS A CA  1 
ATOM   1463 C C   . LYS A 1 191 ? 0.612   -12.835 -6.318  1.00 21.15 ? 191 LYS A C   1 
ATOM   1464 O O   . LYS A 1 191 ? 0.549   -11.830 -7.023  1.00 21.26 ? 191 LYS A O   1 
ATOM   1465 C CB  . LYS A 1 191 ? -0.927  -14.045 -7.918  1.00 24.62 ? 191 LYS A CB  1 
ATOM   1466 C CG  . LYS A 1 191 ? -1.116  -15.316 -8.760  1.00 28.69 ? 191 LYS A CG  1 
ATOM   1467 C CD  . LYS A 1 191 ? -2.389  -15.307 -9.611  1.00 31.84 ? 191 LYS A CD  1 
ATOM   1468 C CE  . LYS A 1 191 ? -3.628  -15.560 -8.759  1.00 35.27 ? 191 LYS A CE  1 
ATOM   1469 N NZ  . LYS A 1 191 ? -4.858  -15.793 -9.566  1.00 37.34 ? 191 LYS A NZ  1 
ATOM   1470 N N   . GLY A 1 192 ? 1.066   -12.812 -5.066  1.00 20.29 ? 192 GLY A N   1 
ATOM   1471 C CA  . GLY A 1 192 ? 1.526   -11.570 -4.459  1.00 19.62 ? 192 GLY A CA  1 
ATOM   1472 C C   . GLY A 1 192 ? 0.505   -10.913 -3.543  1.00 18.96 ? 192 GLY A C   1 
ATOM   1473 O O   . GLY A 1 192 ? 0.825   -9.944  -2.843  1.00 17.40 ? 192 GLY A O   1 
ATOM   1474 N N   . TYR A 1 193 ? -0.711  -11.456 -3.526  1.00 18.09 ? 193 TYR A N   1 
ATOM   1475 C CA  . TYR A 1 193 ? -1.795  -10.910 -2.720  1.00 19.01 ? 193 TYR A CA  1 
ATOM   1476 C C   . TYR A 1 193 ? -2.297  -11.812 -1.604  1.00 18.37 ? 193 TYR A C   1 
ATOM   1477 O O   . TYR A 1 193 ? -2.012  -13.006 -1.575  1.00 19.64 ? 193 TYR A O   1 
ATOM   1478 C CB  . TYR A 1 193 ? -2.993  -10.575 -3.608  1.00 19.44 ? 193 TYR A CB  1 
ATOM   1479 C CG  . TYR A 1 193 ? -2.725  -9.514  -4.642  1.00 19.18 ? 193 TYR A CG  1 
ATOM   1480 C CD1 . TYR A 1 193 ? -2.042  -9.809  -5.812  1.00 20.93 ? 193 TYR A CD1 1 
ATOM   1481 C CD2 . TYR A 1 193 ? -3.132  -8.206  -4.430  1.00 19.71 ? 193 TYR A CD2 1 
ATOM   1482 C CE1 . TYR A 1 193 ? -1.770  -8.825  -6.742  1.00 22.93 ? 193 TYR A CE1 1 
ATOM   1483 C CE2 . TYR A 1 193 ? -2.865  -7.219  -5.349  1.00 21.10 ? 193 TYR A CE2 1 
ATOM   1484 C CZ  . TYR A 1 193 ? -2.185  -7.530  -6.498  1.00 20.30 ? 193 TYR A CZ  1 
ATOM   1485 O OH  . TYR A 1 193 ? -1.913  -6.538  -7.401  1.00 18.21 ? 193 TYR A OH  1 
ATOM   1486 N N   . ILE A 1 194 ? -3.061  -11.218 -0.690  1.00 17.95 ? 194 ILE A N   1 
ATOM   1487 C CA  . ILE A 1 194 ? -3.663  -11.964 0.403   1.00 18.45 ? 194 ILE A CA  1 
ATOM   1488 C C   . ILE A 1 194 ? -5.052  -11.407 0.684   1.00 20.14 ? 194 ILE A C   1 
ATOM   1489 O O   . ILE A 1 194 ? -5.265  -10.191 0.659   1.00 20.47 ? 194 ILE A O   1 
ATOM   1490 C CB  . ILE A 1 194 ? -2.820  -11.890 1.705   1.00 18.02 ? 194 ILE A CB  1 
ATOM   1491 C CG1 . ILE A 1 194 ? -3.553  -12.633 2.833   1.00 18.45 ? 194 ILE A CG1 1 
ATOM   1492 C CG2 . ILE A 1 194 ? -2.567  -10.437 2.086   1.00 17.34 ? 194 ILE A CG2 1 
ATOM   1493 C CD1 . ILE A 1 194 ? -2.799  -12.677 4.156   1.00 19.58 ? 194 ILE A CD1 1 
ATOM   1494 N N   . LEU A 1 195 ? -6.005  -12.308 0.904   1.00 19.70 ? 195 LEU A N   1 
ATOM   1495 C CA  . LEU A 1 195 ? -7.370  -11.920 1.243   1.00 19.66 ? 195 LEU A CA  1 
ATOM   1496 C C   . LEU A 1 195 ? -7.416  -11.925 2.766   1.00 20.69 ? 195 LEU A C   1 
ATOM   1497 O O   . LEU A 1 195 ? -7.198  -12.968 3.398   1.00 19.54 ? 195 LEU A O   1 
ATOM   1498 C CB  . LEU A 1 195 ? -8.376  -12.934 0.691   1.00 21.12 ? 195 LEU A CB  1 
ATOM   1499 C CG  . LEU A 1 195 ? -9.095  -12.585 -0.613  1.00 26.61 ? 195 LEU A CG  1 
ATOM   1500 C CD1 . LEU A 1 195 ? -8.225  -11.715 -1.513  1.00 24.25 ? 195 LEU A CD1 1 
ATOM   1501 C CD2 . LEU A 1 195 ? -9.516  -13.882 -1.299  1.00 24.25 ? 195 LEU A CD2 1 
ATOM   1502 N N   . MET A 1 196 ? -7.676  -10.761 3.350   1.00 20.84 ? 196 MET A N   1 
ATOM   1503 C CA  . MET A 1 196 ? -7.727  -10.642 4.798   1.00 20.48 ? 196 MET A CA  1 
ATOM   1504 C C   . MET A 1 196 ? -9.145  -10.389 5.303   1.00 21.82 ? 196 MET A C   1 
ATOM   1505 O O   . MET A 1 196 ? -9.877  -9.566  4.754   1.00 21.96 ? 196 MET A O   1 
ATOM   1506 C CB  . MET A 1 196 ? -6.781  -9.527  5.257   1.00 20.50 ? 196 MET A CB  1 
ATOM   1507 C CG  . MET A 1 196 ? -5.323  -9.807  4.918   1.00 18.93 ? 196 MET A CG  1 
ATOM   1508 S SD  . MET A 1 196 ? -4.161  -8.601  5.620   1.00 18.79 ? 196 MET A SD  1 
ATOM   1509 C CE  . MET A 1 196 ? -4.166  -9.082  7.364   1.00 20.42 ? 196 MET A CE  1 
ATOM   1510 N N   . ALA A 1 197 ? -9.523  -11.104 6.358   1.00 22.61 ? 197 ALA A N   1 
ATOM   1511 C CA  . ALA A 1 197 ? -10.856 -10.977 6.933   1.00 21.71 ? 197 ALA A CA  1 
ATOM   1512 C C   . ALA A 1 197 ? -11.302 -9.532  7.127   1.00 21.35 ? 197 ALA A C   1 
ATOM   1513 O O   . ALA A 1 197 ? -10.559 -8.700  7.659   1.00 20.40 ? 197 ALA A O   1 
ATOM   1514 C CB  . ALA A 1 197 ? -10.925 -11.724 8.258   1.00 22.71 ? 197 ALA A CB  1 
ATOM   1515 N N   . ARG A 1 198 ? -12.525 -9.250  6.691   1.00 20.85 ? 198 ARG A N   1 
ATOM   1516 C CA  . ARG A 1 198 ? -13.115 -7.923  6.795   1.00 22.51 ? 198 ARG A CA  1 
ATOM   1517 C C   . ARG A 1 198 ? -14.310 -7.958  7.749   1.00 23.67 ? 198 ARG A C   1 
ATOM   1518 O O   . ARG A 1 198 ? -15.064 -8.929  7.777   1.00 25.22 ? 198 ARG A O   1 
ATOM   1519 C CB  . ARG A 1 198 ? -13.547 -7.442  5.403   1.00 22.28 ? 198 ARG A CB  1 
ATOM   1520 C CG  . ARG A 1 198 ? -14.288 -6.120  5.388   1.00 19.96 ? 198 ARG A CG  1 
ATOM   1521 C CD  . ARG A 1 198 ? -14.342 -5.540  3.981   1.00 20.57 ? 198 ARG A CD  1 
ATOM   1522 N NE  . ARG A 1 198 ? -15.094 -6.364  3.034   1.00 21.56 ? 198 ARG A NE  1 
ATOM   1523 C CZ  . ARG A 1 198 ? -16.416 -6.340  2.900   1.00 21.10 ? 198 ARG A CZ  1 
ATOM   1524 N NH1 . ARG A 1 198 ? -17.145 -5.529  3.652   1.00 20.31 ? 198 ARG A NH1 1 
ATOM   1525 N NH2 . ARG A 1 198 ? -17.012 -7.123  2.001   1.00 21.42 ? 198 ARG A NH2 1 
ATOM   1526 N N   . ASN A 1 199 ? -14.462 -6.899  8.538   1.00 24.34 ? 199 ASN A N   1 
ATOM   1527 C CA  . ASN A 1 199 ? -15.549 -6.797  9.507   1.00 26.33 ? 199 ASN A CA  1 
ATOM   1528 C C   . ASN A 1 199 ? -15.455 -7.876  10.585  1.00 27.07 ? 199 ASN A C   1 
ATOM   1529 O O   . ASN A 1 199 ? -16.474 -8.372  11.077  1.00 27.74 ? 199 ASN A O   1 
ATOM   1530 C CB  . ASN A 1 199 ? -16.904 -6.882  8.797   1.00 26.23 ? 199 ASN A CB  1 
ATOM   1531 C CG  . ASN A 1 199 ? -17.227 -5.628  8.010   1.00 27.20 ? 199 ASN A CG  1 
ATOM   1532 O OD1 . ASN A 1 199 ? -18.237 -5.568  7.305   1.00 30.21 ? 199 ASN A OD1 1 
ATOM   1533 N ND2 . ASN A 1 199 ? -16.377 -4.613  8.133   1.00 22.21 ? 199 ASN A ND2 1 
ATOM   1534 N N   . LYS A 1 200 ? -14.226 -8.236  10.937  1.00 27.30 ? 200 LYS A N   1 
ATOM   1535 C CA  . LYS A 1 200 ? -13.960 -9.234  11.970  1.00 28.65 ? 200 LYS A CA  1 
ATOM   1536 C C   . LYS A 1 200 ? -13.156 -8.557  13.067  1.00 27.20 ? 200 LYS A C   1 
ATOM   1537 O O   . LYS A 1 200 ? -12.030 -8.955  13.355  1.00 27.94 ? 200 LYS A O   1 
ATOM   1538 C CB  . LYS A 1 200 ? -13.152 -10.408 11.410  1.00 30.06 ? 200 LYS A CB  1 
ATOM   1539 C CG  . LYS A 1 200 ? -13.906 -11.326 10.465  1.00 32.98 ? 200 LYS A CG  1 
ATOM   1540 C CD  . LYS A 1 200 ? -14.998 -12.098 11.190  1.00 37.81 ? 200 LYS A CD  1 
ATOM   1541 C CE  . LYS A 1 200 ? -15.716 -13.066 10.256  1.00 38.92 ? 200 LYS A CE  1 
ATOM   1542 N NZ  . LYS A 1 200 ? -16.897 -13.702 10.919  1.00 41.91 ? 200 LYS A NZ  1 
ATOM   1543 N N   . ASN A 1 201 ? -13.736 -7.518  13.660  1.00 27.63 ? 201 ASN A N   1 
ATOM   1544 C CA  . ASN A 1 201 ? -13.090 -6.772  14.731  1.00 28.18 ? 201 ASN A CA  1 
ATOM   1545 C C   . ASN A 1 201 ? -11.763 -6.148  14.326  1.00 28.02 ? 201 ASN A C   1 
ATOM   1546 O O   . ASN A 1 201 ? -10.809 -6.138  15.108  1.00 27.15 ? 201 ASN A O   1 
ATOM   1547 C CB  . ASN A 1 201 ? -12.890 -7.677  15.950  1.00 31.47 ? 201 ASN A CB  1 
ATOM   1548 C CG  . ASN A 1 201 ? -14.178 -7.923  16.701  1.00 33.39 ? 201 ASN A CG  1 
ATOM   1549 O OD1 . ASN A 1 201 ? -14.297 -8.880  17.468  1.00 37.13 ? 201 ASN A OD1 1 
ATOM   1550 N ND2 . ASN A 1 201 ? -15.156 -7.046  16.493  1.00 36.23 ? 201 ASN A ND2 1 
ATOM   1551 N N   . ASN A 1 202 ? -11.702 -5.632  13.103  1.00 26.22 ? 202 ASN A N   1 
ATOM   1552 C CA  . ASN A 1 202 ? -10.488 -4.979  12.627  1.00 25.53 ? 202 ASN A CA  1 
ATOM   1553 C C   . ASN A 1 202 ? -9.288  -5.913  12.804  1.00 24.01 ? 202 ASN A C   1 
ATOM   1554 O O   . ASN A 1 202 ? -8.274  -5.547  13.402  1.00 23.79 ? 202 ASN A O   1 
ATOM   1555 C CB  . ASN A 1 202 ? -10.308 -3.679  13.417  1.00 25.03 ? 202 ASN A CB  1 
ATOM   1556 C CG  . ASN A 1 202 ? -9.143  -2.847  12.931  1.00 27.65 ? 202 ASN A CG  1 
ATOM   1557 O OD1 . ASN A 1 202 ? -8.862  -2.789  11.739  1.00 26.72 ? 202 ASN A OD1 1 
ATOM   1558 N ND2 . ASN A 1 202 ? -8.475  -2.172  13.858  1.00 26.41 ? 202 ASN A ND2 1 
ATOM   1559 N N   . ALA A 1 203 ? -9.422  -7.123  12.263  1.00 25.15 ? 203 ALA A N   1 
ATOM   1560 C CA  . ALA A 1 203 ? -8.387  -8.152  12.358  1.00 23.85 ? 203 ALA A CA  1 
ATOM   1561 C C   . ALA A 1 203 ? -7.026  -7.689  11.864  1.00 23.65 ? 203 ALA A C   1 
ATOM   1562 O O   . ALA A 1 203 ? -6.909  -7.101  10.789  1.00 21.91 ? 203 ALA A O   1 
ATOM   1563 C CB  . ALA A 1 203 ? -8.818  -9.395  11.590  1.00 25.40 ? 203 ALA A CB  1 
ATOM   1564 N N   . CYS A 1 204 ? -6.002  -7.972  12.668  1.00 24.17 ? 204 CYS A N   1 
ATOM   1565 C CA  . CYS A 1 204 ? -4.619  -7.608  12.368  1.00 24.65 ? 204 CYS A CA  1 
ATOM   1566 C C   . CYS A 1 204 ? -4.382  -6.098  12.292  1.00 24.58 ? 204 CYS A C   1 
ATOM   1567 O O   . CYS A 1 204 ? -3.304  -5.651  11.890  1.00 23.10 ? 204 CYS A O   1 
ATOM   1568 C CB  . CYS A 1 204 ? -4.163  -8.269  11.063  1.00 25.00 ? 204 CYS A CB  1 
ATOM   1569 S SG  . CYS A 1 204 ? -3.921  -10.078 11.133  1.00 28.31 ? 204 CYS A SG  1 
ATOM   1570 N N   . GLY A 1 205 ? -5.391  -5.321  12.685  1.00 23.26 ? 205 GLY A N   1 
ATOM   1571 C CA  . GLY A 1 205 ? -5.277  -3.871  12.679  1.00 22.48 ? 205 GLY A CA  1 
ATOM   1572 C C   . GLY A 1 205 ? -5.346  -3.225  11.308  1.00 23.10 ? 205 GLY A C   1 
ATOM   1573 O O   . GLY A 1 205 ? -4.797  -2.144  11.091  1.00 22.75 ? 205 GLY A O   1 
ATOM   1574 N N   . ILE A 1 206 ? -6.041  -3.879  10.388  1.00 22.89 ? 206 ILE A N   1 
ATOM   1575 C CA  . ILE A 1 206 ? -6.170  -3.401  9.019   1.00 24.26 ? 206 ILE A CA  1 
ATOM   1576 C C   . ILE A 1 206 ? -6.635  -1.944  8.866   1.00 24.74 ? 206 ILE A C   1 
ATOM   1577 O O   . ILE A 1 206 ? -6.181  -1.242  7.960   1.00 24.38 ? 206 ILE A O   1 
ATOM   1578 C CB  . ILE A 1 206 ? -7.106  -4.336  8.215   1.00 25.65 ? 206 ILE A CB  1 
ATOM   1579 C CG1 . ILE A 1 206 ? -7.157  -3.900  6.751   1.00 28.25 ? 206 ILE A CG1 1 
ATOM   1580 C CG2 . ILE A 1 206 ? -8.497  -4.342  8.828   1.00 25.43 ? 206 ILE A CG2 1 
ATOM   1581 C CD1 . ILE A 1 206 ? -5.851  -4.060  6.026   1.00 31.19 ? 206 ILE A CD1 1 
ATOM   1582 N N   . ALA A 1 207 ? -7.518  -1.475  9.744   1.00 22.60 ? 207 ALA A N   1 
ATOM   1583 C CA  . ALA A 1 207 ? -8.005  -0.095  9.640   1.00 21.74 ? 207 ALA A CA  1 
ATOM   1584 C C   . ALA A 1 207 ? -7.400  0.863   10.673  1.00 21.93 ? 207 ALA A C   1 
ATOM   1585 O O   . ALA A 1 207 ? -7.960  1.925   10.944  1.00 22.97 ? 207 ALA A O   1 
ATOM   1586 C CB  . ALA A 1 207 ? -9.532  -0.077  9.751   1.00 23.51 ? 207 ALA A CB  1 
ATOM   1587 N N   . ASN A 1 208 ? -6.254  0.500   11.236  1.00 20.93 ? 208 ASN A N   1 
ATOM   1588 C CA  . ASN A 1 208 ? -5.633  1.335   12.256  1.00 22.23 ? 208 ASN A CA  1 
ATOM   1589 C C   . ASN A 1 208 ? -4.647  2.392   11.773  1.00 22.33 ? 208 ASN A C   1 
ATOM   1590 O O   . ASN A 1 208 ? -4.391  3.372   12.472  1.00 21.27 ? 208 ASN A O   1 
ATOM   1591 C CB  . ASN A 1 208 ? -4.974  0.450   13.323  1.00 22.37 ? 208 ASN A CB  1 
ATOM   1592 C CG  . ASN A 1 208 ? -5.988  -0.130  14.292  1.00 21.41 ? 208 ASN A CG  1 
ATOM   1593 O OD1 . ASN A 1 208 ? -7.132  0.317   14.337  1.00 21.72 ? 208 ASN A OD1 1 
ATOM   1594 N ND2 . ASN A 1 208 ? -5.573  -1.114  15.077  1.00 22.64 ? 208 ASN A ND2 1 
ATOM   1595 N N   . LEU A 1 209 ? -4.091  2.201   10.584  1.00 22.37 ? 209 LEU A N   1 
ATOM   1596 C CA  . LEU A 1 209 ? -3.150  3.175   10.047  1.00 23.04 ? 209 LEU A CA  1 
ATOM   1597 C C   . LEU A 1 209 ? -3.346  3.267   8.536   1.00 22.40 ? 209 LEU A C   1 
ATOM   1598 O O   . LEU A 1 209 ? -2.407  3.068   7.761   1.00 22.52 ? 209 LEU A O   1 
ATOM   1599 C CB  . LEU A 1 209 ? -1.718  2.747   10.372  1.00 24.49 ? 209 LEU A CB  1 
ATOM   1600 C CG  . LEU A 1 209 ? -0.651  3.824   10.171  1.00 25.76 ? 209 LEU A CG  1 
ATOM   1601 C CD1 . LEU A 1 209 ? -0.882  4.953   11.151  1.00 25.96 ? 209 LEU A CD1 1 
ATOM   1602 C CD2 . LEU A 1 209 ? 0.722   3.225   10.368  1.00 26.76 ? 209 LEU A CD2 1 
ATOM   1603 N N   . ALA A 1 210 ? -4.578  3.558   8.129   1.00 22.28 ? 210 ALA A N   1 
ATOM   1604 C CA  . ALA A 1 210 ? -4.926  3.664   6.713   1.00 20.75 ? 210 ALA A CA  1 
ATOM   1605 C C   . ALA A 1 210 ? -4.954  5.107   6.217   1.00 19.77 ? 210 ALA A C   1 
ATOM   1606 O O   . ALA A 1 210 ? -5.481  5.995   6.886   1.00 20.63 ? 210 ALA A O   1 
ATOM   1607 C CB  . ALA A 1 210 ? -6.274  3.004   6.460   1.00 22.03 ? 210 ALA A CB  1 
ATOM   1608 N N   . SER A 1 211 ? -4.401  5.335   5.028   1.00 19.08 ? 211 SER A N   1 
ATOM   1609 C CA  . SER A 1 211 ? -4.368  6.674   4.463   1.00 18.41 ? 211 SER A CA  1 
ATOM   1610 C C   . SER A 1 211 ? -4.270  6.630   2.946   1.00 19.14 ? 211 SER A C   1 
ATOM   1611 O O   . SER A 1 211 ? -3.960  5.593   2.355   1.00 17.42 ? 211 SER A O   1 
ATOM   1612 C CB  . SER A 1 211 ? -3.162  7.444   5.010   1.00 19.92 ? 211 SER A CB  1 
ATOM   1613 O OG  . SER A 1 211 ? -1.957  6.829   4.582   1.00 21.37 ? 211 SER A OG  1 
ATOM   1614 N N   . PHE A 1 212 ? -4.540  7.769   2.318   1.00 20.51 ? 212 PHE A N   1 
ATOM   1615 C CA  . PHE A 1 212 ? -4.448  7.879   0.866   1.00 19.26 ? 212 PHE A CA  1 
ATOM   1616 C C   . PHE A 1 212 ? -4.062  9.304   0.497   1.00 19.03 ? 212 PHE A C   1 
ATOM   1617 O O   . PHE A 1 212 ? -4.384  10.252  1.214   1.00 18.35 ? 212 PHE A O   1 
ATOM   1618 C CB  . PHE A 1 212 ? -5.775  7.483   0.206   1.00 20.71 ? 212 PHE A CB  1 
ATOM   1619 C CG  . PHE A 1 212 ? -6.956  8.312   0.641   1.00 22.24 ? 212 PHE A CG  1 
ATOM   1620 C CD1 . PHE A 1 212 ? -7.204  9.550   0.070   1.00 22.46 ? 212 PHE A CD1 1 
ATOM   1621 C CD2 . PHE A 1 212 ? -7.832  7.838   1.612   1.00 22.71 ? 212 PHE A CD2 1 
ATOM   1622 C CE1 . PHE A 1 212 ? -8.308  10.302  0.457   1.00 23.77 ? 212 PHE A CE1 1 
ATOM   1623 C CE2 . PHE A 1 212 ? -8.934  8.584   2.002   1.00 22.17 ? 212 PHE A CE2 1 
ATOM   1624 C CZ  . PHE A 1 212 ? -9.172  9.813   1.426   1.00 22.25 ? 212 PHE A CZ  1 
ATOM   1625 N N   . PRO A 1 213 ? -3.354  9.473   -0.628  1.00 19.03 ? 213 PRO A N   1 
ATOM   1626 C CA  . PRO A 1 213 ? -2.930  10.803  -1.062  1.00 20.34 ? 213 PRO A CA  1 
ATOM   1627 C C   . PRO A 1 213 ? -4.003  11.536  -1.852  1.00 22.09 ? 213 PRO A C   1 
ATOM   1628 O O   . PRO A 1 213 ? -4.877  10.918  -2.455  1.00 22.96 ? 213 PRO A O   1 
ATOM   1629 C CB  . PRO A 1 213 ? -1.699  10.499  -1.906  1.00 19.31 ? 213 PRO A CB  1 
ATOM   1630 C CG  . PRO A 1 213 ? -2.110  9.239   -2.608  1.00 20.16 ? 213 PRO A CG  1 
ATOM   1631 C CD  . PRO A 1 213 ? -2.788  8.428   -1.501  1.00 17.86 ? 213 PRO A CD  1 
ATOM   1632 N N   . LYS A 1 214 ? -3.931  12.861  -1.835  1.00 24.94 ? 214 LYS A N   1 
ATOM   1633 C CA  . LYS A 1 214 ? -4.878  13.683  -2.571  1.00 26.59 ? 214 LYS A CA  1 
ATOM   1634 C C   . LYS A 1 214 ? -4.143  14.253  -3.780  1.00 26.97 ? 214 LYS A C   1 
ATOM   1635 O O   . LYS A 1 214 ? -2.953  14.540  -3.702  1.00 26.23 ? 214 LYS A O   1 
ATOM   1636 C CB  . LYS A 1 214 ? -5.390  14.825  -1.683  1.00 29.24 ? 214 LYS A CB  1 
ATOM   1637 C CG  . LYS A 1 214 ? -6.067  14.359  -0.404  1.00 30.33 ? 214 LYS A CG  1 
ATOM   1638 C CD  . LYS A 1 214 ? -6.747  15.502  0.335   1.00 32.68 ? 214 LYS A CD  1 
ATOM   1639 C CE  . LYS A 1 214 ? -5.762  16.561  0.793   1.00 33.35 ? 214 LYS A CE  1 
ATOM   1640 N NZ  . LYS A 1 214 ? -6.433  17.616  1.601   1.00 34.93 ? 214 LYS A NZ  1 
ATOM   1641 N N   . MET A 1 215 ? -4.842  14.394  -4.898  1.00 28.73 ? 215 MET A N   1 
ATOM   1642 C CA  . MET A 1 215 ? -4.238  14.945  -6.110  1.00 32.01 ? 215 MET A CA  1 
ATOM   1643 C C   . MET A 1 215 ? -5.097  16.070  -6.684  1.00 34.27 ? 215 MET A C   1 
ATOM   1644 O O   . MET A 1 215 ? -6.121  16.400  -6.057  1.00 37.48 ? 215 MET A O   1 
ATOM   1645 C CB  . MET A 1 215 ? -4.048  13.849  -7.163  1.00 29.92 ? 215 MET A CB  1 
ATOM   1646 C CG  . MET A 1 215 ? -2.886  12.912  -6.879  1.00 30.76 ? 215 MET A CG  1 
ATOM   1647 S SD  . MET A 1 215 ? -2.673  11.660  -8.158  1.00 31.79 ? 215 MET A SD  1 
ATOM   1648 C CE  . MET A 1 215 ? -1.892  12.585  -9.427  1.00 29.36 ? 215 MET A CE  1 
ATOM   1649 O OXT . MET A 1 215 ? -4.736  16.614  -7.748  1.00 38.82 ? 215 MET A OXT 1 
HETATM 1650 N N1  . ORG B 2 .   ? 8.038   -1.296  7.887   1.00 23.09 ? 216 ORG A N1  1 
HETATM 1651 C C2  . ORG B 2 .   ? 8.349   -0.867  9.054   1.00 27.15 ? 216 ORG A C2  1 
HETATM 1652 N N3  . ORG B 2 .   ? 9.576   -1.387  9.634   1.00 25.78 ? 216 ORG A N3  1 
HETATM 1653 C C4  . ORG B 2 .   ? 10.347  -2.235  9.046   1.00 28.31 ? 216 ORG A C4  1 
HETATM 1654 N N5  . ORG B 2 .   ? 9.918   -2.665  7.728   1.00 25.50 ? 216 ORG A N5  1 
HETATM 1655 C C6  . ORG B 2 .   ? 8.850   -2.249  7.161   1.00 26.20 ? 216 ORG A C6  1 
HETATM 1656 N N7  . ORG B 2 .   ? 7.619   -0.004  9.710   1.00 27.14 ? 216 ORG A N7  1 
HETATM 1657 N N8  . ORG B 2 .   ? 11.455  -2.692  9.599   1.00 31.79 ? 216 ORG A N8  1 
HETATM 1658 C C9  . ORG B 2 .   ? 8.479   -2.710  5.867   1.00 24.33 ? 216 ORG A C9  1 
HETATM 1659 C C10 . ORG B 2 .   ? 11.890  -2.259  10.950  1.00 34.02 ? 216 ORG A C10 1 
HETATM 1660 C C11 . ORG B 2 .   ? 12.049  -3.529  11.837  1.00 33.99 ? 216 ORG A C11 1 
HETATM 1661 N N12 . ORG B 2 .   ? 12.940  -4.510  11.143  1.00 34.77 ? 216 ORG A N12 1 
HETATM 1662 C C13 . ORG B 2 .   ? 12.459  -4.926  9.790   1.00 33.78 ? 216 ORG A C13 1 
HETATM 1663 C C14 . ORG B 2 .   ? 12.319  -3.668  8.891   1.00 32.51 ? 216 ORG A C14 1 
HETATM 1664 N N15 . ORG B 2 .   ? 9.146   -3.570  5.012   1.00 25.09 ? 216 ORG A N15 1 
HETATM 1665 C C16 . ORG B 2 .   ? 6.203   0.265   9.413   1.00 30.42 ? 216 ORG A C16 1 
HETATM 1666 C C17 . ORG B 2 .   ? 5.277   -0.840  10.011  1.00 31.41 ? 216 ORG A C17 1 
HETATM 1667 C C18 . ORG B 2 .   ? 3.772   -0.547  9.706   1.00 33.09 ? 216 ORG A C18 1 
HETATM 1668 C C19 . ORG B 2 .   ? 3.374   0.861   10.268  1.00 32.81 ? 216 ORG A C19 1 
HETATM 1669 C C20 . ORG B 2 .   ? 4.308   1.979   9.697   1.00 31.35 ? 216 ORG A C20 1 
HETATM 1670 C C21 . ORG B 2 .   ? 5.811   1.658   9.994   1.00 31.85 ? 216 ORG A C21 1 
HETATM 1671 C C1  . TFA C 3 .   ? 10.257  -7.553  7.235   1.00 45.64 ? 217 TFA A C1  1 
HETATM 1672 C C2  . TFA C 3 .   ? 10.244  -6.950  5.950   1.00 43.70 ? 217 TFA A C2  1 
HETATM 1673 O O   . TFA C 3 .   ? 9.141   -7.725  7.900   1.00 48.16 ? 217 TFA A O   1 
HETATM 1674 F F1  . TFA C 3 .   ? 9.121   -6.754  5.594   1.00 42.20 ? 217 TFA A F1  1 
HETATM 1675 F F2  . TFA C 3 .   ? 10.769  -7.654  5.132   1.00 45.52 ? 217 TFA A F2  1 
HETATM 1676 F F3  . TFA C 3 .   ? 10.841  -5.914  6.006   1.00 42.95 ? 217 TFA A F3  1 
HETATM 1677 O OXT . TFA C 3 .   ? 11.375  -7.948  7.777   1.00 46.42 ? 217 TFA A OXT 1 
HETATM 1678 O O   . HOH D 4 .   ? -10.627 17.111  -0.922  1.00 23.92 ? 218 HOH A O   1 
HETATM 1679 O O   . HOH D 4 .   ? -2.363  0.848   -6.854  1.00 18.46 ? 219 HOH A O   1 
HETATM 1680 O O   . HOH D 4 .   ? -3.925  0.031   8.810   1.00 18.92 ? 220 HOH A O   1 
HETATM 1681 O O   . HOH D 4 .   ? -11.584 -7.458  9.980   1.00 20.41 ? 221 HOH A O   1 
HETATM 1682 O O   . HOH D 4 .   ? -7.803  -8.503  8.285   1.00 23.33 ? 222 HOH A O   1 
HETATM 1683 O O   . HOH D 4 .   ? 12.385  2.819   -7.419  1.00 19.52 ? 223 HOH A O   1 
HETATM 1684 O O   . HOH D 4 .   ? 1.812   -2.904  -1.057  1.00 17.74 ? 224 HOH A O   1 
HETATM 1685 O O   . HOH D 4 .   ? 3.946   -9.885  -2.324  1.00 15.51 ? 225 HOH A O   1 
HETATM 1686 O O   . HOH D 4 .   ? -0.952  -18.511 14.617  1.00 32.95 ? 226 HOH A O   1 
HETATM 1687 O O   . HOH D 4 .   ? 3.689   -2.212  -7.624  1.00 66.76 ? 227 HOH A O   1 
HETATM 1688 O O   . HOH D 4 .   ? 4.069   -4.985  -4.692  1.00 22.62 ? 228 HOH A O   1 
HETATM 1689 O O   . HOH D 4 .   ? -6.454  -15.814 -2.328  1.00 23.24 ? 229 HOH A O   1 
HETATM 1690 O O   . HOH D 4 .   ? 1.905   -8.758  -10.505 1.00 24.74 ? 230 HOH A O   1 
HETATM 1691 O O   . HOH D 4 .   ? -20.398 -5.076  3.355   1.00 32.71 ? 231 HOH A O   1 
HETATM 1692 O O   . HOH D 4 .   ? 13.824  15.376  -3.139  1.00 22.71 ? 232 HOH A O   1 
HETATM 1693 O O   . HOH D 4 .   ? -5.126  5.072   -4.743  1.00 20.82 ? 233 HOH A O   1 
HETATM 1694 O O   . HOH D 4 .   ? 18.281  4.146   -8.104  1.00 25.48 ? 234 HOH A O   1 
HETATM 1695 O O   . HOH D 4 .   ? -0.156  -0.534  -7.528  1.00 20.32 ? 235 HOH A O   1 
HETATM 1696 O O   . HOH D 4 .   ? 6.174   -18.632 -2.263  1.00 25.70 ? 236 HOH A O   1 
HETATM 1697 O O   . HOH D 4 .   ? -6.787  -11.081 8.996   1.00 20.22 ? 237 HOH A O   1 
HETATM 1698 O O   . HOH D 4 .   ? 13.505  7.264   4.002   1.00 20.38 ? 238 HOH A O   1 
HETATM 1699 O O   . HOH D 4 .   ? -6.629  -12.078 11.611  1.00 23.48 ? 239 HOH A O   1 
HETATM 1700 O O   . HOH D 4 .   ? 16.005  8.720   6.020   1.00 19.06 ? 240 HOH A O   1 
HETATM 1701 O O   . HOH D 4 .   ? -12.382 10.288  -3.785  1.00 18.70 ? 241 HOH A O   1 
HETATM 1702 O O   . HOH D 4 .   ? -4.529  -2.935  -12.571 1.00 22.81 ? 242 HOH A O   1 
HETATM 1703 O O   . HOH D 4 .   ? 1.376   6.216   7.586   1.00 20.32 ? 243 HOH A O   1 
HETATM 1704 O O   . HOH D 4 .   ? -12.810 4.883   -6.483  1.00 19.07 ? 244 HOH A O   1 
HETATM 1705 O O   . HOH D 4 .   ? 1.871   -1.309  -3.172  1.00 23.69 ? 245 HOH A O   1 
HETATM 1706 O O   . HOH D 4 .   ? 3.270   -2.179  -5.269  1.00 26.75 ? 246 HOH A O   1 
HETATM 1707 O O   . HOH D 4 .   ? 6.643   -10.540 8.934   1.00 21.47 ? 247 HOH A O   1 
HETATM 1708 O O   . HOH D 4 .   ? -6.600  4.436   9.985   1.00 23.48 ? 248 HOH A O   1 
HETATM 1709 O O   . HOH D 4 .   ? -17.715 -17.388 -3.744  1.00 29.74 ? 249 HOH A O   1 
HETATM 1710 O O   . HOH D 4 .   ? 0.192   -11.656 11.214  1.00 21.32 ? 250 HOH A O   1 
HETATM 1711 O O   . HOH D 4 .   ? 3.782   -3.661  0.712   1.00 22.41 ? 251 HOH A O   1 
HETATM 1712 O O   . HOH D 4 .   ? -5.911  -8.283  15.384  1.00 31.51 ? 252 HOH A O   1 
HETATM 1713 O O   . HOH D 4 .   ? 0.077   -10.943 -9.525  1.00 25.48 ? 253 HOH A O   1 
HETATM 1714 O O   . HOH D 4 .   ? -4.653  -13.083 -5.950  1.00 25.80 ? 254 HOH A O   1 
HETATM 1715 O O   . HOH D 4 .   ? 7.927   13.807  5.092   1.00 24.40 ? 255 HOH A O   1 
HETATM 1716 O O   . HOH D 4 .   ? -1.257  5.486   6.981   1.00 24.15 ? 256 HOH A O   1 
HETATM 1717 O O   . HOH D 4 .   ? 19.141  8.935   1.669   1.00 26.58 ? 257 HOH A O   1 
HETATM 1718 O O   . HOH D 4 .   ? -1.645  -23.464 -1.900  1.00 28.96 ? 258 HOH A O   1 
HETATM 1719 O O   . HOH D 4 .   ? -14.466 -3.459  12.604  1.00 37.18 ? 259 HOH A O   1 
HETATM 1720 O O   . HOH D 4 .   ? -0.791  -6.732  -9.504  1.00 25.97 ? 260 HOH A O   1 
HETATM 1721 O O   . HOH D 4 .   ? 0.835   -18.132 13.045  1.00 30.46 ? 261 HOH A O   1 
HETATM 1722 O O   . HOH D 4 .   ? 26.510  10.314  -2.519  1.00 47.79 ? 262 HOH A O   1 
HETATM 1723 O O   . HOH D 4 .   ? 9.687   18.955  -8.132  1.00 24.18 ? 263 HOH A O   1 
HETATM 1724 O O   . HOH D 4 .   ? -11.709 -17.083 6.906   1.00 29.46 ? 264 HOH A O   1 
HETATM 1725 O O   . HOH D 4 .   ? 4.865   0.013   -7.524  1.00 32.09 ? 265 HOH A O   1 
HETATM 1726 O O   . HOH D 4 .   ? -3.158  -20.298 3.078   1.00 28.50 ? 266 HOH A O   1 
HETATM 1727 O O   . HOH D 4 .   ? 7.715   -16.593 -8.375  1.00 54.74 ? 267 HOH A O   1 
HETATM 1728 O O   . HOH D 4 .   ? 8.417   4.036   -14.371 1.00 32.62 ? 268 HOH A O   1 
HETATM 1729 O O   . HOH D 4 .   ? 10.890  -13.277 -2.708  1.00 29.42 ? 269 HOH A O   1 
HETATM 1730 O O   . HOH D 4 .   ? -18.793 5.033   10.085  1.00 36.75 ? 270 HOH A O   1 
HETATM 1731 O O   . HOH D 4 .   ? 4.333   -15.025 -9.499  1.00 37.57 ? 271 HOH A O   1 
HETATM 1732 O O   . HOH D 4 .   ? 10.591  14.793  -18.937 1.00 30.95 ? 272 HOH A O   1 
HETATM 1733 O O   . HOH D 4 .   ? -10.737 11.978  -12.559 1.00 33.46 ? 273 HOH A O   1 
HETATM 1734 O O   . HOH D 4 .   ? -2.871  17.008  3.929   1.00 31.77 ? 274 HOH A O   1 
HETATM 1735 O O   . HOH D 4 .   ? 10.750  -5.079  -7.185  1.00 34.05 ? 275 HOH A O   1 
HETATM 1736 O O   . HOH D 4 .   ? -16.382 -3.181  5.743   1.00 28.15 ? 276 HOH A O   1 
HETATM 1737 O O   . HOH D 4 .   ? -16.211 -6.113  13.330  1.00 34.30 ? 277 HOH A O   1 
HETATM 1738 O O   . HOH D 4 .   ? 3.104   -17.100 1.233   1.00 19.17 ? 278 HOH A O   1 
HETATM 1739 O O   . HOH D 4 .   ? 3.072   -17.334 14.850  1.00 30.07 ? 279 HOH A O   1 
HETATM 1740 O O   . HOH D 4 .   ? 3.497   17.161  -5.401  1.00 24.40 ? 280 HOH A O   1 
HETATM 1741 O O   . HOH D 4 .   ? -12.825 -14.932 8.221   1.00 28.70 ? 281 HOH A O   1 
HETATM 1742 O O   . HOH D 4 .   ? 10.712  13.603  5.139   1.00 21.15 ? 282 HOH A O   1 
HETATM 1743 O O   . HOH D 4 .   ? -8.267  -17.639 -2.082  1.00 27.44 ? 283 HOH A O   1 
HETATM 1744 O O   . HOH D 4 .   ? -14.129 6.968   4.253   1.00 23.56 ? 284 HOH A O   1 
HETATM 1745 O O   . HOH D 4 .   ? 2.086   -22.336 12.267  1.00 37.06 ? 285 HOH A O   1 
HETATM 1746 O O   . HOH D 4 .   ? -4.433  10.102  -19.750 1.00 34.65 ? 286 HOH A O   1 
HETATM 1747 O O   . HOH D 4 .   ? 7.430   -5.632  7.712   1.00 53.51 ? 287 HOH A O   1 
HETATM 1748 O O   . HOH D 4 .   ? -18.920 -8.386  -1.103  1.00 34.29 ? 288 HOH A O   1 
HETATM 1749 O O   . HOH D 4 .   ? 0.523   12.366  9.862   1.00 41.42 ? 289 HOH A O   1 
HETATM 1750 O O   . HOH D 4 .   ? 17.039  11.419  3.336   1.00 30.22 ? 290 HOH A O   1 
HETATM 1751 O O   . HOH D 4 .   ? -13.617 -8.267  -4.988  1.00 31.55 ? 291 HOH A O   1 
HETATM 1752 O O   . HOH D 4 .   ? 14.372  -0.091  12.109  1.00 31.56 ? 292 HOH A O   1 
HETATM 1753 O O   . HOH D 4 .   ? -20.402 -8.261  8.868   1.00 45.64 ? 293 HOH A O   1 
HETATM 1754 O O   . HOH D 4 .   ? -2.425  -19.066 6.451   1.00 32.55 ? 294 HOH A O   1 
HETATM 1755 O O   . HOH D 4 .   ? 7.694   19.133  -10.134 1.00 51.54 ? 295 HOH A O   1 
HETATM 1756 O O   . HOH D 4 .   ? 8.532   14.554  -16.145 1.00 36.68 ? 296 HOH A O   1 
HETATM 1757 O O   . HOH D 4 .   ? -7.433  -2.193  17.132  1.00 30.45 ? 297 HOH A O   1 
HETATM 1758 O O   . HOH D 4 .   ? -16.682 9.255   1.530   1.00 29.63 ? 298 HOH A O   1 
HETATM 1759 O O   . HOH D 4 .   ? -3.803  -19.024 10.783  1.00 33.90 ? 299 HOH A O   1 
HETATM 1760 O O   . HOH D 4 .   ? -3.221  -19.907 -3.999  1.00 34.83 ? 300 HOH A O   1 
HETATM 1761 O O   . HOH D 4 .   ? -20.821 -0.542  4.087   1.00 56.94 ? 301 HOH A O   1 
HETATM 1762 O O   . HOH D 4 .   ? 1.283   7.601   9.570   1.00 31.76 ? 302 HOH A O   1 
HETATM 1763 O O   . HOH D 4 .   ? -11.796 -10.238 -7.589  1.00 48.21 ? 303 HOH A O   1 
HETATM 1764 O O   . HOH D 4 .   ? -11.879 -9.533  18.976  1.00 35.89 ? 304 HOH A O   1 
HETATM 1765 O O   . HOH D 4 .   ? -6.964  13.039  7.567   1.00 38.29 ? 305 HOH A O   1 
HETATM 1766 O O   . HOH D 4 .   ? -5.502  -7.378  18.596  1.00 33.32 ? 306 HOH A O   1 
HETATM 1767 O O   . HOH D 4 .   ? 5.352   -9.096  -10.751 1.00 28.14 ? 307 HOH A O   1 
HETATM 1768 O O   . HOH D 4 .   ? -17.788 -6.983  15.980  1.00 46.77 ? 308 HOH A O   1 
HETATM 1769 O O   . HOH D 4 .   ? -5.438  20.763  -1.069  1.00 40.72 ? 309 HOH A O   1 
HETATM 1770 O O   . HOH D 4 .   ? 6.624   16.028  6.010   1.00 40.22 ? 310 HOH A O   1 
HETATM 1771 O O   . HOH D 4 .   ? -17.170 -10.406 8.721   1.00 36.73 ? 311 HOH A O   1 
# 
